data_5KX5
#
_entry.id   5KX5
#
_cell.length_a   104.790
_cell.length_b   153.900
_cell.length_c   185.200
_cell.angle_alpha   90.000
_cell.angle_beta   90.000
_cell.angle_gamma   90.000
#
_symmetry.space_group_name_H-M   'P 21 21 21'
#
loop_
_entity.id
_entity.type
_entity.pdbx_description
1 polymer 'Tubulin alpha chain'
2 polymer 'Tubulin beta chain'
3 polymer Stathmin-4
4 polymer 'TTL protein'
5 non-polymer "GUANOSINE-5'-TRIPHOSPHATE"
6 non-polymer 'MAGNESIUM ION'
7 non-polymer 'CALCIUM ION'
8 non-polymer "GUANOSINE-5'-DIPHOSPHATE"
9 non-polymer '(2~{S},4~{R})-4-[[2-[(1~{R},3~{R})-1-acetyloxy-3-[[(2~{S},3~{S})-2-[[(2~{R})-1,2-dimethylpyrrolidin-2-yl]carbonylamino]-3-methyl-pentanoyl]-methyl-amino]-4-methyl-pentyl]-1,3-thiazol-4-yl]carbonylamino]-5-(4-aminophenyl)-2-methyl-pentanoic acid'
10 non-polymer "ADENOSINE-5'-DIPHOSPHATE"
11 water water
#
loop_
_entity_poly.entity_id
_entity_poly.type
_entity_poly.pdbx_seq_one_letter_code
_entity_poly.pdbx_strand_id
1 'polypeptide(L)'
;MRECISIHVGQAGVQIGNACWELYCLEHGIQPDGQMPSDKTIGGGDDSFNTFFSETGAGKHVPRAVFVDLEPTVIDEVRT
GTYRQLFHPEQLITGKEDAANNYARGHYTIGKEIIDLVLDRIRKLADQCTGLQGFLVFHSFGGGTGSGFTSLLMERLSVD
YGKKSKLEFSIYPAPQVSTAVVEPYNSILTTHTTLEHSDCAFMVDNEAIYDICRRNLDIERPTYTNLNRLIGQIVSSITA
SLRFDGALNVDLTEFQTNLVPYPRIHFPLATYAPVISAEKAYHEQLSVAEITNACFEPANQMVKCDPRHGKYMACCLLYR
GDVVPKDVNAAIATIKTKRTIQFVDWCPTGFKVGINYQPPTVVPGGDLAKVQRAVCMLSNTTAIAEAWARLDHKFDLMYA
KRAFVHWYVGEGMEEGEFSEAREDMAALEKDYEEVGVDSVEGEGEEEGEEY
;
A,C
2 'polypeptide(L)'
;MREIVHIQAGQCGNQIGAKFWEVISDEHGIDPTGSYHGDSDLQLERINVYYNEATGNKYVPRAILVDLEPGTMDSVRSGP
FGQIFRPDNFVFGQSGAGNNWAKGHYTEGAELVDSVLDVVRKESESCDCLQGFQLTHSLGGGTGSGMGTLLISKIREEYP
DRIMNTFSVMPSPKVSDTVVEPYNATLSVHQLVENTDETYSIDNEALYDICFRTLKLTTPTYGDLNHLVSATMSGVTTCL
RFPGQLNADLRKLAVNMVPFPRLHFFMPGFAPLTSRGSQQYRALTVPELTQQMFDSKNMMAACDPRHGRYLTVAAVFRGR
MSMKEVDEQMLNVQNKNSSYFVEWIPNNVKTAVCDIPPRGLKMSATFIGNSTAIQELFKRISEQFTAMFRRKAFLHWYTG
EGMDEMEFTEAESNMNDLVSEYQQYQDATADEQGEFEEEEGEDEA
;
B,D
3 'polypeptide(L)'
;MADMEVIELNKATSGQSWEVILKPPSFDGVPEFNASLPRRRDPSLEEIQKKLEAAEERRKYQEAELLKHLAEKREHEREV
IQKAIEENNNFIKMAKEKLAQKMESNKENREAHLAAMLERLQEKDKHAEEVRKNKELKEEASR
;
E
4 'polypeptide(L)'
;MYTFVVRDENSSVYAEVSRLLLATGQWKRLRKDNPRFNLMLGERNRLPFGRLGHEPGLVQLVNYYRGADKLCRKASLVKL
IKTSPELSESCTWFPESYVIYPTNLKTPVAPAQNGIRHLINNTRTDEREVFLAAYNRRREGREGNVWIAKSSAGAKGEGI
LISSEASELLDFIDEQGQVHVIQKYLEKPLLLEPGHRKFDIRSWVLVDHLYNIYLYREGVLRTSSEPYNSANFQDKTCHL
TNHCIQKEYSKNYGRYEEGNEMFFEEFNQYLMDALNTTLENSILLQIKHIIRSCLMCIEPAISTKHLHYQSFQLFGFDFM
VDEELKVWLIEVNGAPACAQKLYAELCQGIVDVAISSVFPLADTGQKTSQPTSIFIKLHHHHHH
;
F
#
loop_
_chem_comp.id
_chem_comp.type
_chem_comp.name
_chem_comp.formula
6YK peptide-like '(2~{S},4~{R})-4-[[2-[(1~{R},3~{R})-1-acetyloxy-3-[[(2~{S},3~{S})-2-[[(2~{R})-1,2-dimethylpyrrolidin-2-yl]carbonylamino]-3-methyl-pentanoyl]-methyl-amino]-4-methyl-pentyl]-1,3-thiazol-4-yl]carbonylamino]-5-(4-aminophenyl)-2-methyl-pentanoic acid' 'C38 H58 N6 O7 S'
ADP non-polymer ADENOSINE-5'-DIPHOSPHATE 'C10 H15 N5 O10 P2'
CA non-polymer 'CALCIUM ION' 'Ca 2'
GDP RNA linking GUANOSINE-5'-DIPHOSPHATE 'C10 H15 N5 O11 P2'
GTP non-polymer GUANOSINE-5'-TRIPHOSPHATE 'C10 H16 N5 O14 P3'
MG non-polymer 'MAGNESIUM ION' 'Mg 2'
#
# COMPACT_ATOMS: atom_id res chain seq x y z
N MET A 1 48.06 56.03 6.88
CA MET A 1 47.72 54.60 6.88
C MET A 1 46.20 54.36 6.68
N ARG A 2 45.85 53.48 5.69
CA ARG A 2 44.49 53.12 5.29
C ARG A 2 44.14 51.67 5.66
N GLU A 3 43.03 51.47 6.39
CA GLU A 3 42.60 50.17 6.90
C GLU A 3 41.73 49.35 5.95
N CYS A 4 41.81 48.01 6.07
CA CYS A 4 41.06 46.99 5.32
C CYS A 4 40.33 46.08 6.29
N ILE A 5 39.00 45.90 6.05
CA ILE A 5 38.12 45.00 6.83
C ILE A 5 37.85 43.74 6.02
N SER A 6 38.28 42.60 6.57
CA SER A 6 38.08 41.27 5.95
C SER A 6 36.77 40.70 6.47
N ILE A 7 35.89 40.24 5.57
CA ILE A 7 34.59 39.63 5.95
C ILE A 7 34.58 38.19 5.42
N HIS A 8 34.29 37.22 6.31
CA HIS A 8 34.28 35.79 6.00
C HIS A 8 32.88 35.22 6.12
N VAL A 9 32.22 34.91 4.99
CA VAL A 9 30.82 34.44 4.92
C VAL A 9 30.69 32.95 4.55
N GLY A 10 29.99 32.22 5.40
CA GLY A 10 29.72 30.80 5.21
C GLY A 10 30.84 29.93 5.72
N GLN A 11 30.73 28.61 5.51
CA GLN A 11 31.75 27.66 5.96
C GLN A 11 33.07 27.95 5.26
N ALA A 12 33.04 28.09 3.91
CA ALA A 12 34.20 28.33 3.07
C ALA A 12 34.95 29.61 3.43
N GLY A 13 34.20 30.73 3.59
CA GLY A 13 34.75 32.02 3.96
C GLY A 13 35.44 32.00 5.31
N VAL A 14 34.81 31.33 6.28
CA VAL A 14 35.30 31.21 7.66
C VAL A 14 36.54 30.29 7.76
N GLN A 15 36.51 29.13 7.10
CA GLN A 15 37.62 28.18 7.14
C GLN A 15 38.86 28.71 6.36
N ILE A 16 38.64 29.40 5.22
CA ILE A 16 39.73 30.03 4.45
C ILE A 16 40.27 31.18 5.29
N GLY A 17 39.38 32.04 5.80
CA GLY A 17 39.72 33.16 6.68
C GLY A 17 40.69 32.76 7.76
N ASN A 18 40.37 31.64 8.44
CA ASN A 18 41.19 31.02 9.47
C ASN A 18 42.57 30.66 8.99
N ALA A 19 42.66 30.07 7.79
CA ALA A 19 43.93 29.66 7.18
C ALA A 19 44.79 30.88 6.81
N CYS A 20 44.14 32.00 6.42
CA CYS A 20 44.77 33.27 6.04
C CYS A 20 45.29 33.97 7.27
N TRP A 21 44.41 34.36 8.21
CA TRP A 21 44.81 35.04 9.46
C TRP A 21 45.88 34.25 10.25
N GLU A 22 45.95 32.92 10.06
CA GLU A 22 46.99 32.09 10.68
C GLU A 22 48.34 32.33 9.94
N LEU A 23 48.32 32.42 8.59
CA LEU A 23 49.52 32.66 7.79
C LEU A 23 50.06 34.08 8.06
N TYR A 24 49.15 35.06 8.14
CA TYR A 24 49.41 36.45 8.46
C TYR A 24 50.21 36.56 9.76
N CYS A 25 49.80 35.83 10.81
CA CYS A 25 50.48 35.81 12.10
C CYS A 25 51.89 35.19 12.02
N LEU A 26 52.08 34.11 11.24
CA LEU A 26 53.40 33.49 11.08
C LEU A 26 54.32 34.45 10.34
N GLU A 27 53.75 35.18 9.35
CA GLU A 27 54.40 36.16 8.48
C GLU A 27 54.81 37.48 9.12
N HIS A 28 54.04 37.94 10.10
CA HIS A 28 54.25 39.20 10.82
C HIS A 28 54.75 38.97 12.24
N GLY A 29 55.10 37.72 12.56
CA GLY A 29 55.58 37.31 13.88
C GLY A 29 54.63 37.57 15.04
N ILE A 30 53.29 37.58 14.76
CA ILE A 30 52.23 37.73 15.77
C ILE A 30 51.95 36.33 16.35
N GLN A 31 51.91 36.24 17.67
CA GLN A 31 51.70 35.01 18.42
C GLN A 31 50.20 34.65 18.63
N PRO A 32 49.85 33.35 18.89
CA PRO A 32 48.43 32.98 19.10
C PRO A 32 47.67 33.77 20.19
N ASP A 33 48.41 34.43 21.12
CA ASP A 33 47.86 35.24 22.20
C ASP A 33 47.62 36.70 21.76
N GLY A 34 48.01 37.02 20.52
CA GLY A 34 47.88 38.34 19.90
C GLY A 34 49.05 39.25 20.13
N GLN A 35 50.15 38.72 20.69
CA GLN A 35 51.36 39.50 20.99
C GLN A 35 52.36 39.51 19.83
N MET A 36 52.96 40.69 19.53
CA MET A 36 53.95 40.87 18.45
C MET A 36 55.24 41.52 19.01
N PRO A 37 56.30 40.70 19.31
CA PRO A 37 57.55 41.28 19.86
C PRO A 37 58.17 42.40 19.01
N SER A 38 58.17 42.21 17.66
CA SER A 38 58.70 43.13 16.65
C SER A 38 58.03 44.50 16.62
N ASP A 39 56.80 44.62 17.16
CA ASP A 39 56.08 45.90 17.21
C ASP A 39 56.52 46.63 18.47
N LYS A 40 57.27 47.73 18.28
CA LYS A 40 57.85 48.52 19.37
C LYS A 40 56.97 49.69 19.81
N THR A 41 55.95 50.04 19.00
CA THR A 41 54.96 51.07 19.32
C THR A 41 53.74 50.35 19.96
N ILE A 42 53.67 50.33 21.32
CA ILE A 42 52.62 49.61 22.08
C ILE A 42 51.29 50.38 22.10
N GLY A 43 50.21 49.68 21.75
CA GLY A 43 48.85 50.22 21.71
C GLY A 43 48.58 51.23 20.61
N GLY A 44 49.17 50.99 19.43
CA GLY A 44 48.99 51.85 18.28
C GLY A 44 50.10 51.79 17.25
N GLY A 45 49.94 52.59 16.20
CA GLY A 45 50.91 52.67 15.12
C GLY A 45 50.30 52.89 13.75
N ASP A 46 51.10 53.47 12.84
CA ASP A 46 50.73 53.71 11.45
C ASP A 46 51.61 52.85 10.50
N ASP A 47 51.96 51.62 10.96
CA ASP A 47 52.74 50.65 10.19
C ASP A 47 51.86 49.99 9.11
N SER A 48 52.51 49.37 8.10
CA SER A 48 51.85 48.71 6.97
C SER A 48 50.98 47.51 7.41
N PHE A 49 51.35 46.80 8.51
CA PHE A 49 50.57 45.69 9.03
C PHE A 49 49.24 46.14 9.68
N ASN A 50 49.22 47.37 10.26
CA ASN A 50 48.07 48.00 10.90
C ASN A 50 46.87 48.20 9.93
N THR A 51 47.09 47.93 8.63
CA THR A 51 46.08 47.94 7.55
C THR A 51 45.07 46.79 7.82
N PHE A 52 45.55 45.67 8.40
CA PHE A 52 44.84 44.44 8.70
C PHE A 52 44.69 44.17 10.20
N PHE A 53 45.61 44.69 11.03
CA PHE A 53 45.60 44.46 12.47
C PHE A 53 45.44 45.74 13.31
N SER A 54 44.38 45.78 14.13
CA SER A 54 44.14 46.86 15.10
C SER A 54 44.95 46.50 16.36
N GLU A 55 45.11 47.47 17.27
CA GLU A 55 45.92 47.26 18.48
C GLU A 55 45.22 47.64 19.78
N THR A 56 45.60 46.94 20.88
CA THR A 56 45.12 47.20 22.25
C THR A 56 46.29 47.72 23.11
N GLY A 57 45.95 48.46 24.17
CA GLY A 57 46.90 49.00 25.14
C GLY A 57 47.66 47.91 25.88
N ALA A 58 47.07 46.69 25.95
CA ALA A 58 47.68 45.50 26.55
C ALA A 58 48.73 44.91 25.59
N GLY A 59 48.67 45.34 24.31
CA GLY A 59 49.57 44.93 23.25
C GLY A 59 49.05 43.79 22.39
N LYS A 60 47.71 43.70 22.24
CA LYS A 60 47.09 42.66 21.42
C LYS A 60 46.89 43.19 19.99
N HIS A 61 47.34 42.40 19.02
CA HIS A 61 47.24 42.66 17.59
C HIS A 61 46.05 41.89 17.15
N VAL A 62 44.97 42.64 16.93
CA VAL A 62 43.63 42.13 16.65
C VAL A 62 43.23 42.28 15.17
N PRO A 63 43.00 41.12 14.47
CA PRO A 63 42.53 41.16 13.08
C PRO A 63 41.30 42.06 12.85
N ARG A 64 41.31 42.84 11.75
CA ARG A 64 40.17 43.68 11.38
C ARG A 64 39.30 42.76 10.51
N ALA A 65 38.61 41.83 11.18
CA ALA A 65 37.79 40.79 10.58
C ALA A 65 36.44 40.54 11.24
N VAL A 66 35.50 40.09 10.41
CA VAL A 66 34.13 39.73 10.76
C VAL A 66 33.92 38.32 10.19
N PHE A 67 33.44 37.39 11.03
CA PHE A 67 33.11 36.01 10.68
C PHE A 67 31.60 35.86 10.85
N VAL A 68 30.93 35.40 9.78
CA VAL A 68 29.48 35.21 9.71
C VAL A 68 29.10 33.88 9.03
N ASP A 69 28.48 32.97 9.79
CA ASP A 69 27.89 31.74 9.26
C ASP A 69 26.53 31.66 9.95
N LEU A 70 25.53 31.13 9.25
CA LEU A 70 24.19 30.99 9.80
C LEU A 70 24.08 29.77 10.71
N GLU A 71 25.22 29.13 11.02
CA GLU A 71 25.25 27.96 11.90
C GLU A 71 26.54 27.94 12.77
N PRO A 72 26.37 27.50 14.04
CA PRO A 72 27.48 27.60 15.01
C PRO A 72 28.71 26.73 14.81
N THR A 73 28.55 25.45 14.47
CA THR A 73 29.63 24.45 14.40
C THR A 73 30.99 25.01 13.90
N VAL A 74 30.97 25.69 12.70
CA VAL A 74 32.13 26.26 11.99
C VAL A 74 32.79 27.43 12.77
N ILE A 75 32.02 28.47 13.13
CA ILE A 75 32.53 29.63 13.89
C ILE A 75 32.93 29.25 15.33
N ASP A 76 32.33 28.19 15.91
CA ASP A 76 32.68 27.70 17.24
C ASP A 76 34.05 27.04 17.26
N GLU A 77 34.72 26.94 16.11
CA GLU A 77 36.05 26.38 15.99
C GLU A 77 37.06 27.48 15.77
N VAL A 78 36.57 28.73 15.60
CA VAL A 78 37.34 29.97 15.55
C VAL A 78 37.46 30.38 17.05
N ARG A 79 36.39 30.08 17.84
CA ARG A 79 36.23 30.30 19.29
C ARG A 79 37.05 29.30 20.14
N THR A 80 37.26 28.07 19.59
CA THR A 80 38.01 26.97 20.20
C THR A 80 39.43 26.89 19.60
N GLY A 81 39.65 27.67 18.54
CA GLY A 81 40.90 27.72 17.79
C GLY A 81 42.15 28.09 18.55
N THR A 82 43.30 27.83 17.90
CA THR A 82 44.65 28.14 18.39
C THR A 82 44.74 29.67 18.53
N TYR A 83 44.15 30.39 17.55
CA TYR A 83 44.09 31.84 17.47
C TYR A 83 42.74 32.36 18.03
N ARG A 84 42.25 31.77 19.15
CA ARG A 84 40.98 32.16 19.80
C ARG A 84 41.07 33.51 20.55
N GLN A 85 42.27 33.81 21.11
CA GLN A 85 42.58 35.01 21.88
C GLN A 85 42.61 36.23 21.01
N LEU A 86 42.98 36.05 19.74
CA LEU A 86 43.08 37.07 18.71
C LEU A 86 41.80 37.86 18.49
N PHE A 87 40.66 37.16 18.42
CA PHE A 87 39.36 37.73 18.09
C PHE A 87 38.49 38.11 19.29
N HIS A 88 37.77 39.22 19.13
CA HIS A 88 36.80 39.78 20.06
C HIS A 88 35.54 38.95 19.87
N PRO A 89 34.77 38.65 20.94
CA PRO A 89 33.55 37.84 20.76
C PRO A 89 32.51 38.42 19.77
N GLU A 90 32.43 39.75 19.65
CA GLU A 90 31.51 40.43 18.73
C GLU A 90 32.00 40.43 17.26
N GLN A 91 33.17 39.81 16.99
CA GLN A 91 33.76 39.66 15.64
C GLN A 91 33.17 38.39 14.96
N LEU A 92 32.66 37.46 15.79
CA LEU A 92 32.09 36.16 15.45
C LEU A 92 30.56 36.17 15.60
N ILE A 93 29.85 36.05 14.46
CA ILE A 93 28.38 36.13 14.37
C ILE A 93 27.77 34.81 13.82
N THR A 94 26.88 34.14 14.61
CA THR A 94 26.18 32.90 14.21
C THR A 94 24.67 32.88 14.39
N GLY A 95 24.02 32.17 13.45
CA GLY A 95 22.60 31.84 13.49
C GLY A 95 22.46 30.50 14.17
N LYS A 96 21.29 29.86 14.07
CA LYS A 96 21.02 28.53 14.68
C LYS A 96 20.80 27.52 13.57
N GLU A 97 20.07 27.98 12.56
CA GLU A 97 19.59 27.30 11.37
C GLU A 97 20.34 27.90 10.16
N ASP A 98 20.94 27.04 9.33
CA ASP A 98 21.70 27.47 8.15
C ASP A 98 20.80 27.64 6.92
N ALA A 99 21.39 28.04 5.77
CA ALA A 99 20.67 28.33 4.54
C ALA A 99 20.38 27.14 3.64
N ALA A 100 20.64 25.90 4.12
CA ALA A 100 20.36 24.62 3.46
C ALA A 100 20.72 24.56 1.98
N ASN A 101 21.92 25.10 1.63
CA ASN A 101 22.48 25.21 0.26
C ASN A 101 21.51 25.82 -0.74
N ASN A 102 20.67 26.72 -0.25
CA ASN A 102 19.61 27.42 -0.95
C ASN A 102 19.94 28.90 -0.86
N TYR A 103 20.21 29.53 -2.01
CA TYR A 103 20.53 30.96 -2.15
C TYR A 103 19.37 31.79 -1.59
N ALA A 104 18.10 31.45 -1.95
CA ALA A 104 16.88 32.14 -1.54
C ALA A 104 16.69 32.17 -0.02
N ARG A 105 16.99 31.07 0.67
CA ARG A 105 16.91 30.97 2.13
C ARG A 105 17.99 31.83 2.79
N GLY A 106 19.20 31.84 2.22
CA GLY A 106 20.31 32.67 2.66
C GLY A 106 20.09 34.15 2.39
N HIS A 107 19.68 34.52 1.17
CA HIS A 107 19.44 35.91 0.77
C HIS A 107 18.19 36.52 1.44
N TYR A 108 17.00 35.96 1.13
CA TYR A 108 15.72 36.44 1.59
C TYR A 108 15.35 36.05 3.02
N THR A 109 15.11 34.79 3.27
CA THR A 109 14.63 34.29 4.56
C THR A 109 15.60 34.62 5.77
N ILE A 110 16.75 33.91 5.94
CA ILE A 110 17.69 34.14 7.05
C ILE A 110 18.46 35.47 6.91
N GLY A 111 18.72 35.86 5.66
CA GLY A 111 19.42 37.10 5.36
C GLY A 111 18.76 38.30 5.98
N LYS A 112 17.50 38.59 5.55
CA LYS A 112 16.65 39.69 6.05
C LYS A 112 16.66 39.83 7.60
N GLU A 113 16.80 38.71 8.32
CA GLU A 113 16.74 38.64 9.77
C GLU A 113 18.10 38.73 10.50
N ILE A 114 19.21 38.86 9.74
CA ILE A 114 20.51 38.93 10.43
C ILE A 114 21.41 40.00 9.81
N ILE A 115 20.97 40.58 8.67
CA ILE A 115 21.70 41.61 7.92
C ILE A 115 22.08 42.81 8.79
N ASP A 116 21.14 43.33 9.57
CA ASP A 116 21.35 44.52 10.40
C ASP A 116 22.37 44.26 11.51
N LEU A 117 22.34 43.10 12.16
CA LEU A 117 23.32 42.73 13.19
C LEU A 117 24.76 42.65 12.63
N VAL A 118 24.90 42.20 11.37
CA VAL A 118 26.16 42.05 10.65
C VAL A 118 26.74 43.43 10.32
N LEU A 119 25.94 44.30 9.65
CA LEU A 119 26.31 45.69 9.32
C LEU A 119 26.68 46.48 10.57
N ASP A 120 26.04 46.15 11.73
CA ASP A 120 26.34 46.74 13.02
C ASP A 120 27.77 46.39 13.44
N ARG A 121 28.09 45.08 13.48
CA ARG A 121 29.40 44.55 13.88
C ARG A 121 30.54 45.01 12.94
N ILE A 122 30.18 45.37 11.68
CA ILE A 122 31.07 45.88 10.64
C ILE A 122 31.40 47.37 10.92
N ARG A 123 30.37 48.18 11.26
CA ARG A 123 30.51 49.59 11.63
C ARG A 123 31.35 49.68 12.91
N LYS A 124 31.17 48.72 13.85
CA LYS A 124 31.94 48.65 15.10
C LYS A 124 33.44 48.58 14.80
N LEU A 125 33.81 48.01 13.61
CA LEU A 125 35.18 47.90 13.11
C LEU A 125 35.56 49.18 12.37
N ALA A 126 34.66 49.64 11.44
CA ALA A 126 34.81 50.83 10.61
C ALA A 126 35.08 52.10 11.42
N ASP A 127 34.56 52.13 12.66
CA ASP A 127 34.71 53.25 13.57
C ASP A 127 36.07 53.26 14.29
N GLN A 128 36.86 52.18 14.17
CA GLN A 128 38.23 52.06 14.70
C GLN A 128 39.22 52.42 13.56
N CYS A 129 38.69 52.79 12.38
CA CYS A 129 39.46 53.13 11.19
C CYS A 129 39.57 54.62 10.94
N THR A 130 40.84 55.11 10.86
CA THR A 130 41.20 56.51 10.59
C THR A 130 40.82 56.91 9.14
N GLY A 131 40.96 55.94 8.24
CA GLY A 131 40.67 56.05 6.80
C GLY A 131 40.57 54.70 6.15
N LEU A 132 39.40 54.04 6.32
CA LEU A 132 39.06 52.73 5.76
C LEU A 132 39.10 52.74 4.20
N GLN A 133 39.84 51.79 3.63
CA GLN A 133 40.07 51.54 2.20
C GLN A 133 38.88 50.83 1.60
N GLY A 134 38.44 49.79 2.30
CA GLY A 134 37.32 48.94 1.89
C GLY A 134 37.36 47.56 2.50
N PHE A 135 36.75 46.62 1.78
CA PHE A 135 36.50 45.24 2.22
C PHE A 135 37.05 44.16 1.29
N LEU A 136 37.41 43.02 1.92
CA LEU A 136 37.87 41.77 1.31
C LEU A 136 36.82 40.73 1.73
N VAL A 137 35.97 40.28 0.80
CA VAL A 137 34.88 39.34 1.12
C VAL A 137 35.18 37.89 0.66
N PHE A 138 35.31 36.97 1.64
CA PHE A 138 35.59 35.54 1.43
C PHE A 138 34.33 34.75 1.57
N HIS A 139 34.05 33.88 0.61
CA HIS A 139 32.82 33.08 0.61
C HIS A 139 32.81 32.03 -0.54
N SER A 140 31.91 31.04 -0.44
CA SER A 140 31.70 30.05 -1.50
C SER A 140 30.62 30.58 -2.43
N PHE A 141 30.60 30.09 -3.66
CA PHE A 141 29.57 30.44 -4.61
C PHE A 141 28.39 29.47 -4.40
N GLY A 142 28.71 28.23 -3.98
CA GLY A 142 27.81 27.10 -3.84
C GLY A 142 26.88 27.02 -2.64
N GLY A 143 27.36 27.38 -1.45
CA GLY A 143 26.55 27.32 -0.24
C GLY A 143 25.45 28.36 -0.23
N GLY A 144 24.44 28.16 0.62
CA GLY A 144 23.32 29.08 0.72
C GLY A 144 23.69 30.39 1.40
N THR A 145 24.52 30.32 2.48
CA THR A 145 25.03 31.50 3.21
C THR A 145 26.04 32.19 2.27
N GLY A 146 27.01 31.41 1.83
CA GLY A 146 28.08 31.82 0.94
C GLY A 146 27.60 32.60 -0.25
N SER A 147 26.43 32.23 -0.84
CA SER A 147 25.89 32.93 -2.01
C SER A 147 24.79 33.96 -1.68
N GLY A 148 23.78 33.53 -0.96
CA GLY A 148 22.64 34.34 -0.59
C GLY A 148 22.95 35.44 0.37
N PHE A 149 23.56 35.13 1.50
CA PHE A 149 23.85 36.18 2.47
C PHE A 149 24.89 37.17 1.95
N THR A 150 25.95 36.69 1.23
CA THR A 150 27.01 37.55 0.69
C THR A 150 26.45 38.56 -0.28
N SER A 151 25.58 38.14 -1.20
CA SER A 151 25.06 39.05 -2.22
C SER A 151 24.24 40.18 -1.60
N LEU A 152 23.54 39.87 -0.51
CA LEU A 152 22.74 40.83 0.22
C LEU A 152 23.65 41.83 0.91
N LEU A 153 24.68 41.33 1.64
CA LEU A 153 25.67 42.16 2.32
C LEU A 153 26.40 43.14 1.36
N MET A 154 26.78 42.69 0.13
CA MET A 154 27.45 43.47 -0.93
C MET A 154 26.62 44.67 -1.42
N GLU A 155 25.29 44.48 -1.50
CA GLU A 155 24.33 45.50 -1.93
C GLU A 155 24.19 46.56 -0.85
N ARG A 156 24.20 46.13 0.42
CA ARG A 156 24.08 47.00 1.58
C ARG A 156 25.38 47.74 1.84
N LEU A 157 26.55 47.09 1.59
CA LEU A 157 27.87 47.72 1.77
C LEU A 157 28.01 48.87 0.75
N SER A 158 27.50 48.69 -0.48
CA SER A 158 27.45 49.68 -1.56
C SER A 158 26.65 50.93 -1.11
N VAL A 159 25.60 50.73 -0.31
CA VAL A 159 24.74 51.78 0.23
C VAL A 159 25.53 52.54 1.33
N ASP A 160 25.83 51.86 2.46
CA ASP A 160 26.52 52.35 3.66
C ASP A 160 27.98 52.82 3.51
N TYR A 161 28.68 52.41 2.43
CA TYR A 161 30.09 52.76 2.15
C TYR A 161 30.27 52.77 0.62
N GLY A 162 29.61 53.70 -0.07
CA GLY A 162 29.64 53.79 -1.53
C GLY A 162 30.95 54.22 -2.17
N LYS A 163 31.80 54.84 -1.35
CA LYS A 163 33.12 55.40 -1.69
C LYS A 163 34.25 54.34 -1.59
N LYS A 164 34.02 53.30 -0.73
CA LYS A 164 34.90 52.17 -0.39
C LYS A 164 34.96 51.08 -1.46
N SER A 165 36.11 50.39 -1.52
CA SER A 165 36.40 49.28 -2.42
C SER A 165 35.93 47.92 -1.84
N LYS A 166 35.27 47.12 -2.66
CA LYS A 166 34.85 45.78 -2.26
C LYS A 166 35.51 44.77 -3.20
N LEU A 167 36.41 43.98 -2.61
CA LEU A 167 37.16 42.92 -3.30
C LEU A 167 36.66 41.53 -2.85
N GLU A 168 36.66 40.53 -3.75
CA GLU A 168 36.19 39.17 -3.40
C GLU A 168 37.23 38.08 -3.56
N PHE A 169 37.08 37.01 -2.77
CA PHE A 169 37.77 35.73 -2.81
C PHE A 169 36.64 34.71 -2.82
N SER A 170 36.28 34.24 -4.04
CA SER A 170 35.14 33.36 -4.27
C SER A 170 35.55 31.96 -4.68
N ILE A 171 35.01 30.98 -3.97
CA ILE A 171 35.25 29.57 -4.20
C ILE A 171 34.24 29.03 -5.20
N TYR A 172 34.69 28.88 -6.46
CA TYR A 172 33.88 28.36 -7.56
C TYR A 172 33.59 26.84 -7.36
N PRO A 173 32.33 26.39 -7.60
CA PRO A 173 31.99 24.98 -7.27
C PRO A 173 32.61 23.90 -8.15
N ALA A 174 33.04 22.81 -7.51
CA ALA A 174 33.64 21.66 -8.14
C ALA A 174 33.05 20.36 -7.55
N PRO A 175 32.45 19.48 -8.41
CA PRO A 175 31.87 18.21 -7.92
C PRO A 175 32.70 17.31 -7.01
N GLN A 176 34.07 17.31 -7.11
CA GLN A 176 34.99 16.49 -6.28
C GLN A 176 34.90 16.81 -4.79
N VAL A 177 34.41 18.01 -4.44
CA VAL A 177 34.25 18.46 -3.05
C VAL A 177 32.87 19.05 -2.77
N SER A 178 32.05 19.33 -3.83
CA SER A 178 30.67 19.84 -3.80
C SER A 178 29.82 19.12 -2.78
N THR A 179 29.05 19.89 -1.99
CA THR A 179 28.14 19.40 -0.92
C THR A 179 26.68 19.37 -1.41
N ALA A 180 26.39 19.99 -2.59
CA ALA A 180 25.04 20.14 -3.15
C ALA A 180 24.97 20.11 -4.63
N VAL A 181 23.83 19.70 -5.14
CA VAL A 181 23.52 19.57 -6.56
C VAL A 181 23.08 20.95 -7.14
N VAL A 182 22.63 21.88 -6.27
CA VAL A 182 22.10 23.20 -6.66
C VAL A 182 23.17 24.29 -6.73
N GLU A 183 24.44 23.99 -6.41
CA GLU A 183 25.61 24.89 -6.49
C GLU A 183 25.65 25.70 -7.84
N PRO A 184 25.37 25.13 -9.06
CA PRO A 184 25.25 25.98 -10.25
C PRO A 184 24.21 27.11 -10.13
N TYR A 185 23.01 26.83 -9.55
CA TYR A 185 21.94 27.83 -9.38
C TYR A 185 22.43 28.99 -8.49
N ASN A 186 22.92 28.65 -7.29
CA ASN A 186 23.47 29.55 -6.28
C ASN A 186 24.59 30.40 -6.78
N SER A 187 25.51 29.82 -7.59
CA SER A 187 26.67 30.53 -8.19
C SER A 187 26.19 31.65 -9.11
N ILE A 188 25.36 31.36 -10.15
CA ILE A 188 24.79 32.33 -11.07
C ILE A 188 23.93 33.37 -10.35
N LEU A 189 23.11 32.95 -9.39
CA LEU A 189 22.28 33.89 -8.65
C LEU A 189 23.10 34.93 -7.92
N THR A 190 24.15 34.53 -7.18
CA THR A 190 25.00 35.47 -6.44
C THR A 190 25.87 36.31 -7.38
N THR A 191 26.37 35.72 -8.48
CA THR A 191 27.19 36.43 -9.46
C THR A 191 26.39 37.60 -10.04
N HIS A 192 25.15 37.35 -10.45
CA HIS A 192 24.28 38.37 -10.99
C HIS A 192 23.98 39.47 -9.97
N THR A 193 23.70 39.10 -8.74
CA THR A 193 23.35 40.03 -7.67
C THR A 193 24.58 40.86 -7.16
N THR A 194 25.79 40.26 -7.11
CA THR A 194 27.05 40.88 -6.62
C THR A 194 27.86 41.61 -7.75
N LEU A 195 27.52 41.43 -9.04
CA LEU A 195 28.26 42.05 -10.15
C LEU A 195 28.52 43.60 -9.98
N GLU A 196 27.46 44.44 -9.93
CA GLU A 196 27.57 45.90 -9.78
C GLU A 196 28.29 46.37 -8.49
N HIS A 197 28.39 45.48 -7.46
CA HIS A 197 28.90 45.80 -6.13
C HIS A 197 30.30 45.30 -5.86
N SER A 198 30.91 44.61 -6.83
CA SER A 198 32.26 44.06 -6.72
C SER A 198 33.22 44.81 -7.63
N ASP A 199 34.36 45.22 -7.09
CA ASP A 199 35.35 45.97 -7.88
C ASP A 199 36.38 45.07 -8.56
N CYS A 200 36.70 43.98 -7.89
CA CYS A 200 37.68 42.99 -8.30
C CYS A 200 37.38 41.71 -7.53
N ALA A 201 37.13 40.60 -8.26
CA ALA A 201 36.89 39.30 -7.65
C ALA A 201 37.91 38.27 -8.07
N PHE A 202 38.53 37.61 -7.11
CA PHE A 202 39.46 36.53 -7.39
C PHE A 202 38.77 35.14 -7.22
N MET A 203 38.50 34.43 -8.36
CA MET A 203 37.87 33.10 -8.35
C MET A 203 38.88 31.99 -8.16
N VAL A 204 38.51 31.02 -7.35
CA VAL A 204 39.35 29.86 -7.06
C VAL A 204 38.44 28.64 -7.32
N ASP A 205 38.64 27.96 -8.46
CA ASP A 205 37.89 26.76 -8.81
C ASP A 205 38.46 25.66 -7.93
N ASN A 206 37.62 25.09 -7.05
CA ASN A 206 38.04 24.02 -6.13
C ASN A 206 38.67 22.79 -6.86
N GLU A 207 38.35 22.57 -8.16
CA GLU A 207 38.87 21.46 -8.95
C GLU A 207 40.37 21.63 -9.20
N ALA A 208 40.83 22.88 -9.52
CA ALA A 208 42.24 23.25 -9.78
C ALA A 208 43.07 23.00 -8.51
N ILE A 209 42.61 23.53 -7.37
CA ILE A 209 43.19 23.43 -6.04
C ILE A 209 43.35 21.99 -5.60
N TYR A 210 42.33 21.17 -5.85
CA TYR A 210 42.27 19.75 -5.52
C TYR A 210 43.30 19.00 -6.33
N ASP A 211 43.44 19.38 -7.60
CA ASP A 211 44.39 18.77 -8.51
C ASP A 211 45.83 19.16 -8.23
N ILE A 212 46.11 20.44 -7.86
CA ILE A 212 47.45 20.89 -7.49
C ILE A 212 47.94 20.10 -6.29
N CYS A 213 47.05 19.85 -5.32
CA CYS A 213 47.32 19.09 -4.12
C CYS A 213 47.59 17.62 -4.43
N ARG A 214 46.86 17.04 -5.40
CA ARG A 214 47.02 15.63 -5.78
C ARG A 214 48.36 15.44 -6.49
N ARG A 215 48.60 16.25 -7.53
CA ARG A 215 49.76 16.27 -8.38
C ARG A 215 51.07 16.72 -7.68
N ASN A 216 51.15 18.00 -7.23
CA ASN A 216 52.34 18.65 -6.68
C ASN A 216 52.62 18.38 -5.18
N LEU A 217 51.58 18.09 -4.37
CA LEU A 217 51.77 17.81 -2.95
C LEU A 217 51.64 16.33 -2.64
N ASP A 218 51.40 15.52 -3.69
CA ASP A 218 51.22 14.05 -3.65
C ASP A 218 50.24 13.60 -2.54
N ILE A 219 49.11 14.34 -2.40
CA ILE A 219 48.01 14.05 -1.47
C ILE A 219 46.95 13.22 -2.23
N GLU A 220 46.72 11.98 -1.78
CA GLU A 220 45.79 10.99 -2.37
C GLU A 220 44.37 11.57 -2.52
N ARG A 221 43.81 12.05 -1.37
CA ARG A 221 42.49 12.67 -1.30
C ARG A 221 42.58 13.96 -0.45
N PRO A 222 42.87 15.13 -1.09
CA PRO A 222 43.00 16.41 -0.34
C PRO A 222 41.74 16.85 0.40
N THR A 223 41.93 17.40 1.61
CA THR A 223 40.82 17.89 2.47
C THR A 223 40.64 19.40 2.36
N TYR A 224 39.66 19.98 3.10
CA TYR A 224 39.48 21.44 3.10
C TYR A 224 40.72 22.07 3.72
N THR A 225 41.31 21.38 4.72
CA THR A 225 42.54 21.80 5.39
C THR A 225 43.67 21.98 4.39
N ASN A 226 43.87 20.98 3.49
CA ASN A 226 44.90 21.06 2.44
C ASN A 226 44.56 22.17 1.46
N LEU A 227 43.32 22.18 0.92
CA LEU A 227 42.85 23.19 -0.04
C LEU A 227 43.06 24.60 0.49
N ASN A 228 42.74 24.84 1.78
CA ASN A 228 42.78 26.19 2.40
C ASN A 228 44.18 26.70 2.71
N ARG A 229 45.15 25.81 3.02
CA ARG A 229 46.55 26.17 3.25
C ARG A 229 47.13 26.69 1.93
N LEU A 230 46.70 26.06 0.80
CA LEU A 230 47.10 26.50 -0.53
C LEU A 230 46.40 27.81 -0.93
N ILE A 231 45.07 27.95 -0.71
CA ILE A 231 44.33 29.18 -1.00
C ILE A 231 44.97 30.32 -0.20
N GLY A 232 45.31 30.03 1.07
CA GLY A 232 45.98 30.94 2.01
C GLY A 232 47.23 31.55 1.41
N GLN A 233 48.01 30.74 0.65
CA GLN A 233 49.25 31.18 -0.03
C GLN A 233 48.99 32.20 -1.12
N ILE A 234 47.97 31.96 -1.98
CA ILE A 234 47.56 32.82 -3.07
C ILE A 234 47.00 34.14 -2.49
N VAL A 235 46.10 34.04 -1.48
CA VAL A 235 45.50 35.21 -0.81
C VAL A 235 46.62 36.07 -0.21
N SER A 236 47.60 35.44 0.47
CA SER A 236 48.74 36.16 1.06
C SER A 236 49.59 36.94 0.06
N SER A 237 49.80 36.42 -1.17
CA SER A 237 50.56 37.05 -2.27
C SER A 237 49.90 38.33 -2.69
N ILE A 238 48.55 38.27 -2.88
CA ILE A 238 47.66 39.35 -3.31
C ILE A 238 47.58 40.48 -2.28
N THR A 239 47.61 40.13 -0.97
CA THR A 239 47.46 41.08 0.14
C THR A 239 48.79 41.50 0.79
N ALA A 240 49.91 40.81 0.47
CA ALA A 240 51.24 41.10 1.02
C ALA A 240 51.62 42.55 0.86
N SER A 241 51.25 43.11 -0.30
CA SER A 241 51.45 44.47 -0.77
C SER A 241 50.79 45.54 0.12
N LEU A 242 49.72 45.15 0.85
CA LEU A 242 48.91 46.00 1.74
C LEU A 242 49.39 45.92 3.17
N ARG A 243 49.98 44.79 3.54
CA ARG A 243 50.44 44.44 4.88
C ARG A 243 51.94 44.77 5.13
N PHE A 244 52.69 45.02 4.06
CA PHE A 244 54.11 45.31 4.13
C PHE A 244 54.45 46.52 3.27
N ASP A 245 55.56 47.23 3.60
CA ASP A 245 56.03 48.39 2.82
C ASP A 245 56.45 47.93 1.41
N GLY A 246 55.47 47.93 0.53
CA GLY A 246 55.61 47.51 -0.86
C GLY A 246 55.45 48.64 -1.85
N ALA A 247 55.82 48.35 -3.09
CA ALA A 247 55.79 49.31 -4.18
C ALA A 247 54.55 49.21 -5.10
N LEU A 248 53.98 48.00 -5.26
CA LEU A 248 52.84 47.76 -6.15
C LEU A 248 51.59 47.29 -5.35
N ASN A 249 50.35 47.56 -5.85
CA ASN A 249 49.05 47.18 -5.23
C ASN A 249 49.04 47.51 -3.74
N VAL A 250 49.39 48.77 -3.44
CA VAL A 250 49.60 49.36 -2.12
C VAL A 250 48.28 49.75 -1.44
N ASP A 251 47.21 49.80 -2.23
CA ASP A 251 45.84 50.10 -1.83
C ASP A 251 44.85 49.31 -2.74
N LEU A 252 43.62 49.05 -2.26
CA LEU A 252 42.59 48.25 -2.97
C LEU A 252 42.13 48.84 -4.31
N THR A 253 42.30 50.15 -4.50
CA THR A 253 41.95 50.88 -5.73
C THR A 253 42.86 50.41 -6.86
N GLU A 254 44.18 50.20 -6.54
CA GLU A 254 45.25 49.79 -7.44
C GLU A 254 44.93 48.48 -8.16
N PHE A 255 44.12 47.62 -7.53
CA PHE A 255 43.70 46.33 -8.10
C PHE A 255 42.76 46.56 -9.27
N GLN A 256 41.76 47.42 -9.08
CA GLN A 256 40.82 47.82 -10.10
C GLN A 256 41.63 48.54 -11.19
N THR A 257 42.50 49.52 -10.80
CA THR A 257 43.34 50.32 -11.71
C THR A 257 44.23 49.44 -12.57
N ASN A 258 45.05 48.58 -11.94
CA ASN A 258 45.98 47.74 -12.67
C ASN A 258 45.36 46.50 -13.34
N LEU A 259 44.20 46.02 -12.89
CA LEU A 259 43.67 44.79 -13.48
C LEU A 259 42.35 44.88 -14.21
N VAL A 260 41.49 45.83 -13.83
CA VAL A 260 40.13 45.91 -14.35
C VAL A 260 39.91 47.09 -15.34
N PRO A 261 40.03 46.82 -16.67
CA PRO A 261 39.79 47.89 -17.66
C PRO A 261 38.29 48.17 -17.83
N TYR A 262 37.46 47.11 -17.88
CA TYR A 262 36.01 47.16 -17.96
C TYR A 262 35.44 46.66 -16.64
N PRO A 263 34.53 47.41 -15.99
CA PRO A 263 34.04 47.01 -14.65
C PRO A 263 33.35 45.64 -14.53
N ARG A 264 32.66 45.15 -15.58
CA ARG A 264 31.98 43.85 -15.53
C ARG A 264 32.94 42.67 -15.58
N ILE A 265 34.06 42.86 -16.29
CA ILE A 265 35.14 41.89 -16.49
C ILE A 265 36.19 42.12 -15.37
N HIS A 266 35.79 41.87 -14.10
CA HIS A 266 36.60 42.13 -12.90
C HIS A 266 37.03 40.84 -12.22
N PHE A 267 37.27 39.81 -13.04
CA PHE A 267 37.68 38.51 -12.56
C PHE A 267 39.08 38.21 -13.10
N PRO A 268 40.16 38.59 -12.36
CA PRO A 268 41.50 38.25 -12.82
C PRO A 268 41.79 36.78 -12.50
N LEU A 269 42.57 36.16 -13.37
CA LEU A 269 43.03 34.77 -13.20
C LEU A 269 44.37 34.77 -12.37
N ALA A 270 44.41 34.00 -11.29
CA ALA A 270 45.57 33.90 -10.43
C ALA A 270 46.30 32.58 -10.67
N THR A 271 47.61 32.67 -10.94
CA THR A 271 48.53 31.55 -11.14
C THR A 271 49.60 31.64 -10.05
N TYR A 272 49.97 30.52 -9.42
CA TYR A 272 50.95 30.53 -8.34
C TYR A 272 51.97 29.41 -8.46
N ALA A 273 53.26 29.77 -8.34
CA ALA A 273 54.39 28.85 -8.42
C ALA A 273 55.51 29.32 -7.50
N PRO A 274 56.29 28.43 -6.88
CA PRO A 274 56.24 26.96 -6.96
C PRO A 274 55.42 26.28 -5.89
N VAL A 275 54.74 25.17 -6.25
CA VAL A 275 54.02 24.38 -5.24
C VAL A 275 54.79 23.04 -5.08
N ILE A 276 55.49 22.86 -3.93
CA ILE A 276 56.31 21.66 -3.65
C ILE A 276 55.88 21.01 -2.35
N SER A 277 55.86 19.66 -2.29
CA SER A 277 55.52 18.90 -1.08
C SER A 277 56.65 18.98 -0.07
N ALA A 278 56.33 19.28 1.20
CA ALA A 278 57.28 19.39 2.33
C ALA A 278 57.85 18.02 2.68
N GLU A 279 57.10 16.96 2.34
CA GLU A 279 57.42 15.54 2.56
C GLU A 279 58.55 15.09 1.60
N LYS A 280 59.10 16.05 0.83
CA LYS A 280 60.22 15.84 -0.09
C LYS A 280 61.51 16.16 0.67
N ALA A 281 62.39 15.15 0.77
CA ALA A 281 63.70 15.26 1.42
C ALA A 281 64.59 16.14 0.53
N TYR A 282 64.66 15.81 -0.78
CA TYR A 282 65.43 16.57 -1.78
C TYR A 282 64.50 17.55 -2.51
N HIS A 283 65.01 18.77 -2.72
CA HIS A 283 64.34 19.81 -3.48
C HIS A 283 65.38 20.59 -4.28
N GLU A 284 65.25 20.53 -5.62
CA GLU A 284 66.12 21.29 -6.53
C GLU A 284 65.50 22.68 -6.64
N GLN A 285 66.20 23.72 -6.12
CA GLN A 285 65.65 25.09 -6.12
C GLN A 285 65.51 25.67 -7.54
N LEU A 286 64.25 25.98 -7.90
CA LEU A 286 63.86 26.53 -9.20
C LEU A 286 64.29 27.97 -9.33
N SER A 287 64.60 28.38 -10.56
CA SER A 287 65.07 29.72 -10.87
C SER A 287 63.90 30.69 -11.00
N VAL A 288 64.19 31.99 -11.18
CA VAL A 288 63.20 33.03 -11.43
C VAL A 288 62.55 32.68 -12.77
N ALA A 289 63.38 32.33 -13.78
CA ALA A 289 62.93 31.90 -15.11
C ALA A 289 61.97 30.70 -15.06
N GLU A 290 62.27 29.69 -14.22
CA GLU A 290 61.41 28.50 -14.09
C GLU A 290 60.02 28.84 -13.53
N ILE A 291 59.97 29.52 -12.36
CA ILE A 291 58.75 29.91 -11.66
C ILE A 291 57.95 30.92 -12.49
N THR A 292 58.61 31.79 -13.26
CA THR A 292 57.94 32.75 -14.13
C THR A 292 57.23 32.01 -15.27
N ASN A 293 57.92 31.06 -15.92
CA ASN A 293 57.37 30.27 -17.01
C ASN A 293 56.12 29.50 -16.56
N ALA A 294 56.19 28.81 -15.39
CA ALA A 294 55.10 28.08 -14.73
C ALA A 294 53.82 28.89 -14.57
N CYS A 295 53.89 30.24 -14.56
CA CYS A 295 52.71 31.14 -14.50
C CYS A 295 51.88 31.10 -15.80
N PHE A 296 52.39 30.41 -16.82
CA PHE A 296 51.74 30.27 -18.10
C PHE A 296 51.35 28.79 -18.35
N GLU A 297 51.42 27.98 -17.28
CA GLU A 297 51.05 26.58 -17.27
C GLU A 297 49.67 26.41 -16.66
N PRO A 298 48.68 25.85 -17.42
CA PRO A 298 47.31 25.70 -16.87
C PRO A 298 47.22 24.88 -15.59
N ALA A 299 48.20 23.98 -15.38
CA ALA A 299 48.30 23.10 -14.20
C ALA A 299 48.53 23.85 -12.89
N ASN A 300 48.91 25.15 -12.98
CA ASN A 300 49.25 26.00 -11.84
C ASN A 300 48.26 27.13 -11.54
N GLN A 301 47.31 27.37 -12.48
CA GLN A 301 46.24 28.37 -12.40
C GLN A 301 45.19 28.02 -11.32
N MET A 302 44.38 29.04 -10.87
CA MET A 302 43.34 28.86 -9.85
C MET A 302 42.01 28.42 -10.46
N VAL A 303 41.92 28.49 -11.81
CA VAL A 303 40.80 28.08 -12.66
C VAL A 303 41.46 27.43 -13.90
N LYS A 304 41.08 26.17 -14.26
CA LYS A 304 41.62 25.52 -15.46
C LYS A 304 40.99 26.16 -16.69
N CYS A 305 41.83 26.79 -17.52
CA CYS A 305 41.45 27.44 -18.77
C CYS A 305 42.66 27.63 -19.69
N ASP A 306 42.44 27.90 -20.99
CA ASP A 306 43.53 28.10 -21.94
C ASP A 306 43.68 29.61 -22.27
N PRO A 307 44.62 30.33 -21.61
CA PRO A 307 44.78 31.77 -21.89
C PRO A 307 45.33 32.09 -23.26
N ARG A 308 45.74 31.03 -24.01
CA ARG A 308 46.24 31.09 -25.37
C ARG A 308 45.09 31.38 -26.30
N HIS A 309 43.89 30.81 -26.02
CA HIS A 309 42.68 31.00 -26.81
C HIS A 309 41.75 32.03 -26.14
N GLY A 310 42.34 33.20 -25.93
CA GLY A 310 41.75 34.37 -25.33
C GLY A 310 42.70 35.55 -25.44
N LYS A 311 42.34 36.66 -24.83
CA LYS A 311 43.21 37.83 -24.85
C LYS A 311 43.47 38.35 -23.44
N TYR A 312 44.61 39.04 -23.26
CA TYR A 312 45.03 39.69 -22.02
C TYR A 312 44.66 41.18 -22.06
N MET A 313 44.14 41.71 -20.96
CA MET A 313 43.76 43.11 -20.83
C MET A 313 44.59 43.71 -19.72
N ALA A 314 45.24 42.84 -18.94
CA ALA A 314 46.08 43.16 -17.80
C ALA A 314 46.89 41.93 -17.42
N CYS A 315 48.11 42.16 -16.96
CA CYS A 315 49.01 41.13 -16.49
C CYS A 315 49.94 41.73 -15.48
N CYS A 316 50.10 41.05 -14.36
CA CYS A 316 50.89 41.54 -13.26
C CYS A 316 51.56 40.40 -12.52
N LEU A 317 52.89 40.50 -12.33
CA LEU A 317 53.71 39.51 -11.64
C LEU A 317 54.14 39.96 -10.23
N LEU A 318 53.70 39.21 -9.20
CA LEU A 318 53.96 39.47 -7.80
C LEU A 318 54.95 38.46 -7.25
N TYR A 319 56.24 38.82 -7.19
CA TYR A 319 57.28 37.93 -6.67
C TYR A 319 57.42 38.00 -5.17
N ARG A 320 57.92 36.93 -4.56
CA ARG A 320 58.17 36.84 -3.11
C ARG A 320 59.48 36.13 -2.79
N GLY A 321 60.25 36.73 -1.89
CA GLY A 321 61.53 36.20 -1.44
C GLY A 321 62.76 36.71 -2.16
N ASP A 322 63.77 35.82 -2.30
CA ASP A 322 65.06 36.06 -2.96
C ASP A 322 64.94 36.20 -4.50
N VAL A 323 64.55 37.41 -4.95
CA VAL A 323 64.31 37.75 -6.35
C VAL A 323 64.94 39.12 -6.66
N VAL A 324 65.74 39.21 -7.74
CA VAL A 324 66.31 40.50 -8.20
C VAL A 324 65.71 40.87 -9.56
N PRO A 325 65.49 42.19 -9.85
CA PRO A 325 64.92 42.56 -11.16
C PRO A 325 65.62 42.00 -12.40
N LYS A 326 66.97 41.90 -12.37
CA LYS A 326 67.79 41.44 -13.49
C LYS A 326 67.26 40.09 -14.06
N ASP A 327 67.05 39.13 -13.15
CA ASP A 327 66.54 37.80 -13.44
C ASP A 327 65.10 37.84 -13.91
N VAL A 328 64.31 38.78 -13.34
CA VAL A 328 62.90 38.96 -13.67
C VAL A 328 62.77 39.41 -15.14
N ASN A 329 63.35 40.57 -15.51
CA ASN A 329 63.31 41.14 -16.87
C ASN A 329 63.82 40.21 -17.96
N ALA A 330 64.79 39.34 -17.60
CA ALA A 330 65.38 38.35 -18.50
C ALA A 330 64.39 37.21 -18.74
N ALA A 331 63.68 36.77 -17.68
CA ALA A 331 62.63 35.77 -17.75
C ALA A 331 61.45 36.32 -18.58
N ILE A 332 61.12 37.63 -18.44
CA ILE A 332 60.05 38.31 -19.19
C ILE A 332 60.42 38.40 -20.68
N ALA A 333 61.72 38.48 -20.98
CA ALA A 333 62.20 38.50 -22.36
C ALA A 333 62.06 37.09 -22.98
N THR A 334 62.57 36.05 -22.27
CA THR A 334 62.58 34.61 -22.56
C THR A 334 61.18 34.05 -22.89
N ILE A 335 60.20 34.22 -21.95
CA ILE A 335 58.83 33.69 -22.08
C ILE A 335 58.06 34.38 -23.20
N LYS A 336 58.29 35.69 -23.43
CA LYS A 336 57.58 36.44 -24.47
C LYS A 336 57.74 35.80 -25.85
N THR A 337 58.95 35.31 -26.15
CA THR A 337 59.27 34.63 -27.42
C THR A 337 58.64 33.20 -27.47
N LYS A 338 58.77 32.40 -26.38
CA LYS A 338 58.26 31.02 -26.22
C LYS A 338 56.71 30.88 -26.21
N ARG A 339 56.05 31.59 -25.27
CA ARG A 339 54.60 31.55 -25.07
C ARG A 339 53.86 32.55 -25.96
N THR A 340 52.62 32.17 -26.34
CA THR A 340 51.69 32.95 -27.20
C THR A 340 50.76 33.86 -26.37
N ILE A 341 51.32 35.01 -25.90
CA ILE A 341 50.66 36.02 -25.07
C ILE A 341 50.11 37.15 -25.96
N GLN A 342 48.81 37.05 -26.31
CA GLN A 342 48.11 38.04 -27.12
C GLN A 342 47.37 38.97 -26.17
N PHE A 343 47.53 40.27 -26.38
CA PHE A 343 46.87 41.28 -25.57
C PHE A 343 45.79 41.94 -26.42
N VAL A 344 44.89 42.74 -25.79
CA VAL A 344 43.87 43.49 -26.54
C VAL A 344 44.57 44.60 -27.29
N ASP A 345 44.19 44.84 -28.57
CA ASP A 345 44.83 45.84 -29.46
C ASP A 345 45.02 47.20 -28.81
N TRP A 346 44.00 47.69 -28.09
CA TRP A 346 44.00 48.96 -27.36
C TRP A 346 44.82 48.97 -26.05
N CYS A 347 45.49 47.84 -25.73
CA CYS A 347 46.33 47.68 -24.53
C CYS A 347 47.77 47.41 -24.93
N PRO A 348 48.75 47.92 -24.17
CA PRO A 348 50.15 47.59 -24.50
C PRO A 348 50.49 46.21 -23.98
N THR A 349 51.15 45.39 -24.81
CA THR A 349 51.61 44.10 -24.32
C THR A 349 52.73 44.46 -23.34
N GLY A 350 52.46 44.24 -22.06
CA GLY A 350 53.37 44.58 -20.98
C GLY A 350 52.93 44.01 -19.64
N PHE A 351 53.85 44.02 -18.68
CA PHE A 351 53.60 43.46 -17.36
C PHE A 351 53.92 44.47 -16.25
N LYS A 352 53.12 44.49 -15.17
CA LYS A 352 53.43 45.30 -13.99
C LYS A 352 54.11 44.33 -13.04
N VAL A 353 55.28 44.68 -12.52
CA VAL A 353 56.04 43.75 -11.70
C VAL A 353 56.23 44.30 -10.32
N GLY A 354 56.25 43.41 -9.33
CA GLY A 354 56.48 43.76 -7.94
C GLY A 354 57.22 42.64 -7.24
N ILE A 355 58.22 42.99 -6.44
CA ILE A 355 58.97 42.03 -5.63
C ILE A 355 58.74 42.45 -4.20
N ASN A 356 58.54 41.48 -3.30
CA ASN A 356 58.31 41.75 -1.90
C ASN A 356 59.30 40.86 -1.22
N TYR A 357 60.41 41.47 -0.73
CA TYR A 357 61.59 40.84 -0.11
C TYR A 357 61.21 39.83 0.92
N GLN A 358 60.05 40.06 1.61
CA GLN A 358 59.43 39.18 2.59
C GLN A 358 59.41 37.75 2.04
N PRO A 359 59.98 36.79 2.79
CA PRO A 359 60.13 35.44 2.21
C PRO A 359 58.85 34.61 2.22
N PRO A 360 58.68 33.66 1.26
CA PRO A 360 57.47 32.80 1.27
C PRO A 360 57.35 31.96 2.56
N THR A 361 56.23 32.15 3.28
CA THR A 361 55.99 31.50 4.57
C THR A 361 55.01 30.33 4.45
N VAL A 362 55.27 29.27 5.24
CA VAL A 362 54.44 28.06 5.34
C VAL A 362 54.10 27.75 6.81
N VAL A 363 53.01 26.98 7.04
CA VAL A 363 52.58 26.55 8.37
C VAL A 363 53.51 25.40 8.79
N PRO A 364 54.20 25.50 9.96
CA PRO A 364 55.05 24.39 10.42
C PRO A 364 54.17 23.16 10.72
N GLY A 365 54.44 22.06 10.01
CA GLY A 365 53.65 20.85 10.07
C GLY A 365 52.55 20.88 9.02
N GLY A 366 52.96 21.24 7.80
CA GLY A 366 52.12 21.35 6.62
C GLY A 366 52.57 20.45 5.49
N ASP A 367 51.81 20.44 4.40
CA ASP A 367 52.08 19.65 3.19
C ASP A 367 52.93 20.44 2.20
N LEU A 368 52.99 21.77 2.39
CA LEU A 368 53.71 22.73 1.57
C LEU A 368 55.10 23.03 2.14
N ALA A 369 56.13 22.92 1.29
CA ALA A 369 57.53 23.19 1.61
C ALA A 369 57.82 24.69 1.56
N LYS A 370 58.81 25.12 2.37
CA LYS A 370 59.37 26.47 2.44
C LYS A 370 60.24 26.67 1.17
N VAL A 371 59.97 27.73 0.40
CA VAL A 371 60.70 28.06 -0.82
C VAL A 371 61.47 29.38 -0.65
N GLN A 372 62.57 29.56 -1.40
CA GLN A 372 63.36 30.81 -1.31
C GLN A 372 62.68 31.93 -2.08
N ARG A 373 62.20 31.61 -3.30
CA ARG A 373 61.46 32.53 -4.16
C ARG A 373 60.10 31.93 -4.61
N ALA A 374 59.11 32.80 -4.85
CA ALA A 374 57.73 32.44 -5.27
C ALA A 374 57.18 33.56 -6.12
N VAL A 375 56.09 33.30 -6.85
CA VAL A 375 55.44 34.31 -7.67
C VAL A 375 53.94 34.02 -7.83
N CYS A 376 53.12 35.06 -7.77
CA CYS A 376 51.71 35.00 -8.08
C CYS A 376 51.47 35.87 -9.31
N MET A 377 50.96 35.28 -10.39
CA MET A 377 50.62 36.07 -11.55
C MET A 377 49.11 36.34 -11.57
N LEU A 378 48.73 37.63 -11.56
CA LEU A 378 47.34 38.05 -11.68
C LEU A 378 47.19 38.58 -13.09
N SER A 379 46.36 37.92 -13.87
CA SER A 379 46.17 38.38 -15.24
C SER A 379 44.70 38.42 -15.62
N ASN A 380 44.24 39.53 -16.19
CA ASN A 380 42.87 39.60 -16.66
C ASN A 380 42.82 39.04 -18.10
N THR A 381 42.48 37.76 -18.20
CA THR A 381 42.35 37.06 -19.48
C THR A 381 40.89 36.72 -19.71
N THR A 382 40.47 36.74 -21.00
CA THR A 382 39.11 36.42 -21.40
C THR A 382 38.89 34.90 -21.38
N ALA A 383 39.99 34.14 -21.17
CA ALA A 383 39.96 32.68 -21.08
C ALA A 383 39.21 32.23 -19.84
N ILE A 384 39.05 33.12 -18.81
CA ILE A 384 38.35 32.80 -17.55
C ILE A 384 36.85 32.57 -17.80
N ALA A 385 36.31 33.19 -18.86
CA ALA A 385 34.94 33.02 -19.33
C ALA A 385 34.58 31.51 -19.54
N GLU A 386 35.59 30.63 -19.61
CA GLU A 386 35.39 29.18 -19.74
C GLU A 386 34.68 28.68 -18.50
N ALA A 387 35.04 29.24 -17.32
CA ALA A 387 34.40 28.86 -16.05
C ALA A 387 32.91 29.25 -16.07
N TRP A 388 32.58 30.40 -16.71
CA TRP A 388 31.22 30.90 -16.85
C TRP A 388 30.41 29.99 -17.80
N ALA A 389 30.95 29.65 -18.96
CA ALA A 389 30.34 28.75 -19.93
C ALA A 389 30.00 27.36 -19.35
N ARG A 390 30.82 26.84 -18.43
CA ARG A 390 30.64 25.52 -17.79
C ARG A 390 29.48 25.56 -16.82
N LEU A 391 29.49 26.57 -15.94
CA LEU A 391 28.51 26.79 -14.90
C LEU A 391 27.17 27.15 -15.51
N ASP A 392 27.16 27.97 -16.58
CA ASP A 392 25.94 28.39 -17.29
C ASP A 392 25.27 27.21 -17.98
N HIS A 393 26.05 26.26 -18.48
CA HIS A 393 25.50 25.07 -19.11
C HIS A 393 24.83 24.12 -18.09
N LYS A 394 25.44 23.99 -16.90
CA LYS A 394 24.93 23.16 -15.82
C LYS A 394 23.61 23.75 -15.39
N PHE A 395 23.59 25.09 -15.14
CA PHE A 395 22.39 25.88 -14.78
C PHE A 395 21.24 25.62 -15.78
N ASP A 396 21.55 25.68 -17.08
CA ASP A 396 20.62 25.48 -18.19
C ASP A 396 20.03 24.11 -18.27
N LEU A 397 20.85 23.06 -18.03
CA LEU A 397 20.38 21.66 -18.05
C LEU A 397 19.28 21.41 -17.02
N MET A 398 19.48 21.98 -15.81
CA MET A 398 18.57 21.88 -14.68
C MET A 398 17.36 22.80 -14.80
N TYR A 399 17.59 24.07 -15.19
CA TYR A 399 16.52 25.05 -15.30
C TYR A 399 15.45 24.72 -16.34
N ALA A 400 15.85 24.09 -17.47
CA ALA A 400 14.94 23.67 -18.55
C ALA A 400 13.81 22.74 -18.05
N LYS A 401 14.05 22.09 -16.90
CA LYS A 401 13.12 21.17 -16.28
C LYS A 401 12.54 21.74 -14.99
N ARG A 402 13.02 22.92 -14.57
CA ARG A 402 12.67 23.62 -13.33
C ARG A 402 12.98 22.73 -12.13
N ALA A 403 14.05 21.92 -12.22
CA ALA A 403 14.52 20.99 -11.18
C ALA A 403 15.00 21.76 -9.96
N PHE A 404 14.44 21.46 -8.77
CA PHE A 404 14.81 22.09 -7.50
C PHE A 404 14.35 23.54 -7.35
N VAL A 405 13.74 24.14 -8.39
CA VAL A 405 13.30 25.54 -8.42
C VAL A 405 12.33 25.86 -7.26
N HIS A 406 11.41 24.91 -6.93
CA HIS A 406 10.39 25.06 -5.89
C HIS A 406 10.98 25.43 -4.54
N TRP A 407 12.22 24.97 -4.30
CA TRP A 407 12.96 25.22 -3.07
C TRP A 407 13.25 26.71 -2.91
N TYR A 408 13.46 27.40 -4.05
CA TYR A 408 13.77 28.81 -4.13
C TYR A 408 12.49 29.61 -3.98
N VAL A 409 11.48 29.28 -4.81
CA VAL A 409 10.15 29.88 -4.84
C VAL A 409 9.44 29.76 -3.48
N GLY A 410 9.68 28.65 -2.79
CA GLY A 410 9.16 28.40 -1.46
C GLY A 410 9.73 29.31 -0.40
N GLU A 411 10.86 29.97 -0.71
CA GLU A 411 11.51 30.90 0.20
C GLU A 411 11.18 32.38 -0.15
N GLY A 412 10.31 32.55 -1.16
CA GLY A 412 9.84 33.85 -1.62
C GLY A 412 10.38 34.37 -2.92
N MET A 413 11.38 33.68 -3.49
CA MET A 413 12.03 34.11 -4.73
C MET A 413 11.10 33.86 -5.95
N GLU A 414 11.08 34.78 -6.92
CA GLU A 414 10.25 34.54 -8.11
C GLU A 414 11.03 33.75 -9.14
N GLU A 415 10.34 32.87 -9.91
CA GLU A 415 10.92 32.04 -10.98
C GLU A 415 11.64 32.92 -12.02
N GLY A 416 11.15 34.15 -12.21
CA GLY A 416 11.71 35.12 -13.15
C GLY A 416 13.09 35.63 -12.81
N GLU A 417 13.44 35.66 -11.49
CA GLU A 417 14.75 36.06 -10.99
C GLU A 417 15.84 35.09 -11.52
N PHE A 418 15.51 33.81 -11.66
CA PHE A 418 16.43 32.82 -12.19
C PHE A 418 16.85 33.21 -13.63
N SER A 419 15.90 33.37 -14.57
CA SER A 419 16.21 33.70 -15.97
C SER A 419 16.82 35.11 -16.17
N GLU A 420 16.58 36.03 -15.22
CA GLU A 420 17.07 37.41 -15.17
C GLU A 420 18.57 37.27 -14.89
N ALA A 421 18.90 36.60 -13.75
CA ALA A 421 20.26 36.28 -13.34
C ALA A 421 21.04 35.57 -14.45
N ARG A 422 20.37 34.72 -15.23
CA ARG A 422 20.98 33.97 -16.32
C ARG A 422 21.22 34.82 -17.58
N GLU A 423 20.36 35.83 -17.83
CA GLU A 423 20.45 36.73 -19.00
C GLU A 423 21.64 37.66 -18.82
N ASP A 424 21.91 38.02 -17.55
CA ASP A 424 23.06 38.80 -17.16
C ASP A 424 24.35 37.98 -17.47
N MET A 425 24.32 36.67 -17.22
CA MET A 425 25.44 35.77 -17.45
C MET A 425 25.69 35.57 -18.90
N ALA A 426 24.61 35.53 -19.71
CA ALA A 426 24.66 35.41 -21.17
C ALA A 426 25.26 36.73 -21.73
N ALA A 427 24.99 37.88 -21.06
CA ALA A 427 25.52 39.21 -21.35
C ALA A 427 27.02 39.23 -21.05
N LEU A 428 27.41 38.84 -19.80
CA LEU A 428 28.78 38.73 -19.34
C LEU A 428 29.65 37.86 -20.26
N GLU A 429 29.13 36.69 -20.70
CA GLU A 429 29.79 35.78 -21.64
C GLU A 429 30.05 36.47 -22.98
N LYS A 430 29.03 37.24 -23.47
CA LYS A 430 29.01 38.01 -24.73
C LYS A 430 30.06 39.14 -24.68
N ASP A 431 30.21 39.80 -23.52
CA ASP A 431 31.19 40.85 -23.28
C ASP A 431 32.60 40.24 -23.45
N TYR A 432 32.89 39.11 -22.74
CA TYR A 432 34.16 38.38 -22.79
C TYR A 432 34.54 37.95 -24.24
N GLU A 433 33.55 37.49 -25.03
CA GLU A 433 33.73 37.08 -26.43
C GLU A 433 34.01 38.28 -27.35
N GLU A 434 33.40 39.45 -27.06
CA GLU A 434 33.60 40.67 -27.85
C GLU A 434 35.05 41.13 -27.71
N VAL A 435 35.55 41.14 -26.46
CA VAL A 435 36.90 41.53 -26.09
C VAL A 435 37.94 40.50 -26.60
N GLY A 436 37.68 39.22 -26.33
CA GLY A 436 38.56 38.09 -26.61
C GLY A 436 38.84 37.66 -28.03
N VAL A 437 37.89 37.88 -28.96
CA VAL A 437 38.07 37.50 -30.38
C VAL A 437 37.68 38.65 -31.33
N ASP A 438 38.04 38.48 -32.64
CA ASP A 438 37.79 39.45 -33.72
C ASP A 438 36.97 38.81 -34.86
N GLY A 444 31.93 22.93 -44.04
CA GLY A 444 31.39 21.57 -44.09
C GLY A 444 32.39 20.54 -44.58
N GLU A 445 31.92 19.55 -45.39
CA GLU A 445 32.76 18.49 -45.99
C GLU A 445 33.59 19.08 -47.14
N GLU A 446 34.87 18.64 -47.29
CA GLU A 446 35.78 19.18 -48.33
C GLU A 446 36.81 18.17 -48.88
N MET B 1 17.58 24.10 12.70
CA MET B 1 18.13 22.76 12.49
C MET B 1 19.15 22.28 13.58
N ARG B 2 18.83 21.15 14.27
CA ARG B 2 19.62 20.36 15.25
C ARG B 2 18.86 19.07 15.66
N GLU B 3 17.79 19.24 16.43
CA GLU B 3 17.02 18.13 16.98
C GLU B 3 15.93 17.55 16.08
N ILE B 4 15.90 16.22 16.03
CA ILE B 4 14.90 15.43 15.36
C ILE B 4 13.99 14.80 16.43
N VAL B 5 12.65 14.99 16.26
CA VAL B 5 11.59 14.34 17.05
C VAL B 5 11.17 13.02 16.32
N HIS B 6 11.34 11.88 16.98
CA HIS B 6 10.96 10.58 16.41
C HIS B 6 9.59 10.11 16.97
N ILE B 7 8.67 9.70 16.06
CA ILE B 7 7.36 9.14 16.38
C ILE B 7 7.22 7.75 15.73
N GLN B 8 6.77 6.74 16.50
CA GLN B 8 6.58 5.36 16.00
C GLN B 8 5.16 4.93 16.28
N ALA B 9 4.37 4.65 15.21
CA ALA B 9 2.96 4.34 15.34
C ALA B 9 2.59 2.95 14.88
N GLY B 10 1.69 2.29 15.60
CA GLY B 10 1.19 0.96 15.24
C GLY B 10 2.11 -0.21 15.52
N GLN B 11 1.71 -1.42 15.14
CA GLN B 11 2.55 -2.60 15.35
C GLN B 11 3.88 -2.54 14.58
N CYS B 12 3.86 -2.41 13.24
CA CYS B 12 5.09 -2.32 12.46
C CYS B 12 5.98 -1.14 12.91
N GLY B 13 5.39 0.05 13.06
CA GLY B 13 6.09 1.26 13.43
C GLY B 13 6.86 1.16 14.69
N ASN B 14 6.24 0.59 15.71
CA ASN B 14 6.81 0.40 17.04
C ASN B 14 7.86 -0.71 17.08
N GLN B 15 7.73 -1.71 16.22
CA GLN B 15 8.66 -2.82 16.16
C GLN B 15 9.98 -2.42 15.52
N ILE B 16 9.87 -1.68 14.40
CA ILE B 16 10.98 -1.16 13.60
CA ILE B 16 10.96 -1.15 13.60
C ILE B 16 11.56 0.08 14.28
N GLY B 17 10.70 0.87 14.92
CA GLY B 17 11.09 2.04 15.69
C GLY B 17 11.93 1.63 16.88
N ALA B 18 11.54 0.54 17.56
CA ALA B 18 12.24 -0.06 18.69
C ALA B 18 13.61 -0.57 18.24
N LYS B 19 13.66 -1.37 17.16
CA LYS B 19 14.90 -1.91 16.64
C LYS B 19 15.90 -0.82 16.24
N PHE B 20 15.38 0.35 15.79
CA PHE B 20 16.16 1.51 15.41
C PHE B 20 16.93 2.05 16.58
N TRP B 21 16.24 2.30 17.72
CA TRP B 21 16.86 2.84 18.94
C TRP B 21 17.84 1.87 19.57
N GLU B 22 17.61 0.57 19.43
CA GLU B 22 18.51 -0.44 19.96
C GLU B 22 19.84 -0.38 19.23
N VAL B 23 19.80 -0.19 17.89
CA VAL B 23 20.93 -0.20 16.97
C VAL B 23 21.75 1.06 17.11
N ILE B 24 21.12 2.23 17.02
CA ILE B 24 21.87 3.47 17.09
C ILE B 24 22.30 3.78 18.56
N SER B 25 21.63 3.19 19.57
CA SER B 25 22.04 3.36 20.97
C SER B 25 23.38 2.72 21.19
N ASP B 26 23.55 1.49 20.69
CA ASP B 26 24.78 0.74 20.76
C ASP B 26 25.90 1.47 19.98
N GLU B 27 25.57 2.02 18.79
CA GLU B 27 26.44 2.80 17.91
C GLU B 27 27.00 4.01 18.62
N HIS B 28 26.12 4.72 19.34
CA HIS B 28 26.47 5.93 20.09
C HIS B 28 26.92 5.61 21.54
N GLY B 29 27.14 4.31 21.85
CA GLY B 29 27.59 3.80 23.14
C GLY B 29 26.73 4.11 24.35
N ILE B 30 25.39 3.97 24.21
CA ILE B 30 24.35 4.20 25.24
C ILE B 30 23.79 2.83 25.64
N ASP B 31 23.88 2.49 26.94
CA ASP B 31 23.40 1.21 27.47
C ASP B 31 21.87 1.22 27.73
N PRO B 32 21.19 0.04 27.93
CA PRO B 32 19.73 0.05 28.11
C PRO B 32 19.17 0.90 29.25
N THR B 33 20.05 1.51 30.06
CA THR B 33 19.71 2.39 31.18
C THR B 33 19.72 3.87 30.73
N GLY B 34 20.55 4.16 29.72
CA GLY B 34 20.73 5.49 29.16
C GLY B 34 22.08 6.11 29.42
N SER B 35 22.95 5.38 30.12
CA SER B 35 24.31 5.80 30.51
C SER B 35 25.29 5.58 29.36
N TYR B 36 26.17 6.56 29.12
CA TYR B 36 27.19 6.48 28.08
C TYR B 36 28.39 5.65 28.54
N HIS B 37 28.84 4.72 27.69
CA HIS B 37 29.97 3.82 27.93
C HIS B 37 30.73 3.52 26.62
N GLY B 38 31.08 4.56 25.89
CA GLY B 38 31.80 4.42 24.62
C GLY B 38 33.27 4.77 24.65
N ASP B 39 33.98 4.37 23.56
CA ASP B 39 35.42 4.58 23.42
CA ASP B 39 35.42 4.54 23.36
C ASP B 39 35.80 5.83 22.59
N SER B 40 34.85 6.41 21.82
CA SER B 40 35.12 7.60 20.99
C SER B 40 34.19 8.77 21.30
N ASP B 41 34.70 10.02 21.16
CA ASP B 41 33.88 11.20 21.41
C ASP B 41 33.14 11.67 20.14
N LEU B 42 33.28 10.86 19.05
CA LEU B 42 32.58 10.99 17.78
C LEU B 42 31.13 10.53 17.99
N GLN B 43 30.96 9.70 19.04
CA GLN B 43 29.70 9.14 19.48
C GLN B 43 28.81 10.15 20.16
N LEU B 44 29.37 11.28 20.64
CA LEU B 44 28.57 12.30 21.35
C LEU B 44 28.51 13.65 20.70
N GLU B 45 29.37 13.90 19.70
CA GLU B 45 29.42 15.18 19.00
C GLU B 45 28.05 15.60 18.45
N ARG B 46 27.24 14.61 17.98
CA ARG B 46 25.92 14.91 17.41
C ARG B 46 24.80 14.05 18.04
N ILE B 47 25.02 13.59 19.28
CA ILE B 47 24.12 12.77 20.08
C ILE B 47 22.76 13.46 20.31
N ASN B 48 22.77 14.79 20.43
CA ASN B 48 21.61 15.61 20.72
C ASN B 48 20.61 15.72 19.59
N VAL B 49 20.94 15.17 18.40
CA VAL B 49 20.05 15.11 17.21
C VAL B 49 18.88 14.15 17.54
N TYR B 50 19.22 12.98 18.18
CA TYR B 50 18.27 11.94 18.58
C TYR B 50 18.01 11.82 20.09
N TYR B 51 18.97 12.20 20.95
CA TYR B 51 18.83 12.08 22.41
C TYR B 51 18.78 13.39 23.20
N ASN B 52 17.91 13.45 24.22
CA ASN B 52 17.79 14.54 25.17
C ASN B 52 18.70 14.17 26.32
N GLU B 53 19.62 15.06 26.73
CA GLU B 53 20.47 14.75 27.88
C GLU B 53 19.72 15.17 29.14
N ALA B 54 19.67 14.27 30.13
CA ALA B 54 18.98 14.50 31.38
C ALA B 54 19.95 14.60 32.57
N THR B 55 19.43 15.06 33.73
CA THR B 55 20.15 15.23 35.00
C THR B 55 20.89 13.91 35.36
N GLY B 56 22.17 14.05 35.70
CA GLY B 56 23.02 12.91 36.02
C GLY B 56 23.59 12.30 34.75
N ASN B 57 23.75 13.16 33.72
CA ASN B 57 24.29 12.91 32.38
C ASN B 57 23.81 11.54 31.80
N LYS B 58 22.49 11.34 31.82
CA LYS B 58 21.84 10.16 31.26
C LYS B 58 21.11 10.61 29.99
N TYR B 59 21.24 9.83 28.91
CA TYR B 59 20.66 10.13 27.59
C TYR B 59 19.31 9.46 27.32
N VAL B 60 18.26 10.27 27.10
CA VAL B 60 16.89 9.84 26.82
C VAL B 60 16.53 10.01 25.30
N PRO B 61 16.13 8.93 24.57
CA PRO B 61 15.73 9.11 23.16
C PRO B 61 14.60 10.12 23.01
N ARG B 62 14.64 10.97 21.96
CA ARG B 62 13.57 11.96 21.73
C ARG B 62 12.48 11.25 20.88
N ALA B 63 11.94 10.12 21.44
CA ALA B 63 10.98 9.20 20.84
C ALA B 63 9.61 9.22 21.50
N ILE B 64 8.54 9.22 20.64
CA ILE B 64 7.12 9.11 21.01
C ILE B 64 6.60 7.81 20.43
N LEU B 65 6.04 6.98 21.32
CA LEU B 65 5.53 5.64 21.02
C LEU B 65 4.02 5.74 20.99
N VAL B 66 3.42 5.56 19.80
CA VAL B 66 1.97 5.65 19.60
C VAL B 66 1.38 4.31 19.16
N ASP B 67 0.15 3.95 19.62
CA ASP B 67 -0.64 2.77 19.19
C ASP B 67 -2.05 2.86 19.71
N LEU B 68 -3.00 2.26 19.00
CA LEU B 68 -4.40 2.24 19.39
C LEU B 68 -4.75 0.99 20.19
N GLU B 69 -3.71 0.18 20.53
CA GLU B 69 -3.75 -1.03 21.37
C GLU B 69 -2.50 -1.12 22.22
N PRO B 70 -2.54 -1.70 23.43
CA PRO B 70 -1.32 -1.77 24.27
C PRO B 70 -0.25 -2.80 23.86
N GLY B 71 -0.70 -3.90 23.25
CA GLY B 71 0.10 -5.03 22.81
C GLY B 71 1.59 -4.86 22.60
N THR B 72 1.97 -4.34 21.40
CA THR B 72 3.36 -4.14 20.94
C THR B 72 4.17 -3.25 21.91
N MET B 73 3.62 -2.10 22.30
CA MET B 73 4.27 -1.19 23.22
C MET B 73 4.59 -1.84 24.56
N ASP B 74 3.73 -2.78 25.01
CA ASP B 74 3.96 -3.54 26.24
C ASP B 74 5.18 -4.44 26.07
N SER B 75 5.29 -5.10 24.92
CA SER B 75 6.45 -5.92 24.60
C SER B 75 7.74 -5.07 24.36
N VAL B 76 7.59 -3.80 23.94
CA VAL B 76 8.69 -2.85 23.73
C VAL B 76 9.16 -2.42 25.13
N ARG B 77 8.21 -2.09 26.06
CA ARG B 77 8.49 -1.74 27.46
C ARG B 77 9.15 -2.93 28.20
N SER B 78 8.71 -4.16 27.90
CA SER B 78 9.28 -5.42 28.44
C SER B 78 10.62 -5.76 27.78
N GLY B 79 10.86 -5.20 26.59
CA GLY B 79 12.07 -5.38 25.79
C GLY B 79 13.37 -4.96 26.44
N PRO B 80 14.51 -5.15 25.74
CA PRO B 80 15.81 -4.81 26.35
C PRO B 80 16.00 -3.31 26.62
N PHE B 81 15.63 -2.48 25.63
CA PHE B 81 15.81 -1.05 25.70
C PHE B 81 14.58 -0.25 26.15
N GLY B 82 13.46 -0.90 26.43
CA GLY B 82 12.21 -0.22 26.84
C GLY B 82 12.31 0.78 27.97
N GLN B 83 13.38 0.62 28.75
CA GLN B 83 13.78 1.36 29.94
C GLN B 83 14.44 2.69 29.59
N ILE B 84 14.98 2.78 28.36
CA ILE B 84 15.63 3.98 27.84
C ILE B 84 14.60 5.08 27.57
N PHE B 85 13.45 4.68 27.00
CA PHE B 85 12.34 5.55 26.61
C PHE B 85 11.66 6.18 27.80
N ARG B 86 11.28 7.46 27.65
CA ARG B 86 10.54 8.26 28.65
C ARG B 86 9.12 7.62 28.82
N PRO B 87 8.70 7.24 30.05
CA PRO B 87 7.39 6.57 30.22
C PRO B 87 6.17 7.45 29.96
N ASP B 88 6.34 8.76 30.07
CA ASP B 88 5.33 9.76 29.77
C ASP B 88 5.10 9.83 28.22
N ASN B 89 6.07 9.30 27.45
CA ASN B 89 6.14 9.28 25.98
C ASN B 89 5.49 8.03 25.34
N PHE B 90 4.85 7.19 26.18
CA PHE B 90 4.08 6.02 25.75
C PHE B 90 2.62 6.42 25.73
N VAL B 91 2.10 6.72 24.53
CA VAL B 91 0.71 7.16 24.31
C VAL B 91 -0.07 6.04 23.56
N PHE B 92 -0.97 5.35 24.27
CA PHE B 92 -1.74 4.25 23.67
C PHE B 92 -3.23 4.23 24.02
N GLY B 93 -3.99 3.49 23.23
CA GLY B 93 -5.41 3.25 23.40
C GLY B 93 -5.69 1.80 23.73
N GLN B 94 -6.99 1.42 23.80
CA GLN B 94 -7.39 0.04 24.12
C GLN B 94 -8.19 -0.62 23.02
N SER B 95 -8.86 0.19 22.20
CA SER B 95 -9.71 -0.24 21.08
C SER B 95 -9.04 -1.12 20.00
N GLY B 96 -8.00 -0.57 19.37
CA GLY B 96 -7.33 -1.15 18.22
C GLY B 96 -7.85 -0.42 16.99
N ALA B 97 -7.16 -0.55 15.85
CA ALA B 97 -7.60 0.11 14.61
C ALA B 97 -8.17 -0.89 13.62
N GLY B 98 -8.05 -2.17 13.96
CA GLY B 98 -8.52 -3.34 13.21
C GLY B 98 -8.15 -3.38 11.74
N ASN B 99 -6.91 -2.97 11.41
CA ASN B 99 -6.35 -2.84 10.06
C ASN B 99 -7.21 -2.01 9.12
N ASN B 100 -7.81 -0.95 9.70
CA ASN B 100 -8.72 -0.05 9.01
C ASN B 100 -8.21 1.38 9.07
N TRP B 101 -7.77 1.91 7.93
CA TRP B 101 -7.28 3.28 7.76
C TRP B 101 -8.30 4.33 8.27
N ALA B 102 -9.63 4.11 8.00
CA ALA B 102 -10.76 4.94 8.45
C ALA B 102 -10.83 5.00 9.99
N LYS B 103 -10.49 3.91 10.68
CA LYS B 103 -10.45 3.86 12.14
C LYS B 103 -9.28 4.60 12.70
N GLY B 104 -8.11 4.44 12.07
CA GLY B 104 -6.90 5.13 12.49
C GLY B 104 -6.95 6.63 12.22
N HIS B 105 -7.53 7.03 11.09
CA HIS B 105 -7.58 8.43 10.67
C HIS B 105 -8.76 9.24 11.20
N TYR B 106 -9.97 8.64 11.21
CA TYR B 106 -11.19 9.37 11.55
C TYR B 106 -11.91 9.04 12.82
N THR B 107 -11.97 7.78 13.22
CA THR B 107 -12.82 7.43 14.36
C THR B 107 -11.99 7.13 15.64
N GLU B 108 -11.27 6.02 15.69
CA GLU B 108 -10.49 5.64 16.87
C GLU B 108 -9.25 6.55 17.11
N GLY B 109 -8.52 6.86 16.04
CA GLY B 109 -7.32 7.68 16.04
C GLY B 109 -7.63 9.08 16.48
N ALA B 110 -8.74 9.64 15.96
CA ALA B 110 -9.31 10.94 16.34
C ALA B 110 -9.37 11.08 17.91
N GLU B 111 -9.80 10.05 18.65
CA GLU B 111 -9.87 10.03 20.11
C GLU B 111 -8.51 10.13 20.86
N LEU B 112 -7.41 9.69 20.23
CA LEU B 112 -6.11 9.65 20.87
C LEU B 112 -5.13 10.72 20.42
N VAL B 113 -5.32 11.22 19.19
CA VAL B 113 -4.42 12.12 18.48
C VAL B 113 -3.94 13.36 19.30
N ASP B 114 -4.82 14.05 20.07
CA ASP B 114 -4.40 15.24 20.84
C ASP B 114 -3.46 14.90 22.00
N SER B 115 -3.59 13.71 22.60
CA SER B 115 -2.67 13.27 23.67
C SER B 115 -1.27 13.03 23.12
N VAL B 116 -1.15 12.64 21.83
CA VAL B 116 0.14 12.40 21.15
C VAL B 116 0.81 13.75 20.94
N LEU B 117 0.05 14.71 20.37
CA LEU B 117 0.48 16.08 20.06
C LEU B 117 0.97 16.89 21.26
N ASP B 118 0.43 16.60 22.47
CA ASP B 118 0.86 17.23 23.72
C ASP B 118 2.29 16.77 24.06
N VAL B 119 2.59 15.49 23.78
CA VAL B 119 3.90 14.86 23.95
C VAL B 119 4.85 15.39 22.85
N VAL B 120 4.34 15.59 21.60
CA VAL B 120 5.09 16.14 20.46
C VAL B 120 5.48 17.57 20.85
N ARG B 121 4.52 18.34 21.36
CA ARG B 121 4.70 19.73 21.81
C ARG B 121 5.74 19.87 22.91
N LYS B 122 5.65 19.03 24.00
CA LYS B 122 6.60 19.01 25.11
C LYS B 122 8.03 18.74 24.61
N GLU B 123 8.20 17.76 23.71
CA GLU B 123 9.49 17.40 23.09
C GLU B 123 10.08 18.53 22.24
N SER B 124 9.21 19.20 21.45
CA SER B 124 9.53 20.36 20.62
C SER B 124 9.99 21.56 21.46
N GLU B 125 9.53 21.68 22.73
CA GLU B 125 9.90 22.76 23.64
C GLU B 125 11.37 22.61 24.06
N SER B 126 11.75 21.42 24.53
CA SER B 126 13.11 21.07 24.98
C SER B 126 14.18 21.06 23.83
N CYS B 127 13.86 21.70 22.67
CA CYS B 127 14.67 21.78 21.46
C CYS B 127 15.25 23.14 21.27
N ASP B 128 16.59 23.23 21.23
CA ASP B 128 17.25 24.49 20.98
C ASP B 128 16.94 24.92 19.55
N CYS B 129 17.05 23.97 18.59
CA CYS B 129 16.65 24.23 17.21
C CYS B 129 16.15 22.95 16.54
N LEU B 130 14.82 22.76 16.53
CA LEU B 130 14.19 21.58 15.95
C LEU B 130 14.36 21.60 14.42
N GLN B 131 14.78 20.45 13.84
CA GLN B 131 15.01 20.20 12.42
C GLN B 131 13.70 19.81 11.79
N GLY B 132 13.08 18.82 12.40
CA GLY B 132 11.84 18.24 11.96
C GLY B 132 11.51 16.93 12.64
N PHE B 133 10.70 16.13 11.94
CA PHE B 133 10.11 14.89 12.44
C PHE B 133 10.42 13.66 11.63
N GLN B 134 10.53 12.55 12.34
CA GLN B 134 10.78 11.23 11.80
C GLN B 134 9.65 10.30 12.25
N LEU B 135 9.04 9.54 11.33
CA LEU B 135 7.97 8.62 11.68
C LEU B 135 8.19 7.23 11.12
N THR B 136 8.00 6.19 11.95
CA THR B 136 8.07 4.80 11.52
C THR B 136 6.66 4.23 11.55
N HIS B 137 6.28 3.50 10.49
CA HIS B 137 4.92 2.97 10.38
C HIS B 137 4.80 2.12 9.15
N SER B 138 3.72 1.31 9.12
CA SER B 138 3.34 0.55 7.94
C SER B 138 2.16 1.27 7.31
N LEU B 139 2.00 1.11 6.01
CA LEU B 139 0.95 1.69 5.21
C LEU B 139 -0.24 0.74 5.05
N GLY B 140 -0.07 -0.54 5.42
CA GLY B 140 -1.06 -1.61 5.27
C GLY B 140 -2.04 -1.81 6.41
N GLY B 141 -1.69 -1.36 7.62
CA GLY B 141 -2.53 -1.46 8.81
C GLY B 141 -3.53 -0.33 8.95
N GLY B 142 -3.96 -0.11 10.19
CA GLY B 142 -4.89 0.95 10.52
C GLY B 142 -4.26 2.05 11.32
N THR B 143 -3.54 1.69 12.40
CA THR B 143 -2.90 2.71 13.27
C THR B 143 -1.79 3.51 12.59
N GLY B 144 -0.70 2.87 12.16
CA GLY B 144 0.43 3.55 11.54
C GLY B 144 0.00 4.18 10.24
N SER B 145 -0.85 3.47 9.52
CA SER B 145 -1.39 3.91 8.24
C SER B 145 -2.29 5.15 8.43
N GLY B 146 -3.49 4.95 9.02
CA GLY B 146 -4.49 5.97 9.25
C GLY B 146 -4.10 7.01 10.27
N MET B 147 -3.68 6.56 11.46
CA MET B 147 -3.28 7.49 12.52
C MET B 147 -1.97 8.19 12.24
N GLY B 148 -1.03 7.47 11.65
CA GLY B 148 0.28 8.02 11.31
C GLY B 148 0.20 9.20 10.37
N THR B 149 -0.63 9.10 9.31
CA THR B 149 -0.79 10.14 8.30
C THR B 149 -1.59 11.34 8.82
N LEU B 150 -2.49 11.09 9.78
CA LEU B 150 -3.28 12.12 10.43
C LEU B 150 -2.36 12.87 11.40
N LEU B 151 -1.44 12.15 12.06
CA LEU B 151 -0.45 12.77 12.93
C LEU B 151 0.52 13.69 12.16
N ILE B 152 0.92 13.29 10.93
CA ILE B 152 1.81 14.03 10.02
C ILE B 152 1.13 15.35 9.66
N SER B 153 -0.15 15.27 9.25
CA SER B 153 -1.01 16.38 8.85
C SER B 153 -1.22 17.37 10.01
N LYS B 154 -1.43 16.84 11.24
CA LYS B 154 -1.62 17.66 12.42
C LYS B 154 -0.32 18.30 12.84
N ILE B 155 0.83 17.55 12.74
CA ILE B 155 2.18 18.06 13.06
C ILE B 155 2.57 19.20 12.08
N ARG B 156 2.21 19.03 10.79
CA ARG B 156 2.44 20.00 9.72
C ARG B 156 1.68 21.30 9.96
N GLU B 157 0.53 21.25 10.64
CA GLU B 157 -0.31 22.42 10.92
C GLU B 157 0.38 23.24 12.00
N GLU B 158 0.84 22.59 13.07
CA GLU B 158 1.50 23.25 14.16
C GLU B 158 2.97 23.64 13.82
N TYR B 159 3.70 22.80 13.03
CA TYR B 159 5.10 23.04 12.62
C TYR B 159 5.22 23.10 11.08
N PRO B 160 4.60 24.10 10.39
CA PRO B 160 4.63 24.11 8.91
C PRO B 160 5.98 24.33 8.23
N ASP B 161 6.90 24.98 8.95
CA ASP B 161 8.26 25.36 8.60
C ASP B 161 9.32 24.23 8.83
N ARG B 162 8.96 23.14 9.56
CA ARG B 162 9.86 22.00 9.84
C ARG B 162 9.77 20.88 8.77
N ILE B 163 10.77 19.96 8.74
CA ILE B 163 10.91 18.84 7.79
C ILE B 163 10.21 17.59 8.30
N MET B 164 9.29 17.04 7.49
CA MET B 164 8.61 15.81 7.84
C MET B 164 9.17 14.67 6.96
N ASN B 165 9.78 13.69 7.61
CA ASN B 165 10.40 12.53 6.99
C ASN B 165 9.81 11.20 7.55
N THR B 166 9.52 10.19 6.67
CA THR B 166 8.99 8.89 7.14
C THR B 166 9.76 7.67 6.66
N PHE B 167 9.67 6.59 7.42
CA PHE B 167 10.13 5.26 7.04
C PHE B 167 8.84 4.49 6.88
N SER B 168 8.32 4.43 5.63
CA SER B 168 7.02 3.81 5.38
C SER B 168 7.16 2.41 4.83
N VAL B 169 6.56 1.43 5.51
CA VAL B 169 6.58 0.02 5.11
C VAL B 169 5.40 -0.29 4.18
N MET B 170 5.73 -0.72 2.96
CA MET B 170 4.77 -1.05 1.90
C MET B 170 4.31 -2.49 1.99
N PRO B 171 2.99 -2.72 1.81
CA PRO B 171 2.48 -4.10 1.92
C PRO B 171 2.85 -5.04 0.78
N SER B 172 2.95 -6.35 1.14
CA SER B 172 3.19 -7.40 0.16
C SER B 172 2.33 -8.61 0.45
N PRO B 173 1.73 -9.24 -0.59
CA PRO B 173 0.91 -10.46 -0.35
C PRO B 173 1.73 -11.71 0.02
N LYS B 174 3.06 -11.55 0.12
CA LYS B 174 4.09 -12.54 0.46
C LYS B 174 4.35 -12.52 1.97
N VAL B 175 3.93 -11.41 2.61
CA VAL B 175 4.13 -11.16 4.03
C VAL B 175 2.80 -11.12 4.76
N SER B 176 1.79 -10.50 4.13
CA SER B 176 0.46 -10.34 4.72
C SER B 176 -0.67 -10.82 3.83
N ASP B 177 -1.75 -11.24 4.47
CA ASP B 177 -2.99 -11.80 3.90
C ASP B 177 -4.23 -10.96 4.23
N THR B 178 -4.04 -9.72 4.74
CA THR B 178 -5.14 -8.82 5.04
C THR B 178 -5.53 -8.21 3.72
N VAL B 179 -6.72 -8.58 3.16
CA VAL B 179 -7.22 -8.09 1.84
C VAL B 179 -7.26 -6.58 1.70
N VAL B 180 -7.60 -5.86 2.77
CA VAL B 180 -7.84 -4.41 2.71
C VAL B 180 -6.59 -3.55 2.57
N GLU B 181 -5.38 -4.11 2.86
CA GLU B 181 -4.05 -3.48 2.80
C GLU B 181 -3.80 -2.59 1.57
N PRO B 182 -4.14 -2.99 0.30
CA PRO B 182 -3.99 -2.08 -0.85
C PRO B 182 -4.80 -0.79 -0.75
N TYR B 183 -5.97 -0.87 -0.11
CA TYR B 183 -6.85 0.27 0.14
C TYR B 183 -6.17 1.24 1.12
N ASN B 184 -5.72 0.74 2.29
CA ASN B 184 -5.06 1.50 3.37
C ASN B 184 -3.77 2.17 2.86
N ALA B 185 -2.99 1.41 2.06
CA ALA B 185 -1.73 1.82 1.45
C ALA B 185 -1.94 2.96 0.45
N THR B 186 -2.97 2.90 -0.43
CA THR B 186 -3.29 3.95 -1.41
C THR B 186 -3.77 5.21 -0.69
N LEU B 187 -4.53 5.02 0.40
CA LEU B 187 -5.04 6.14 1.19
C LEU B 187 -3.88 6.87 1.89
N SER B 188 -2.84 6.12 2.28
CA SER B 188 -1.67 6.59 2.98
C SER B 188 -0.71 7.23 2.01
N VAL B 189 -0.51 6.68 0.80
CA VAL B 189 0.38 7.32 -0.18
C VAL B 189 -0.13 8.75 -0.52
N HIS B 190 -1.44 8.88 -0.83
CA HIS B 190 -2.08 10.16 -1.11
C HIS B 190 -1.69 11.20 -0.07
N GLN B 191 -1.68 10.80 1.20
CA GLN B 191 -1.28 11.67 2.31
C GLN B 191 0.22 12.02 2.27
N LEU B 192 1.09 11.00 2.02
CA LEU B 192 2.56 11.12 1.99
C LEU B 192 3.00 12.02 0.87
N VAL B 193 2.39 11.91 -0.30
CA VAL B 193 2.67 12.76 -1.46
C VAL B 193 2.52 14.24 -1.09
N GLU B 194 1.44 14.57 -0.35
CA GLU B 194 1.14 15.96 -0.01
C GLU B 194 1.92 16.48 1.17
N ASN B 195 2.02 15.69 2.24
CA ASN B 195 2.53 16.15 3.50
C ASN B 195 3.93 15.70 3.91
N THR B 196 4.67 14.92 3.11
CA THR B 196 6.04 14.64 3.61
C THR B 196 7.11 15.29 2.71
N ASP B 197 8.28 15.50 3.30
CA ASP B 197 9.43 16.05 2.60
C ASP B 197 10.28 14.91 2.04
N GLU B 198 10.39 13.81 2.80
CA GLU B 198 11.16 12.64 2.41
C GLU B 198 10.49 11.38 2.91
N THR B 199 10.35 10.37 2.06
CA THR B 199 9.80 9.06 2.48
C THR B 199 10.74 7.96 2.02
N TYR B 200 11.21 7.11 2.96
CA TYR B 200 11.99 5.92 2.59
C TYR B 200 11.01 4.79 2.36
N SER B 201 10.85 4.43 1.09
CA SER B 201 9.95 3.37 0.69
C SER B 201 10.61 2.01 1.02
N ILE B 202 10.22 1.43 2.21
CA ILE B 202 10.68 0.14 2.78
C ILE B 202 9.61 -0.87 2.37
N ASP B 203 9.91 -1.74 1.43
CA ASP B 203 8.96 -2.68 0.87
C ASP B 203 9.09 -4.08 1.41
N ASN B 204 8.00 -4.60 1.97
CA ASN B 204 7.95 -5.95 2.53
C ASN B 204 8.18 -7.05 1.49
N GLU B 205 7.94 -6.76 0.19
CA GLU B 205 8.18 -7.70 -0.90
C GLU B 205 9.67 -7.89 -1.05
N ALA B 206 10.42 -6.76 -1.13
CA ALA B 206 11.87 -6.75 -1.25
C ALA B 206 12.52 -7.37 -0.02
N LEU B 207 12.07 -7.02 1.21
CA LEU B 207 12.60 -7.58 2.46
C LEU B 207 12.39 -9.09 2.53
N TYR B 208 11.22 -9.59 2.05
CA TYR B 208 10.92 -11.02 2.02
C TYR B 208 11.86 -11.71 1.04
N ASP B 209 11.90 -11.24 -0.22
CA ASP B 209 12.77 -11.80 -1.25
C ASP B 209 14.26 -11.80 -0.90
N ILE B 210 14.75 -10.78 -0.16
CA ILE B 210 16.16 -10.70 0.28
C ILE B 210 16.39 -11.84 1.25
N CYS B 211 15.49 -12.00 2.24
CA CYS B 211 15.55 -13.07 3.25
C CYS B 211 15.50 -14.46 2.64
N PHE B 212 14.68 -14.63 1.62
CA PHE B 212 14.51 -15.94 1.04
C PHE B 212 15.62 -16.34 0.06
N ARG B 213 15.85 -15.52 -0.97
CA ARG B 213 16.81 -15.74 -2.06
C ARG B 213 18.27 -15.48 -1.72
N THR B 214 18.55 -14.41 -0.95
CA THR B 214 19.92 -14.02 -0.65
C THR B 214 20.37 -14.52 0.71
N LEU B 215 19.57 -14.34 1.76
CA LEU B 215 19.98 -14.82 3.09
C LEU B 215 19.68 -16.30 3.31
N LYS B 216 19.02 -16.94 2.30
CA LYS B 216 18.62 -18.36 2.28
C LYS B 216 17.90 -18.79 3.58
N LEU B 217 16.91 -17.98 4.00
CA LEU B 217 16.02 -18.24 5.14
C LEU B 217 14.74 -18.75 4.53
N THR B 218 14.45 -20.00 4.83
CA THR B 218 13.32 -20.78 4.33
C THR B 218 11.98 -20.24 4.83
N THR B 219 11.93 -19.94 6.15
CA THR B 219 10.76 -19.38 6.80
C THR B 219 11.16 -18.07 7.51
N PRO B 220 11.27 -16.96 6.73
CA PRO B 220 11.64 -15.68 7.36
C PRO B 220 10.56 -15.19 8.34
N THR B 221 10.99 -14.57 9.43
CA THR B 221 10.14 -13.99 10.46
C THR B 221 10.13 -12.44 10.33
N TYR B 222 9.29 -11.76 11.10
CA TYR B 222 9.27 -10.32 11.09
C TYR B 222 10.63 -9.76 11.54
N GLY B 223 11.24 -10.37 12.58
CA GLY B 223 12.55 -10.02 13.09
C GLY B 223 13.65 -10.15 12.06
N ASP B 224 13.47 -11.04 11.08
CA ASP B 224 14.45 -11.20 10.00
C ASP B 224 14.41 -10.02 9.04
N LEU B 225 13.19 -9.57 8.72
CA LEU B 225 12.86 -8.45 7.84
C LEU B 225 13.34 -7.17 8.52
N ASN B 226 13.01 -7.03 9.81
CA ASN B 226 13.33 -5.89 10.68
C ASN B 226 14.82 -5.68 10.85
N HIS B 227 15.60 -6.76 10.82
CA HIS B 227 17.07 -6.76 10.81
C HIS B 227 17.60 -5.95 9.60
N LEU B 228 17.04 -6.18 8.40
CA LEU B 228 17.39 -5.39 7.20
C LEU B 228 16.86 -3.94 7.33
N VAL B 229 15.67 -3.76 7.95
CA VAL B 229 15.11 -2.42 8.16
C VAL B 229 15.99 -1.60 9.14
N SER B 230 16.40 -2.20 10.27
CA SER B 230 17.26 -1.51 11.25
C SER B 230 18.65 -1.16 10.66
N ALA B 231 19.19 -2.00 9.78
CA ALA B 231 20.45 -1.75 9.08
C ALA B 231 20.27 -0.53 8.14
N THR B 232 19.17 -0.53 7.36
CA THR B 232 18.81 0.56 6.46
C THR B 232 18.61 1.87 7.18
N MET B 233 17.92 1.84 8.34
CA MET B 233 17.65 3.03 9.15
C MET B 233 18.90 3.60 9.77
N SER B 234 19.82 2.73 10.17
CA SER B 234 21.09 3.13 10.76
C SER B 234 21.96 3.83 9.69
N GLY B 235 21.97 3.28 8.48
CA GLY B 235 22.72 3.80 7.35
C GLY B 235 22.21 5.10 6.77
N VAL B 236 20.88 5.22 6.56
CA VAL B 236 20.26 6.44 5.98
C VAL B 236 20.28 7.64 6.94
N THR B 237 20.50 7.42 8.25
CA THR B 237 20.54 8.50 9.26
C THR B 237 21.94 8.87 9.72
N THR B 238 22.98 8.11 9.30
CA THR B 238 24.39 8.30 9.65
C THR B 238 24.80 9.75 9.58
N CYS B 239 24.62 10.39 8.40
CA CYS B 239 24.96 11.79 8.12
C CYS B 239 24.36 12.80 9.07
N LEU B 240 23.26 12.42 9.74
CA LEU B 240 22.53 13.27 10.69
C LEU B 240 23.07 13.11 12.10
N ARG B 241 23.69 11.97 12.41
CA ARG B 241 24.15 11.58 13.74
C ARG B 241 25.66 11.73 13.96
N PHE B 242 26.45 11.72 12.87
CA PHE B 242 27.89 11.83 13.00
C PHE B 242 28.46 13.03 12.25
N PRO B 243 29.59 13.63 12.75
CA PRO B 243 30.19 14.79 12.07
C PRO B 243 30.41 14.55 10.57
N GLY B 244 30.05 15.54 9.76
CA GLY B 244 30.15 15.43 8.32
C GLY B 244 29.70 16.61 7.51
N GLN B 245 30.06 16.58 6.23
CA GLN B 245 29.83 17.66 5.26
C GLN B 245 28.53 17.56 4.46
N LEU B 246 28.28 16.37 3.88
CA LEU B 246 27.14 16.06 3.06
C LEU B 246 25.98 15.61 3.89
N ASN B 247 24.76 16.06 3.50
CA ASN B 247 23.44 15.72 4.05
C ASN B 247 23.38 15.60 5.56
N ALA B 248 24.10 16.48 6.31
CA ALA B 248 24.18 16.44 7.77
C ALA B 248 22.90 16.87 8.49
N ASP B 249 21.92 17.40 7.73
CA ASP B 249 20.61 17.75 8.25
C ASP B 249 19.48 17.38 7.29
N LEU B 250 18.27 17.22 7.83
CA LEU B 250 17.10 16.83 7.05
C LEU B 250 16.86 17.75 5.85
N ARG B 251 16.92 19.10 6.04
CA ARG B 251 16.73 20.07 4.96
C ARG B 251 17.76 19.96 3.85
N LYS B 252 19.06 19.91 4.18
CA LYS B 252 20.11 19.76 3.17
C LYS B 252 19.94 18.48 2.35
N LEU B 253 19.50 17.40 3.01
CA LEU B 253 19.19 16.12 2.36
C LEU B 253 18.09 16.28 1.31
N ALA B 254 16.96 16.93 1.69
CA ALA B 254 15.80 17.20 0.84
C ALA B 254 16.12 18.07 -0.37
N VAL B 255 16.97 19.08 -0.18
CA VAL B 255 17.39 19.95 -1.26
C VAL B 255 18.25 19.19 -2.28
N ASN B 256 19.05 18.21 -1.80
CA ASN B 256 19.86 17.38 -2.69
C ASN B 256 19.11 16.23 -3.37
N MET B 257 18.05 15.73 -2.72
CA MET B 257 17.30 14.57 -3.17
C MET B 257 15.97 14.82 -3.84
N VAL B 258 15.34 16.01 -3.63
CA VAL B 258 13.99 16.25 -4.13
C VAL B 258 13.95 17.34 -5.25
N PRO B 259 14.06 16.96 -6.54
CA PRO B 259 14.00 17.98 -7.62
C PRO B 259 12.59 18.55 -7.83
N PHE B 260 11.59 17.69 -7.59
CA PHE B 260 10.17 18.00 -7.73
C PHE B 260 9.49 17.60 -6.43
N PRO B 261 8.62 18.48 -5.86
CA PRO B 261 8.09 18.25 -4.49
C PRO B 261 7.30 16.96 -4.24
N ARG B 262 6.60 16.40 -5.24
CA ARG B 262 5.86 15.15 -5.06
C ARG B 262 6.82 13.96 -5.22
N LEU B 263 7.93 14.13 -5.96
CA LEU B 263 8.91 13.06 -6.21
C LEU B 263 9.97 12.96 -5.10
N HIS B 264 9.53 12.52 -3.91
CA HIS B 264 10.30 12.42 -2.67
C HIS B 264 10.25 11.02 -2.02
N PHE B 265 10.08 9.98 -2.85
CA PHE B 265 10.00 8.60 -2.40
C PHE B 265 11.31 7.92 -2.77
N PHE B 266 12.10 7.54 -1.73
CA PHE B 266 13.43 6.98 -1.90
C PHE B 266 13.48 5.51 -1.80
N MET B 267 14.30 4.93 -2.66
CA MET B 267 14.57 3.52 -2.81
C MET B 267 15.85 3.30 -2.01
N PRO B 268 15.79 2.81 -0.75
CA PRO B 268 17.05 2.59 0.00
C PRO B 268 17.74 1.29 -0.44
N GLY B 269 19.07 1.26 -0.34
CA GLY B 269 19.91 0.11 -0.65
C GLY B 269 20.94 -0.18 0.43
N PHE B 270 21.44 -1.42 0.50
CA PHE B 270 22.41 -1.81 1.55
C PHE B 270 23.31 -2.98 1.16
N ALA B 271 24.59 -2.87 1.55
CA ALA B 271 25.66 -3.85 1.32
C ALA B 271 26.65 -3.85 2.51
N PRO B 272 27.01 -5.00 3.12
CA PRO B 272 26.54 -6.35 2.79
C PRO B 272 25.20 -6.69 3.40
N LEU B 273 24.41 -7.48 2.67
CA LEU B 273 23.15 -7.99 3.20
C LEU B 273 23.50 -9.15 4.15
N THR B 274 23.01 -9.08 5.40
CA THR B 274 23.28 -10.05 6.46
C THR B 274 22.00 -10.51 7.16
N SER B 275 22.07 -11.72 7.77
CA SER B 275 21.09 -12.39 8.65
C SER B 275 21.72 -12.35 10.04
N ARG B 276 20.91 -12.31 11.09
CA ARG B 276 21.32 -12.17 12.52
C ARG B 276 22.36 -13.21 13.09
N GLY B 277 22.79 -14.19 12.28
CA GLY B 277 23.79 -15.19 12.65
C GLY B 277 24.99 -15.21 11.73
N TYR B 281 33.14 -11.98 9.75
CA TYR B 281 34.41 -12.66 9.45
C TYR B 281 35.08 -11.97 8.27
N ARG B 282 34.54 -12.28 7.09
CA ARG B 282 34.93 -11.93 5.73
C ARG B 282 34.56 -10.48 5.33
N ALA B 283 35.51 -9.53 5.46
CA ALA B 283 35.29 -8.12 5.09
C ALA B 283 35.10 -7.89 3.57
N LEU B 284 34.34 -6.83 3.22
CA LEU B 284 34.05 -6.47 1.84
C LEU B 284 35.00 -5.39 1.37
N THR B 285 35.48 -5.51 0.12
CA THR B 285 36.36 -4.50 -0.48
C THR B 285 35.49 -3.30 -0.91
N VAL B 286 36.09 -2.08 -1.03
CA VAL B 286 35.40 -0.89 -1.52
C VAL B 286 34.72 -1.21 -2.89
N PRO B 287 35.37 -1.90 -3.88
CA PRO B 287 34.64 -2.26 -5.11
C PRO B 287 33.39 -3.14 -4.94
N GLU B 288 33.38 -4.03 -3.94
CA GLU B 288 32.27 -4.95 -3.66
C GLU B 288 31.08 -4.21 -3.11
N LEU B 289 31.32 -3.34 -2.11
CA LEU B 289 30.34 -2.45 -1.48
C LEU B 289 29.63 -1.60 -2.54
N THR B 290 30.38 -1.11 -3.53
CA THR B 290 29.86 -0.28 -4.61
C THR B 290 29.04 -1.09 -5.62
N GLN B 291 29.48 -2.31 -5.99
CA GLN B 291 28.70 -3.11 -6.94
C GLN B 291 27.37 -3.50 -6.27
N GLN B 292 27.46 -3.98 -5.01
CA GLN B 292 26.34 -4.45 -4.22
C GLN B 292 25.27 -3.36 -3.93
N MET B 293 25.61 -2.20 -3.26
CA MET B 293 24.65 -1.12 -2.92
C MET B 293 23.75 -0.63 -4.12
N PHE B 294 24.28 -0.67 -5.37
CA PHE B 294 23.62 -0.29 -6.62
C PHE B 294 22.92 -1.46 -7.34
N ASP B 295 23.06 -2.68 -6.79
CA ASP B 295 22.47 -3.89 -7.36
C ASP B 295 21.00 -4.05 -6.87
N SER B 296 20.10 -4.43 -7.82
CA SER B 296 18.65 -4.67 -7.62
C SER B 296 18.40 -5.52 -6.38
N LYS B 297 19.21 -6.57 -6.18
CA LYS B 297 19.14 -7.52 -5.08
C LYS B 297 19.38 -6.89 -3.71
N ASN B 298 19.91 -5.67 -3.67
CA ASN B 298 20.26 -4.99 -2.42
C ASN B 298 19.30 -3.86 -2.05
N MET B 299 18.33 -3.59 -2.96
CA MET B 299 17.28 -2.57 -2.82
C MET B 299 16.20 -3.00 -1.82
N MET B 300 15.75 -2.05 -0.98
CA MET B 300 14.76 -2.27 0.07
C MET B 300 13.32 -2.05 -0.44
N ALA B 301 13.18 -1.78 -1.74
CA ALA B 301 11.97 -1.55 -2.48
C ALA B 301 12.06 -2.45 -3.73
N ALA B 302 11.03 -3.29 -3.96
CA ALA B 302 10.96 -4.27 -5.07
C ALA B 302 10.79 -3.63 -6.45
N CYS B 303 11.80 -2.84 -6.84
CA CYS B 303 11.91 -2.12 -8.12
C CYS B 303 13.26 -2.40 -8.71
N ASP B 304 13.29 -2.53 -10.04
CA ASP B 304 14.49 -2.73 -10.82
C ASP B 304 14.98 -1.34 -11.22
N PRO B 305 16.11 -0.86 -10.62
CA PRO B 305 16.63 0.47 -10.95
C PRO B 305 16.95 0.65 -12.43
N ARG B 306 17.32 -0.48 -13.11
CA ARG B 306 17.65 -0.55 -14.53
C ARG B 306 16.45 -0.33 -15.45
N HIS B 307 15.25 -0.25 -14.85
CA HIS B 307 14.00 0.00 -15.58
C HIS B 307 13.67 1.49 -15.59
N GLY B 308 14.46 2.26 -14.83
CA GLY B 308 14.27 3.70 -14.72
C GLY B 308 15.57 4.46 -14.74
N ARG B 309 15.50 5.74 -14.38
CA ARG B 309 16.64 6.64 -14.30
C ARG B 309 16.68 7.24 -12.90
N TYR B 310 17.88 7.43 -12.38
CA TYR B 310 18.10 8.08 -11.09
C TYR B 310 18.02 9.58 -11.29
N LEU B 311 17.20 10.22 -10.49
CA LEU B 311 17.08 11.65 -10.51
C LEU B 311 18.21 12.19 -9.61
N THR B 312 18.39 11.57 -8.44
CA THR B 312 19.40 11.91 -7.43
C THR B 312 19.80 10.63 -6.68
N VAL B 313 21.07 10.57 -6.17
CA VAL B 313 21.62 9.46 -5.37
C VAL B 313 22.49 10.03 -4.22
N ALA B 314 22.35 9.46 -3.04
CA ALA B 314 23.18 9.68 -1.88
C ALA B 314 23.79 8.29 -1.54
N ALA B 315 25.14 8.21 -1.39
CA ALA B 315 25.90 7.00 -1.05
C ALA B 315 26.68 7.22 0.25
N VAL B 316 26.45 6.41 1.28
CA VAL B 316 27.13 6.54 2.58
C VAL B 316 28.00 5.30 2.80
N PHE B 317 29.30 5.51 3.01
CA PHE B 317 30.26 4.42 3.26
C PHE B 317 30.67 4.48 4.72
N ARG B 318 30.50 3.37 5.47
CA ARG B 318 30.87 3.33 6.89
C ARG B 318 32.06 2.41 7.21
N GLY B 319 33.01 2.91 7.98
CA GLY B 319 34.20 2.16 8.37
C GLY B 319 35.51 2.84 7.97
N ARG B 320 36.62 2.09 8.09
CA ARG B 320 37.97 2.57 7.79
C ARG B 320 38.39 2.06 6.43
N MET B 321 38.30 2.92 5.42
CA MET B 321 38.65 2.59 4.05
C MET B 321 39.38 3.76 3.33
N SER B 322 39.70 3.53 2.04
CA SER B 322 40.35 4.51 1.19
C SER B 322 39.32 5.47 0.62
N MET B 323 39.49 6.77 0.94
CA MET B 323 38.63 7.80 0.38
C MET B 323 38.92 7.96 -1.11
N LYS B 324 40.16 7.61 -1.56
CA LYS B 324 40.56 7.64 -2.96
C LYS B 324 39.79 6.56 -3.73
N GLU B 325 39.76 5.35 -3.18
CA GLU B 325 39.12 4.18 -3.77
C GLU B 325 37.60 4.32 -3.74
N VAL B 326 37.05 4.90 -2.65
CA VAL B 326 35.60 5.15 -2.57
C VAL B 326 35.22 6.02 -3.76
N ASP B 327 35.95 7.17 -3.92
CA ASP B 327 35.83 8.15 -5.00
C ASP B 327 36.03 7.51 -6.35
N GLU B 328 37.00 6.60 -6.48
CA GLU B 328 37.34 5.88 -7.72
C GLU B 328 36.17 5.02 -8.15
N GLN B 329 35.68 4.18 -7.23
CA GLN B 329 34.56 3.25 -7.46
C GLN B 329 33.23 3.94 -7.69
N MET B 330 32.99 5.06 -6.97
CA MET B 330 31.77 5.87 -7.13
C MET B 330 31.72 6.53 -8.51
N LEU B 331 32.88 7.02 -8.98
CA LEU B 331 33.02 7.62 -10.29
C LEU B 331 32.96 6.53 -11.35
N ASN B 332 33.53 5.34 -11.06
CA ASN B 332 33.53 4.22 -11.99
C ASN B 332 32.09 3.77 -12.27
N VAL B 333 31.26 3.64 -11.21
CA VAL B 333 29.83 3.26 -11.28
C VAL B 333 29.00 4.23 -12.19
N GLN B 334 29.21 5.56 -11.99
CA GLN B 334 28.55 6.63 -12.73
C GLN B 334 28.99 6.68 -14.19
N ASN B 335 30.30 6.49 -14.42
CA ASN B 335 30.89 6.55 -15.74
C ASN B 335 30.64 5.27 -16.55
N LYS B 336 30.43 4.11 -15.87
CA LYS B 336 30.14 2.84 -16.52
C LYS B 336 28.66 2.65 -16.89
N ASN B 337 27.75 3.39 -16.23
CA ASN B 337 26.31 3.24 -16.43
C ASN B 337 25.59 4.59 -16.59
N SER B 338 26.30 5.63 -17.10
CA SER B 338 25.82 7.01 -17.28
C SER B 338 24.39 7.18 -17.84
N SER B 339 23.86 6.20 -18.61
CA SER B 339 22.49 6.24 -19.17
C SER B 339 21.40 6.15 -18.08
N TYR B 340 21.71 5.51 -16.93
CA TYR B 340 20.78 5.35 -15.81
C TYR B 340 20.71 6.57 -14.87
N PHE B 341 21.38 7.67 -15.22
CA PHE B 341 21.42 8.89 -14.45
C PHE B 341 21.03 10.02 -15.34
N VAL B 342 19.91 10.70 -15.04
CA VAL B 342 19.44 11.83 -15.83
C VAL B 342 20.58 12.86 -16.08
N GLU B 343 20.73 13.25 -17.34
CA GLU B 343 21.76 14.20 -17.80
C GLU B 343 21.42 15.64 -17.44
N TRP B 344 20.13 15.91 -17.23
CA TRP B 344 19.57 17.22 -16.92
C TRP B 344 19.67 17.59 -15.42
N ILE B 345 20.19 16.67 -14.59
CA ILE B 345 20.56 16.91 -13.19
C ILE B 345 22.08 16.59 -13.11
N PRO B 346 22.96 17.57 -13.45
CA PRO B 346 24.40 17.29 -13.42
C PRO B 346 24.86 16.99 -12.00
N ASN B 347 25.82 16.04 -11.86
CA ASN B 347 26.49 15.59 -10.63
C ASN B 347 25.52 15.25 -9.50
N ASN B 348 24.50 14.44 -9.84
CA ASN B 348 23.36 14.01 -9.00
C ASN B 348 23.70 12.94 -7.95
N VAL B 349 24.88 12.32 -8.07
CA VAL B 349 25.35 11.38 -7.06
C VAL B 349 26.34 12.09 -6.11
N LYS B 350 25.97 12.18 -4.82
CA LYS B 350 26.76 12.77 -3.73
C LYS B 350 27.12 11.65 -2.71
N THR B 351 28.40 11.61 -2.28
CA THR B 351 28.96 10.55 -1.42
C THR B 351 29.49 11.06 -0.09
N ALA B 352 29.25 10.30 0.98
CA ALA B 352 29.72 10.58 2.32
C ALA B 352 30.47 9.37 2.82
N VAL B 353 31.49 9.59 3.64
CA VAL B 353 32.26 8.51 4.26
C VAL B 353 32.31 8.77 5.76
N CYS B 354 31.86 7.81 6.59
CA CYS B 354 31.89 7.90 8.05
C CYS B 354 32.78 6.82 8.64
N ASP B 355 33.73 7.20 9.52
CA ASP B 355 34.73 6.32 10.12
C ASP B 355 34.19 5.17 10.99
N ILE B 356 33.05 5.38 11.68
CA ILE B 356 32.43 4.38 12.57
C ILE B 356 31.55 3.42 11.76
N PRO B 357 31.84 2.11 11.74
CA PRO B 357 30.95 1.18 11.01
C PRO B 357 29.75 0.71 11.89
N PRO B 358 28.80 -0.09 11.35
CA PRO B 358 27.75 -0.63 12.24
C PRO B 358 28.29 -1.79 13.11
N ARG B 359 27.45 -2.38 13.99
CA ARG B 359 27.87 -3.52 14.84
C ARG B 359 28.15 -4.72 13.98
N GLY B 360 29.23 -5.43 14.29
CA GLY B 360 29.64 -6.66 13.61
C GLY B 360 30.06 -6.56 12.16
N LEU B 361 30.14 -5.33 11.62
CA LEU B 361 30.60 -5.08 10.25
C LEU B 361 31.84 -4.24 10.31
N LYS B 362 32.87 -4.62 9.52
CA LYS B 362 34.13 -3.87 9.44
C LYS B 362 33.86 -2.70 8.49
N MET B 363 33.06 -2.97 7.43
CA MET B 363 32.61 -1.95 6.51
C MET B 363 31.32 -2.31 5.78
N SER B 364 30.47 -1.26 5.60
CA SER B 364 29.19 -1.25 4.93
C SER B 364 29.01 -0.04 4.00
N ALA B 365 27.95 -0.11 3.20
CA ALA B 365 27.57 0.95 2.30
C ALA B 365 26.03 1.03 2.27
N THR B 366 25.51 2.23 2.48
CA THR B 366 24.07 2.48 2.38
C THR B 366 23.85 3.38 1.19
N PHE B 367 22.94 2.97 0.32
CA PHE B 367 22.49 3.72 -0.84
C PHE B 367 21.10 4.37 -0.53
N ILE B 368 20.81 5.57 -1.08
CA ILE B 368 19.51 6.25 -1.00
C ILE B 368 19.24 6.75 -2.44
N GLY B 369 18.27 6.22 -3.14
CA GLY B 369 18.08 6.67 -4.51
C GLY B 369 16.72 7.26 -4.83
N ASN B 370 16.69 8.41 -5.53
CA ASN B 370 15.43 8.93 -6.03
C ASN B 370 15.33 8.50 -7.50
N SER B 371 15.03 7.20 -7.71
CA SER B 371 14.91 6.58 -9.03
C SER B 371 13.46 6.65 -9.49
N THR B 372 13.23 6.85 -10.80
CA THR B 372 11.87 6.84 -11.38
C THR B 372 11.28 5.40 -11.35
N ALA B 373 12.13 4.38 -11.03
CA ALA B 373 11.74 2.97 -10.98
C ALA B 373 10.82 2.64 -9.80
N ILE B 374 10.67 3.58 -8.86
CA ILE B 374 9.76 3.49 -7.69
C ILE B 374 8.28 3.42 -8.16
N GLN B 375 8.00 3.91 -9.39
CA GLN B 375 6.68 3.86 -10.01
C GLN B 375 6.17 2.41 -10.08
N GLU B 376 7.08 1.41 -10.10
CA GLU B 376 6.78 -0.02 -10.17
C GLU B 376 6.08 -0.50 -8.94
N LEU B 377 6.48 0.05 -7.77
CA LEU B 377 5.93 -0.26 -6.44
C LEU B 377 4.55 0.34 -6.38
N PHE B 378 4.42 1.58 -6.85
CA PHE B 378 3.15 2.28 -6.89
C PHE B 378 2.18 1.67 -7.90
N LYS B 379 2.68 1.09 -9.02
CA LYS B 379 1.84 0.44 -10.02
C LYS B 379 1.26 -0.84 -9.46
N ARG B 380 2.03 -1.51 -8.56
CA ARG B 380 1.67 -2.75 -7.90
C ARG B 380 0.49 -2.56 -6.94
N ILE B 381 0.63 -1.67 -5.94
CA ILE B 381 -0.40 -1.27 -4.97
C ILE B 381 -1.65 -0.78 -5.73
N SER B 382 -1.46 -0.05 -6.84
CA SER B 382 -2.51 0.47 -7.74
C SER B 382 -3.27 -0.67 -8.45
N GLU B 383 -2.55 -1.71 -8.95
CA GLU B 383 -3.16 -2.86 -9.61
C GLU B 383 -4.10 -3.59 -8.65
N GLN B 384 -3.61 -3.88 -7.41
CA GLN B 384 -4.35 -4.53 -6.32
C GLN B 384 -5.58 -3.68 -5.85
N PHE B 385 -5.41 -2.36 -5.68
CA PHE B 385 -6.47 -1.42 -5.28
C PHE B 385 -7.62 -1.39 -6.31
N THR B 386 -7.27 -1.15 -7.58
CA THR B 386 -8.24 -1.07 -8.68
C THR B 386 -9.02 -2.37 -8.82
N ALA B 387 -8.37 -3.54 -8.63
CA ALA B 387 -9.06 -4.83 -8.76
C ALA B 387 -10.24 -4.98 -7.79
N MET B 388 -10.12 -4.45 -6.56
CA MET B 388 -11.17 -4.53 -5.56
C MET B 388 -12.15 -3.36 -5.72
N PHE B 389 -11.61 -2.14 -5.87
CA PHE B 389 -12.38 -0.90 -6.01
C PHE B 389 -13.27 -0.88 -7.25
N ARG B 390 -12.90 -1.52 -8.39
N ARG B 390 -12.87 -1.56 -8.34
CA ARG B 390 -13.80 -1.50 -9.55
CA ARG B 390 -13.61 -1.74 -9.60
C ARG B 390 -15.09 -2.31 -9.27
C ARG B 390 -15.00 -2.33 -9.30
N ARG B 391 -15.04 -3.23 -8.28
CA ARG B 391 -16.23 -3.97 -7.82
C ARG B 391 -16.73 -3.49 -6.45
N LYS B 392 -16.12 -2.41 -5.89
CA LYS B 392 -16.40 -1.77 -4.60
C LYS B 392 -16.29 -2.72 -3.39
N ALA B 393 -15.55 -3.83 -3.55
CA ALA B 393 -15.36 -4.88 -2.56
C ALA B 393 -14.63 -4.43 -1.28
N PHE B 394 -15.17 -4.79 -0.11
CA PHE B 394 -14.67 -4.50 1.25
C PHE B 394 -14.81 -3.00 1.64
N LEU B 395 -15.53 -2.20 0.82
CA LEU B 395 -15.73 -0.77 1.13
C LEU B 395 -16.60 -0.49 2.34
N HIS B 396 -17.53 -1.39 2.68
CA HIS B 396 -18.46 -1.23 3.82
C HIS B 396 -17.71 -1.00 5.13
N TRP B 397 -16.49 -1.51 5.23
CA TRP B 397 -15.62 -1.42 6.40
C TRP B 397 -15.18 0.00 6.59
N TYR B 398 -15.15 0.76 5.48
CA TYR B 398 -14.71 2.14 5.36
C TYR B 398 -15.86 3.10 5.41
N THR B 399 -16.92 2.82 4.66
CA THR B 399 -18.13 3.63 4.64
C THR B 399 -18.88 3.53 5.98
N GLY B 400 -18.73 2.41 6.70
CA GLY B 400 -19.29 2.22 8.04
C GLY B 400 -18.60 3.09 9.07
N GLU B 401 -17.54 3.81 8.64
CA GLU B 401 -16.74 4.71 9.47
C GLU B 401 -16.90 6.16 9.04
N GLY B 402 -17.80 6.37 8.08
CA GLY B 402 -18.14 7.70 7.59
C GLY B 402 -17.51 8.12 6.28
N MET B 403 -16.59 7.29 5.73
CA MET B 403 -15.92 7.65 4.47
C MET B 403 -16.83 7.47 3.26
N ASP B 404 -16.49 8.16 2.16
CA ASP B 404 -17.21 8.05 0.90
C ASP B 404 -16.27 7.51 -0.21
N GLU B 405 -16.86 6.88 -1.23
CA GLU B 405 -16.18 6.39 -2.44
C GLU B 405 -15.28 7.46 -3.06
N MET B 406 -15.67 8.74 -2.94
CA MET B 406 -14.95 9.92 -3.44
C MET B 406 -13.47 9.98 -2.98
N GLU B 407 -13.21 9.75 -1.67
CA GLU B 407 -11.89 9.73 -1.04
C GLU B 407 -10.98 8.69 -1.67
N PHE B 408 -11.58 7.54 -1.98
CA PHE B 408 -10.97 6.41 -2.63
C PHE B 408 -10.63 6.73 -4.09
N THR B 409 -11.55 7.40 -4.84
CA THR B 409 -11.36 7.80 -6.24
C THR B 409 -10.25 8.85 -6.31
N GLU B 410 -10.21 9.75 -5.33
CA GLU B 410 -9.21 10.81 -5.22
C GLU B 410 -7.82 10.26 -4.95
N ALA B 411 -7.72 9.31 -3.99
CA ALA B 411 -6.48 8.66 -3.57
C ALA B 411 -5.92 7.93 -4.76
N GLU B 412 -6.80 7.16 -5.46
CA GLU B 412 -6.51 6.37 -6.65
C GLU B 412 -5.91 7.28 -7.71
N SER B 413 -6.54 8.43 -7.99
CA SER B 413 -6.09 9.44 -8.94
C SER B 413 -4.72 10.01 -8.61
N ASN B 414 -4.49 10.48 -7.37
CA ASN B 414 -3.23 11.07 -6.95
C ASN B 414 -2.03 10.16 -7.14
N MET B 415 -2.21 8.85 -6.83
CA MET B 415 -1.16 7.85 -6.96
C MET B 415 -0.90 7.52 -8.39
N ASN B 416 -1.97 7.46 -9.21
CA ASN B 416 -1.85 7.27 -10.66
C ASN B 416 -1.15 8.46 -11.29
N ASP B 417 -1.42 9.69 -10.79
CA ASP B 417 -0.77 10.93 -11.26
C ASP B 417 0.73 10.93 -10.92
N LEU B 418 1.07 10.43 -9.72
CA LEU B 418 2.43 10.32 -9.22
C LEU B 418 3.23 9.36 -10.09
N VAL B 419 2.61 8.25 -10.52
CA VAL B 419 3.23 7.25 -11.43
C VAL B 419 3.49 7.90 -12.81
N SER B 420 2.55 8.76 -13.24
CA SER B 420 2.61 9.51 -14.51
C SER B 420 3.74 10.52 -14.47
N GLU B 421 3.96 11.15 -13.31
CA GLU B 421 5.04 12.11 -13.10
C GLU B 421 6.40 11.42 -13.17
N TYR B 422 6.54 10.25 -12.52
CA TYR B 422 7.78 9.51 -12.51
C TYR B 422 8.12 9.08 -13.94
N GLN B 423 7.10 8.77 -14.77
CA GLN B 423 7.30 8.42 -16.18
C GLN B 423 7.76 9.65 -17.01
N GLN B 424 7.14 10.81 -16.76
CA GLN B 424 7.46 12.10 -17.36
C GLN B 424 8.99 12.30 -17.37
N TYR B 425 9.62 12.19 -16.18
CA TYR B 425 11.04 12.41 -15.98
C TYR B 425 11.91 11.22 -16.36
N GLN B 426 11.29 10.07 -16.65
CA GLN B 426 12.05 8.91 -17.12
C GLN B 426 12.26 9.06 -18.62
N ASP B 427 11.30 9.69 -19.30
CA ASP B 427 11.32 9.93 -20.75
C ASP B 427 11.83 11.35 -21.11
N ALA B 428 12.21 12.15 -20.09
CA ALA B 428 12.74 13.51 -20.27
C ALA B 428 14.24 13.45 -20.65
N THR B 429 14.60 14.27 -21.66
CA THR B 429 15.94 14.40 -22.25
C THR B 429 16.43 15.83 -22.11
N ALA B 430 17.75 16.05 -22.17
CA ALA B 430 18.34 17.38 -22.09
C ALA B 430 18.47 18.01 -23.47
N MET C 1 -11.15 -7.38 29.15
CA MET C 1 -11.52 -6.72 27.90
C MET C 1 -11.84 -7.71 26.78
N ARG C 2 -12.67 -7.27 25.79
CA ARG C 2 -13.09 -8.01 24.59
C ARG C 2 -13.98 -9.22 24.92
N GLU C 3 -14.91 -9.06 25.85
CA GLU C 3 -15.86 -10.09 26.27
C GLU C 3 -16.92 -10.33 25.21
N CYS C 4 -17.36 -11.59 25.11
CA CYS C 4 -18.39 -12.04 24.20
C CYS C 4 -19.48 -12.73 24.99
N ILE C 5 -20.71 -12.35 24.70
CA ILE C 5 -21.87 -12.96 25.32
C ILE C 5 -22.45 -13.97 24.34
N SER C 6 -22.68 -15.20 24.82
CA SER C 6 -23.27 -16.24 24.00
C SER C 6 -24.80 -16.34 24.28
N ILE C 7 -25.63 -16.41 23.23
CA ILE C 7 -27.08 -16.56 23.40
C ILE C 7 -27.60 -17.81 22.70
N HIS C 8 -28.08 -18.79 23.52
CA HIS C 8 -28.56 -20.10 23.10
C HIS C 8 -30.08 -20.15 23.07
N VAL C 9 -30.63 -20.08 21.84
CA VAL C 9 -32.07 -19.97 21.58
C VAL C 9 -32.70 -21.27 21.05
N GLY C 10 -33.74 -21.75 21.75
CA GLY C 10 -34.49 -22.96 21.41
C GLY C 10 -33.72 -24.22 21.73
N GLN C 11 -34.33 -25.40 21.48
CA GLN C 11 -33.71 -26.68 21.73
C GLN C 11 -32.34 -26.83 21.04
N ALA C 12 -32.26 -26.61 19.70
CA ALA C 12 -31.00 -26.72 18.95
C ALA C 12 -29.92 -25.85 19.59
N GLY C 13 -30.25 -24.58 19.76
CA GLY C 13 -29.39 -23.59 20.37
C GLY C 13 -28.94 -23.93 21.76
N VAL C 14 -29.83 -24.48 22.58
CA VAL C 14 -29.53 -24.85 23.98
C VAL C 14 -28.64 -26.08 24.05
N GLN C 15 -29.03 -27.15 23.33
CA GLN C 15 -28.28 -28.41 23.30
C GLN C 15 -26.91 -28.23 22.71
N ILE C 16 -26.74 -27.35 21.72
CA ILE C 16 -25.40 -27.06 21.18
C ILE C 16 -24.55 -26.29 22.24
N GLY C 17 -25.18 -25.34 22.95
CA GLY C 17 -24.58 -24.57 24.05
C GLY C 17 -24.04 -25.46 25.15
N ASN C 18 -24.79 -26.50 25.51
CA ASN C 18 -24.42 -27.51 26.51
C ASN C 18 -23.11 -28.20 26.16
N ALA C 19 -23.00 -28.64 24.88
CA ALA C 19 -21.88 -29.30 24.25
C ALA C 19 -20.70 -28.36 24.20
N CYS C 20 -20.91 -27.11 23.73
CA CYS C 20 -19.89 -26.06 23.61
C CYS C 20 -19.32 -25.67 24.96
N TRP C 21 -20.19 -25.35 25.92
CA TRP C 21 -19.72 -24.98 27.25
C TRP C 21 -19.01 -26.14 27.94
N GLU C 22 -19.51 -27.37 27.78
CA GLU C 22 -18.90 -28.57 28.34
C GLU C 22 -17.46 -28.68 27.84
N LEU C 23 -17.25 -28.48 26.51
CA LEU C 23 -15.97 -28.51 25.84
C LEU C 23 -15.03 -27.36 26.23
N TYR C 24 -15.52 -26.11 26.40
CA TYR C 24 -14.67 -24.98 26.80
C TYR C 24 -14.04 -25.24 28.20
N CYS C 25 -14.87 -25.75 29.14
CA CYS C 25 -14.46 -26.15 30.50
C CYS C 25 -13.30 -27.13 30.44
N LEU C 26 -13.41 -28.13 29.56
CA LEU C 26 -12.40 -29.15 29.38
C LEU C 26 -11.13 -28.57 28.82
N GLU C 27 -11.26 -27.56 27.97
CA GLU C 27 -10.11 -26.94 27.35
C GLU C 27 -9.41 -25.98 28.29
N HIS C 28 -10.16 -25.32 29.18
CA HIS C 28 -9.54 -24.38 30.11
C HIS C 28 -9.24 -24.96 31.52
N GLY C 29 -9.63 -26.20 31.80
CA GLY C 29 -9.44 -26.81 33.11
C GLY C 29 -10.44 -26.34 34.15
N ILE C 30 -11.69 -26.05 33.71
CA ILE C 30 -12.79 -25.60 34.56
C ILE C 30 -13.66 -26.82 34.95
N GLN C 31 -13.77 -27.07 36.27
CA GLN C 31 -14.50 -28.17 36.89
C GLN C 31 -16.03 -27.95 36.76
N PRO C 32 -16.89 -29.03 36.75
CA PRO C 32 -18.36 -28.84 36.63
C PRO C 32 -19.04 -27.88 37.63
N ASP C 33 -18.29 -27.48 38.70
CA ASP C 33 -18.76 -26.53 39.72
C ASP C 33 -18.26 -25.08 39.43
N GLY C 34 -17.53 -24.91 38.33
CA GLY C 34 -16.98 -23.63 37.90
C GLY C 34 -15.59 -23.30 38.40
N GLN C 35 -14.98 -24.17 39.22
CA GLN C 35 -13.64 -23.93 39.77
C GLN C 35 -12.52 -24.23 38.75
N MET C 36 -11.50 -23.36 38.69
CA MET C 36 -10.37 -23.52 37.81
C MET C 36 -9.03 -23.41 38.60
N PRO C 37 -8.45 -24.56 39.07
CA PRO C 37 -7.18 -24.51 39.83
C PRO C 37 -6.01 -23.80 39.11
N SER C 38 -5.94 -23.94 37.77
CA SER C 38 -4.96 -23.30 36.86
C SER C 38 -4.94 -21.76 36.98
N ASP C 39 -6.08 -21.12 37.29
CA ASP C 39 -6.19 -19.68 37.43
C ASP C 39 -5.75 -19.18 38.83
N LYS C 40 -4.64 -18.43 38.88
CA LYS C 40 -4.10 -17.85 40.12
C LYS C 40 -4.78 -16.52 40.46
N THR C 41 -5.30 -15.80 39.43
CA THR C 41 -6.02 -14.54 39.60
C THR C 41 -7.43 -14.87 40.06
N ILE C 42 -7.65 -14.87 41.39
CA ILE C 42 -8.95 -15.18 42.00
C ILE C 42 -9.82 -13.92 42.00
N GLY C 43 -11.10 -14.09 41.71
CA GLY C 43 -12.06 -12.99 41.68
C GLY C 43 -12.11 -12.24 40.36
N GLY C 44 -11.10 -12.47 39.53
CA GLY C 44 -10.97 -11.88 38.21
C GLY C 44 -9.55 -11.70 37.72
N GLY C 45 -9.43 -11.57 36.39
CA GLY C 45 -8.18 -11.37 35.67
C GLY C 45 -8.44 -10.84 34.27
N ASP C 46 -7.37 -10.69 33.47
CA ASP C 46 -7.37 -10.18 32.07
C ASP C 46 -7.04 -11.29 31.05
N ASP C 47 -7.05 -12.57 31.51
CA ASP C 47 -6.72 -13.77 30.73
C ASP C 47 -7.64 -13.96 29.52
N SER C 48 -7.14 -14.69 28.52
CA SER C 48 -7.88 -14.87 27.28
C SER C 48 -9.20 -15.62 27.46
N PHE C 49 -9.30 -16.56 28.42
CA PHE C 49 -10.55 -17.30 28.69
C PHE C 49 -11.63 -16.40 29.29
N ASN C 50 -11.22 -15.22 29.79
CA ASN C 50 -12.13 -14.26 30.41
C ASN C 50 -13.05 -13.55 29.40
N THR C 51 -12.80 -13.74 28.10
CA THR C 51 -13.68 -13.21 27.03
C THR C 51 -15.02 -13.99 27.09
N PHE C 52 -14.94 -15.27 27.53
CA PHE C 52 -16.08 -16.19 27.62
C PHE C 52 -16.54 -16.51 29.05
N PHE C 53 -15.64 -16.38 30.04
CA PHE C 53 -15.97 -16.68 31.45
C PHE C 53 -15.73 -15.52 32.40
N SER C 54 -16.75 -15.20 33.21
CA SER C 54 -16.67 -14.18 34.26
C SER C 54 -16.17 -14.89 35.52
N GLU C 55 -15.64 -14.12 36.44
CA GLU C 55 -15.10 -14.69 37.68
C GLU C 55 -15.77 -14.10 38.90
N THR C 56 -16.15 -14.97 39.85
CA THR C 56 -16.73 -14.60 41.15
C THR C 56 -15.59 -14.54 42.16
N GLY C 57 -15.80 -13.81 43.25
CA GLY C 57 -14.83 -13.70 44.34
C GLY C 57 -14.43 -15.06 44.90
N ALA C 58 -15.42 -15.98 44.97
CA ALA C 58 -15.29 -17.37 45.40
C ALA C 58 -14.32 -18.23 44.53
N GLY C 59 -14.22 -17.90 43.24
CA GLY C 59 -13.34 -18.63 42.31
C GLY C 59 -14.05 -19.41 41.23
N LYS C 60 -15.37 -19.19 41.09
CA LYS C 60 -16.23 -19.81 40.09
C LYS C 60 -16.12 -18.99 38.79
N HIS C 61 -15.86 -19.70 37.69
CA HIS C 61 -15.72 -19.21 36.33
C HIS C 61 -17.08 -19.48 35.71
N VAL C 62 -17.84 -18.39 35.51
CA VAL C 62 -19.21 -18.42 35.02
C VAL C 62 -19.32 -18.07 33.54
N PRO C 63 -19.91 -18.95 32.70
CA PRO C 63 -20.09 -18.62 31.28
C PRO C 63 -20.84 -17.30 31.09
N ARG C 64 -20.40 -16.47 30.12
CA ARG C 64 -21.07 -15.23 29.71
C ARG C 64 -22.09 -15.70 28.68
N ALA C 65 -23.17 -16.30 29.19
CA ALA C 65 -24.18 -16.97 28.41
C ALA C 65 -25.59 -16.82 28.93
N VAL C 66 -26.56 -16.79 28.01
CA VAL C 66 -28.00 -16.80 28.33
C VAL C 66 -28.57 -17.93 27.51
N PHE C 67 -29.37 -18.81 28.13
CA PHE C 67 -30.05 -19.90 27.45
C PHE C 67 -31.52 -19.55 27.47
N VAL C 68 -32.16 -19.45 26.29
CA VAL C 68 -33.59 -19.14 26.12
C VAL C 68 -34.32 -20.21 25.29
N ASP C 69 -35.48 -20.63 25.76
CA ASP C 69 -36.43 -21.51 25.05
C ASP C 69 -37.80 -21.15 25.60
N LEU C 70 -38.80 -21.23 24.74
CA LEU C 70 -40.17 -20.90 25.11
C LEU C 70 -40.85 -22.04 25.91
N GLU C 71 -40.12 -23.14 26.16
CA GLU C 71 -40.59 -24.29 26.94
C GLU C 71 -39.52 -24.78 27.97
N PRO C 72 -39.95 -25.30 29.15
CA PRO C 72 -38.95 -25.68 30.17
C PRO C 72 -38.13 -26.93 29.94
N THR C 73 -38.70 -27.99 29.32
CA THR C 73 -38.12 -29.35 29.28
C THR C 73 -36.63 -29.43 28.82
N VAL C 74 -36.20 -28.64 27.83
CA VAL C 74 -34.81 -28.73 27.36
C VAL C 74 -33.83 -28.02 28.34
N ILE C 75 -34.13 -26.77 28.76
CA ILE C 75 -33.32 -26.01 29.73
C ILE C 75 -33.33 -26.69 31.11
N ASP C 76 -34.45 -27.36 31.48
CA ASP C 76 -34.58 -28.08 32.76
C ASP C 76 -33.49 -29.13 32.94
N GLU C 77 -33.07 -29.75 31.82
CA GLU C 77 -32.00 -30.74 31.81
C GLU C 77 -30.62 -30.13 32.14
N VAL C 78 -30.41 -28.81 31.82
CA VAL C 78 -29.19 -28.02 32.08
C VAL C 78 -29.15 -27.71 33.59
N ARG C 79 -30.31 -27.26 34.15
CA ARG C 79 -30.59 -26.92 35.56
C ARG C 79 -30.28 -28.07 36.50
N THR C 80 -30.56 -29.33 36.06
CA THR C 80 -30.37 -30.58 36.79
C THR C 80 -29.03 -31.30 36.47
N GLY C 81 -28.56 -31.17 35.22
CA GLY C 81 -27.34 -31.79 34.70
C GLY C 81 -26.04 -31.51 35.42
N THR C 82 -24.96 -32.14 34.93
CA THR C 82 -23.57 -32.06 35.43
C THR C 82 -23.09 -30.62 35.69
N TYR C 83 -23.50 -29.68 34.82
CA TYR C 83 -23.03 -28.32 34.90
C TYR C 83 -24.06 -27.35 35.51
N ARG C 84 -24.98 -27.88 36.35
CA ARG C 84 -25.98 -27.06 37.04
C ARG C 84 -25.36 -25.97 37.95
N GLN C 85 -24.15 -26.25 38.49
CA GLN C 85 -23.42 -25.34 39.38
C GLN C 85 -22.59 -24.31 38.58
N LEU C 86 -22.48 -24.50 37.26
CA LEU C 86 -21.68 -23.64 36.38
C LEU C 86 -22.37 -22.33 36.11
N PHE C 87 -23.70 -22.38 35.96
CA PHE C 87 -24.58 -21.25 35.66
C PHE C 87 -25.40 -20.75 36.84
N HIS C 88 -25.72 -19.43 36.85
N HIS C 88 -25.71 -19.44 36.83
CA HIS C 88 -26.57 -18.80 37.85
CA HIS C 88 -26.56 -18.77 37.82
C HIS C 88 -28.02 -19.02 37.37
C HIS C 88 -28.01 -19.02 37.36
N PRO C 89 -29.00 -19.29 38.25
CA PRO C 89 -30.39 -19.56 37.78
C PRO C 89 -30.99 -18.56 36.79
N GLU C 90 -30.64 -17.28 36.95
CA GLU C 90 -31.07 -16.13 36.14
C GLU C 90 -30.58 -16.17 34.67
N GLN C 91 -29.58 -17.02 34.35
CA GLN C 91 -29.03 -17.17 32.98
C GLN C 91 -29.84 -18.18 32.17
N LEU C 92 -30.68 -18.99 32.85
CA LEU C 92 -31.49 -20.03 32.24
C LEU C 92 -32.96 -19.58 32.24
N ILE C 93 -33.45 -19.13 31.06
CA ILE C 93 -34.79 -18.56 30.84
C ILE C 93 -35.77 -19.47 30.06
N THR C 94 -36.88 -19.87 30.71
CA THR C 94 -37.93 -20.68 30.07
C THR C 94 -39.31 -20.04 30.11
N GLY C 95 -40.11 -20.35 29.09
CA GLY C 95 -41.52 -19.98 29.01
C GLY C 95 -42.28 -21.21 29.45
N LYS C 96 -43.59 -21.29 29.15
CA LYS C 96 -44.38 -22.46 29.51
C LYS C 96 -44.90 -23.22 28.29
N GLU C 97 -45.15 -22.50 27.20
CA GLU C 97 -45.72 -22.97 25.94
C GLU C 97 -44.72 -22.59 24.86
N ASP C 98 -44.32 -23.52 23.99
CA ASP C 98 -43.37 -23.20 22.92
C ASP C 98 -44.04 -22.53 21.69
N ALA C 99 -43.27 -22.30 20.63
CA ALA C 99 -43.75 -21.65 19.43
C ALA C 99 -44.34 -22.60 18.41
N ALA C 100 -44.41 -23.91 18.74
CA ALA C 100 -45.05 -24.98 17.96
C ALA C 100 -44.69 -24.99 16.49
N ASN C 101 -43.36 -24.92 16.23
CA ASN C 101 -42.69 -24.86 14.93
C ASN C 101 -43.22 -23.76 14.03
N ASN C 102 -43.61 -22.64 14.65
CA ASN C 102 -44.20 -21.49 13.98
C ASN C 102 -43.44 -20.20 14.28
N TYR C 103 -42.80 -19.65 13.25
CA TYR C 103 -42.06 -18.39 13.29
C TYR C 103 -42.87 -17.30 13.97
N ALA C 104 -44.16 -17.14 13.56
CA ALA C 104 -45.07 -16.13 14.07
C ALA C 104 -45.29 -16.21 15.57
N ARG C 105 -45.27 -17.41 16.15
CA ARG C 105 -45.45 -17.59 17.59
C ARG C 105 -44.23 -17.20 18.36
N GLY C 106 -43.05 -17.60 17.86
CA GLY C 106 -41.78 -17.23 18.48
C GLY C 106 -41.45 -15.75 18.32
N HIS C 107 -41.77 -15.18 17.17
CA HIS C 107 -41.48 -13.77 16.94
C HIS C 107 -42.46 -12.87 17.67
N TYR C 108 -43.78 -13.15 17.52
CA TYR C 108 -44.87 -12.35 18.03
C TYR C 108 -45.54 -12.93 19.29
N THR C 109 -46.62 -13.72 19.09
CA THR C 109 -47.49 -14.32 20.09
C THR C 109 -46.83 -14.65 21.42
N ILE C 110 -46.04 -15.73 21.44
CA ILE C 110 -45.39 -16.23 22.65
C ILE C 110 -44.15 -15.41 23.01
N GLY C 111 -43.30 -15.14 22.01
CA GLY C 111 -42.04 -14.43 22.14
C GLY C 111 -42.10 -13.04 22.73
N LYS C 112 -43.19 -12.28 22.43
CA LYS C 112 -43.40 -10.91 22.93
C LYS C 112 -43.52 -10.85 24.45
N GLU C 113 -43.94 -11.95 25.05
CA GLU C 113 -44.13 -12.06 26.48
C GLU C 113 -42.82 -12.27 27.28
N ILE C 114 -41.79 -12.84 26.65
CA ILE C 114 -40.52 -13.16 27.31
C ILE C 114 -39.34 -12.26 26.86
N ILE C 115 -39.50 -11.51 25.75
CA ILE C 115 -38.43 -10.70 25.16
C ILE C 115 -37.74 -9.73 26.19
N ASP C 116 -38.50 -8.93 26.93
CA ASP C 116 -37.92 -7.98 27.87
C ASP C 116 -37.21 -8.65 29.01
N LEU C 117 -37.69 -9.81 29.45
CA LEU C 117 -36.98 -10.55 30.50
C LEU C 117 -35.57 -11.00 30.00
N VAL C 118 -35.49 -11.45 28.74
CA VAL C 118 -34.27 -11.91 28.08
C VAL C 118 -33.30 -10.73 27.93
N LEU C 119 -33.84 -9.58 27.51
CA LEU C 119 -33.02 -8.38 27.35
C LEU C 119 -32.40 -7.90 28.66
N ASP C 120 -33.16 -7.97 29.76
CA ASP C 120 -32.71 -7.60 31.11
C ASP C 120 -31.50 -8.41 31.51
N ARG C 121 -31.58 -9.75 31.33
CA ARG C 121 -30.50 -10.66 31.69
C ARG C 121 -29.28 -10.48 30.80
N ILE C 122 -29.48 -10.20 29.48
CA ILE C 122 -28.37 -9.87 28.57
C ILE C 122 -27.70 -8.61 29.10
N ARG C 123 -28.51 -7.58 29.45
CA ARG C 123 -28.05 -6.30 30.03
C ARG C 123 -27.24 -6.54 31.32
N LYS C 124 -27.71 -7.43 32.18
CA LYS C 124 -26.99 -7.75 33.43
C LYS C 124 -25.58 -8.27 33.14
N LEU C 125 -25.45 -9.19 32.16
CA LEU C 125 -24.18 -9.76 31.68
C LEU C 125 -23.34 -8.68 31.03
N ALA C 126 -23.95 -7.82 30.17
CA ALA C 126 -23.30 -6.72 29.47
C ALA C 126 -22.61 -5.77 30.48
N ASP C 127 -23.34 -5.44 31.55
CA ASP C 127 -22.88 -4.57 32.63
C ASP C 127 -21.64 -5.09 33.35
N GLN C 128 -21.37 -6.43 33.38
CA GLN C 128 -20.17 -7.01 33.98
C GLN C 128 -18.95 -6.99 33.03
N CYS C 129 -19.12 -6.59 31.75
CA CYS C 129 -18.05 -6.51 30.73
C CYS C 129 -17.37 -5.18 30.80
N THR C 130 -16.02 -5.21 30.78
CA THR C 130 -15.22 -3.99 30.75
C THR C 130 -15.12 -3.43 29.32
N GLY C 131 -15.29 -4.30 28.32
CA GLY C 131 -15.22 -3.91 26.93
C GLY C 131 -15.87 -4.91 26.00
N LEU C 132 -17.21 -5.00 26.04
CA LEU C 132 -18.01 -5.90 25.22
C LEU C 132 -17.69 -5.82 23.73
N GLN C 133 -17.33 -6.97 23.13
CA GLN C 133 -17.03 -7.08 21.70
C GLN C 133 -18.34 -7.31 20.97
N GLY C 134 -19.09 -8.31 21.39
CA GLY C 134 -20.38 -8.58 20.77
C GLY C 134 -21.01 -9.89 21.21
N PHE C 135 -21.94 -10.39 20.40
CA PHE C 135 -22.73 -11.59 20.67
C PHE C 135 -22.51 -12.74 19.68
N LEU C 136 -22.80 -13.97 20.16
CA LEU C 136 -22.73 -15.25 19.44
C LEU C 136 -24.13 -15.87 19.63
N VAL C 137 -24.90 -15.97 18.58
CA VAL C 137 -26.27 -16.47 18.67
C VAL C 137 -26.39 -17.84 18.00
N PHE C 138 -26.77 -18.82 18.81
CA PHE C 138 -26.97 -20.23 18.50
C PHE C 138 -28.49 -20.49 18.45
N HIS C 139 -28.96 -20.98 17.31
CA HIS C 139 -30.37 -21.25 17.06
C HIS C 139 -30.54 -22.14 15.83
N SER C 140 -31.71 -22.72 15.67
CA SER C 140 -32.04 -23.50 14.49
C SER C 140 -32.84 -22.57 13.51
N PHE C 141 -32.89 -22.94 12.23
CA PHE C 141 -33.67 -22.22 11.22
C PHE C 141 -35.13 -22.66 11.23
N GLY C 142 -35.36 -23.96 11.54
CA GLY C 142 -36.63 -24.64 11.46
C GLY C 142 -37.65 -24.52 12.57
N GLY C 143 -37.19 -24.40 13.82
CA GLY C 143 -38.09 -24.31 14.97
C GLY C 143 -38.73 -22.95 15.07
N GLY C 144 -39.83 -22.86 15.81
CA GLY C 144 -40.53 -21.60 16.00
C GLY C 144 -39.78 -20.62 16.88
N THR C 145 -39.13 -21.09 17.96
CA THR C 145 -38.31 -20.27 18.88
C THR C 145 -36.99 -19.89 18.13
N GLY C 146 -36.31 -20.92 17.59
CA GLY C 146 -35.07 -20.84 16.84
C GLY C 146 -35.15 -19.85 15.69
N SER C 147 -36.33 -19.76 15.04
CA SER C 147 -36.49 -18.84 13.92
C SER C 147 -37.08 -17.47 14.34
N GLY C 148 -38.31 -17.45 14.84
CA GLY C 148 -38.98 -16.24 15.28
C GLY C 148 -38.41 -15.50 16.47
N PHE C 149 -38.08 -16.22 17.57
CA PHE C 149 -37.52 -15.54 18.73
C PHE C 149 -36.14 -14.97 18.45
N THR C 150 -35.25 -15.71 17.75
CA THR C 150 -33.93 -15.19 17.34
C THR C 150 -34.09 -13.90 16.54
N SER C 151 -35.00 -13.86 15.55
CA SER C 151 -35.29 -12.69 14.70
C SER C 151 -35.56 -11.49 15.54
N LEU C 152 -36.59 -11.58 16.40
CA LEU C 152 -37.02 -10.60 17.39
C LEU C 152 -35.86 -10.16 18.29
N LEU C 153 -35.08 -11.12 18.80
CA LEU C 153 -33.96 -10.79 19.68
C LEU C 153 -32.88 -10.04 18.95
N MET C 154 -32.62 -10.40 17.67
CA MET C 154 -31.60 -9.77 16.84
C MET C 154 -31.93 -8.30 16.61
N GLU C 155 -33.21 -8.04 16.23
CA GLU C 155 -33.77 -6.72 15.95
C GLU C 155 -33.64 -5.84 17.18
N ARG C 156 -33.96 -6.39 18.35
CA ARG C 156 -33.89 -5.75 19.64
C ARG C 156 -32.47 -5.51 20.04
N LEU C 157 -31.55 -6.44 19.74
CA LEU C 157 -30.12 -6.24 20.06
C LEU C 157 -29.49 -5.13 19.21
N SER C 158 -29.95 -4.93 17.96
CA SER C 158 -29.47 -3.86 17.09
C SER C 158 -29.90 -2.51 17.66
N VAL C 159 -31.15 -2.43 18.14
CA VAL C 159 -31.70 -1.23 18.79
C VAL C 159 -30.97 -0.90 20.11
N ASP C 160 -30.73 -1.92 20.94
CA ASP C 160 -30.14 -1.79 22.26
C ASP C 160 -28.65 -1.68 22.29
N TYR C 161 -27.93 -2.20 21.27
CA TYR C 161 -26.46 -2.24 21.28
C TYR C 161 -25.79 -1.56 20.10
N GLY C 162 -26.59 -1.13 19.13
CA GLY C 162 -26.04 -0.43 17.98
C GLY C 162 -25.39 -1.41 17.03
N LYS C 163 -24.21 -1.06 16.48
CA LYS C 163 -23.59 -1.96 15.51
C LYS C 163 -22.48 -2.87 16.13
N LYS C 164 -22.61 -3.13 17.46
CA LYS C 164 -21.82 -4.07 18.26
C LYS C 164 -22.03 -5.45 17.62
N SER C 165 -20.94 -6.19 17.37
CA SER C 165 -20.90 -7.47 16.63
C SER C 165 -21.94 -8.50 17.04
N LYS C 166 -22.65 -9.04 16.06
CA LYS C 166 -23.67 -10.06 16.23
C LYS C 166 -23.35 -11.15 15.22
N LEU C 167 -22.87 -12.27 15.75
CA LEU C 167 -22.46 -13.45 14.99
C LEU C 167 -23.48 -14.55 15.25
N GLU C 168 -23.70 -15.43 14.28
CA GLU C 168 -24.63 -16.55 14.50
C GLU C 168 -24.08 -17.85 14.05
N PHE C 169 -24.54 -18.92 14.70
CA PHE C 169 -24.33 -20.33 14.40
C PHE C 169 -25.77 -20.83 14.22
N SER C 170 -26.19 -20.92 12.95
CA SER C 170 -27.56 -21.29 12.57
C SER C 170 -27.67 -22.72 12.07
N ILE C 171 -28.55 -23.52 12.67
CA ILE C 171 -28.75 -24.89 12.23
C ILE C 171 -29.71 -24.96 11.04
N TYR C 172 -29.16 -25.40 9.91
CA TYR C 172 -29.82 -25.54 8.62
C TYR C 172 -30.58 -26.88 8.59
N PRO C 173 -31.86 -26.88 8.12
CA PRO C 173 -32.68 -28.10 8.20
C PRO C 173 -32.35 -29.25 7.25
N ALA C 174 -32.44 -30.48 7.78
CA ALA C 174 -32.20 -31.71 7.04
C ALA C 174 -33.27 -32.78 7.33
N PRO C 175 -33.89 -33.37 6.26
CA PRO C 175 -34.96 -34.38 6.43
C PRO C 175 -34.76 -35.51 7.45
N GLN C 176 -33.52 -36.00 7.57
CA GLN C 176 -33.06 -37.08 8.46
C GLN C 176 -33.30 -36.80 9.94
N VAL C 177 -33.30 -35.52 10.32
CA VAL C 177 -33.49 -35.07 11.71
C VAL C 177 -34.53 -33.94 11.78
N SER C 178 -35.24 -33.67 10.65
CA SER C 178 -36.28 -32.63 10.53
C SER C 178 -37.51 -32.94 11.40
N THR C 179 -37.94 -31.93 12.18
CA THR C 179 -39.10 -32.03 13.11
C THR C 179 -40.46 -31.54 12.52
N ALA C 180 -40.42 -30.65 11.49
CA ALA C 180 -41.62 -30.04 10.90
C ALA C 180 -41.57 -29.86 9.39
N VAL C 181 -42.73 -29.96 8.75
CA VAL C 181 -42.87 -29.77 7.32
C VAL C 181 -42.70 -28.27 6.95
N VAL C 182 -42.97 -27.34 7.89
CA VAL C 182 -42.91 -25.89 7.69
C VAL C 182 -41.53 -25.27 7.96
N GLU C 183 -40.48 -26.12 8.16
CA GLU C 183 -39.11 -25.64 8.37
C GLU C 183 -38.63 -24.70 7.22
N PRO C 184 -38.92 -24.98 5.90
CA PRO C 184 -38.52 -24.02 4.83
C PRO C 184 -39.12 -22.61 4.94
N TYR C 185 -40.30 -22.46 5.55
CA TYR C 185 -40.96 -21.17 5.75
C TYR C 185 -40.25 -20.44 6.88
N ASN C 186 -40.02 -21.15 7.99
CA ASN C 186 -39.36 -20.60 9.15
C ASN C 186 -37.93 -20.16 8.86
N SER C 187 -37.21 -20.90 8.00
CA SER C 187 -35.83 -20.65 7.57
C SER C 187 -35.75 -19.39 6.75
N ILE C 188 -36.69 -19.21 5.76
CA ILE C 188 -36.73 -18.05 4.87
C ILE C 188 -37.18 -16.82 5.67
N LEU C 189 -38.14 -17.01 6.60
CA LEU C 189 -38.61 -15.89 7.40
C LEU C 189 -37.50 -15.36 8.31
N THR C 190 -36.79 -16.26 9.02
CA THR C 190 -35.70 -15.84 9.91
C THR C 190 -34.51 -15.23 9.13
N THR C 191 -34.17 -15.78 7.95
CA THR C 191 -33.05 -15.32 7.14
C THR C 191 -33.28 -13.89 6.67
N HIS C 192 -34.50 -13.59 6.25
CA HIS C 192 -34.87 -12.28 5.78
C HIS C 192 -34.77 -11.22 6.87
N THR C 193 -35.43 -11.47 8.00
CA THR C 193 -35.53 -10.59 9.16
C THR C 193 -34.19 -10.32 9.80
N THR C 194 -33.35 -11.36 9.86
CA THR C 194 -32.04 -11.34 10.51
C THR C 194 -30.90 -10.82 9.61
N LEU C 195 -31.08 -10.85 8.29
CA LEU C 195 -30.03 -10.50 7.34
C LEU C 195 -29.33 -9.19 7.69
N GLU C 196 -30.10 -8.10 7.89
CA GLU C 196 -29.64 -6.75 8.22
C GLU C 196 -29.02 -6.66 9.62
N HIS C 197 -29.39 -7.60 10.50
CA HIS C 197 -29.02 -7.58 11.92
C HIS C 197 -27.87 -8.51 12.33
N SER C 198 -27.21 -9.18 11.34
CA SER C 198 -26.10 -10.07 11.60
C SER C 198 -24.91 -9.64 10.80
N ASP C 199 -23.72 -9.73 11.42
CA ASP C 199 -22.47 -9.32 10.79
C ASP C 199 -21.74 -10.49 10.10
N CYS C 200 -22.03 -11.73 10.57
CA CYS C 200 -21.43 -12.98 10.11
C CYS C 200 -22.30 -14.11 10.61
N ALA C 201 -22.60 -15.09 9.75
CA ALA C 201 -23.43 -16.24 10.15
C ALA C 201 -22.81 -17.55 9.68
N PHE C 202 -22.51 -18.47 10.62
CA PHE C 202 -22.00 -19.80 10.30
C PHE C 202 -23.16 -20.80 10.28
N MET C 203 -23.61 -21.22 9.08
CA MET C 203 -24.67 -22.23 8.90
C MET C 203 -24.11 -23.62 9.10
N VAL C 204 -24.87 -24.50 9.72
CA VAL C 204 -24.49 -25.88 9.99
C VAL C 204 -25.64 -26.74 9.43
N ASP C 205 -25.40 -27.39 8.25
CA ASP C 205 -26.32 -28.30 7.57
C ASP C 205 -26.26 -29.53 8.40
N ASN C 206 -27.40 -29.89 8.97
CA ASN C 206 -27.60 -31.05 9.83
C ASN C 206 -27.35 -32.35 9.05
N GLU C 207 -27.57 -32.30 7.72
CA GLU C 207 -27.37 -33.41 6.80
C GLU C 207 -25.89 -33.62 6.62
N ALA C 208 -25.11 -32.52 6.54
CA ALA C 208 -23.66 -32.57 6.34
C ALA C 208 -23.01 -33.22 7.53
N ILE C 209 -23.39 -32.78 8.77
CA ILE C 209 -22.94 -33.32 10.10
C ILE C 209 -23.37 -34.77 10.26
N TYR C 210 -24.58 -35.10 9.78
CA TYR C 210 -25.16 -36.45 9.85
C TYR C 210 -24.27 -37.44 9.06
N ASP C 211 -23.92 -37.04 7.82
CA ASP C 211 -23.10 -37.77 6.88
C ASP C 211 -21.71 -37.97 7.42
N ILE C 212 -21.09 -36.92 8.01
CA ILE C 212 -19.76 -37.05 8.62
C ILE C 212 -19.77 -38.11 9.75
N CYS C 213 -20.70 -38.00 10.70
CA CYS C 213 -20.87 -38.97 11.78
C CYS C 213 -21.02 -40.42 11.25
N ARG C 214 -21.84 -40.61 10.20
CA ARG C 214 -22.09 -41.91 9.55
C ARG C 214 -20.84 -42.49 8.84
N ARG C 215 -20.22 -41.66 7.98
CA ARG C 215 -19.10 -41.95 7.10
C ARG C 215 -17.78 -41.98 7.89
N ASN C 216 -17.36 -40.86 8.49
CA ASN C 216 -16.09 -40.74 9.24
C ASN C 216 -16.06 -41.41 10.60
N LEU C 217 -17.16 -41.33 11.37
CA LEU C 217 -17.17 -41.91 12.71
C LEU C 217 -17.87 -43.30 12.79
N ASP C 218 -18.42 -43.79 11.66
CA ASP C 218 -19.12 -45.08 11.51
C ASP C 218 -20.20 -45.29 12.60
N ILE C 219 -21.18 -44.35 12.63
CA ILE C 219 -22.36 -44.29 13.52
C ILE C 219 -23.59 -44.55 12.64
N GLU C 220 -24.34 -45.65 12.91
CA GLU C 220 -25.54 -46.12 12.18
C GLU C 220 -26.61 -45.04 11.97
N ARG C 221 -27.19 -44.56 13.08
CA ARG C 221 -28.24 -43.53 13.09
C ARG C 221 -27.82 -42.47 14.11
N PRO C 222 -27.04 -41.45 13.65
CA PRO C 222 -26.53 -40.42 14.57
C PRO C 222 -27.61 -39.69 15.34
N THR C 223 -27.32 -39.46 16.61
CA THR C 223 -28.21 -38.72 17.52
C THR C 223 -27.77 -37.24 17.61
N TYR C 224 -28.64 -36.38 18.17
CA TYR C 224 -28.34 -34.96 18.36
C TYR C 224 -27.09 -34.83 19.22
N THR C 225 -26.88 -35.79 20.14
CA THR C 225 -25.71 -35.91 21.00
C THR C 225 -24.45 -36.00 20.16
N ASN C 226 -24.41 -36.96 19.21
CA ASN C 226 -23.32 -37.14 18.25
C ASN C 226 -23.11 -35.88 17.40
N LEU C 227 -24.23 -35.33 16.84
CA LEU C 227 -24.20 -34.11 16.04
C LEU C 227 -23.57 -32.94 16.82
N ASN C 228 -24.10 -32.63 18.01
CA ASN C 228 -23.66 -31.55 18.89
C ASN C 228 -22.20 -31.65 19.32
N ARG C 229 -21.69 -32.88 19.43
CA ARG C 229 -20.29 -33.16 19.78
C ARG C 229 -19.38 -32.74 18.61
N LEU C 230 -19.87 -32.90 17.36
CA LEU C 230 -19.10 -32.51 16.20
C LEU C 230 -19.21 -31.01 16.01
N ILE C 231 -20.41 -30.41 16.20
CA ILE C 231 -20.59 -28.95 16.16
C ILE C 231 -19.71 -28.28 17.26
N GLY C 232 -19.71 -28.83 18.48
CA GLY C 232 -18.89 -28.36 19.59
C GLY C 232 -17.45 -28.11 19.15
N GLN C 233 -16.90 -29.05 18.35
CA GLN C 233 -15.55 -29.00 17.80
C GLN C 233 -15.36 -27.88 16.77
N ILE C 234 -16.30 -27.72 15.83
CA ILE C 234 -16.22 -26.63 14.83
C ILE C 234 -16.32 -25.26 15.53
N VAL C 235 -17.32 -25.09 16.44
CA VAL C 235 -17.52 -23.85 17.21
C VAL C 235 -16.26 -23.50 18.01
N SER C 236 -15.68 -24.48 18.70
CA SER C 236 -14.46 -24.32 19.49
C SER C 236 -13.30 -23.83 18.64
N SER C 237 -13.18 -24.33 17.41
CA SER C 237 -12.12 -23.93 16.49
C SER C 237 -12.21 -22.45 16.14
N ILE C 238 -13.46 -21.96 15.86
CA ILE C 238 -13.77 -20.58 15.48
C ILE C 238 -13.63 -19.63 16.70
N THR C 239 -13.96 -20.08 17.92
CA THR C 239 -13.83 -19.26 19.15
C THR C 239 -12.48 -19.38 19.85
N ALA C 240 -11.64 -20.37 19.50
CA ALA C 240 -10.31 -20.59 20.09
C ALA C 240 -9.43 -19.35 19.96
N SER C 241 -9.59 -18.63 18.83
CA SER C 241 -8.89 -17.40 18.47
C SER C 241 -9.12 -16.32 19.53
N LEU C 242 -10.31 -16.36 20.15
CA LEU C 242 -10.80 -15.47 21.22
C LEU C 242 -10.51 -15.95 22.64
N ARG C 243 -10.51 -17.30 22.89
CA ARG C 243 -10.36 -17.88 24.23
C ARG C 243 -8.92 -18.19 24.62
N PHE C 244 -8.01 -18.20 23.65
CA PHE C 244 -6.59 -18.44 23.88
C PHE C 244 -5.72 -17.31 23.35
N ASP C 245 -4.47 -17.25 23.79
CA ASP C 245 -3.54 -16.26 23.28
C ASP C 245 -2.30 -16.94 22.77
N GLY C 246 -1.67 -16.31 21.81
CA GLY C 246 -0.46 -16.78 21.19
C GLY C 246 0.07 -15.83 20.15
N ALA C 247 1.32 -16.05 19.75
CA ALA C 247 2.02 -15.22 18.76
C ALA C 247 1.41 -15.33 17.38
N LEU C 248 0.93 -16.53 17.00
CA LEU C 248 0.41 -16.84 15.66
C LEU C 248 -1.10 -16.82 15.58
N ASN C 249 -1.71 -16.49 16.70
CA ASN C 249 -3.14 -16.38 16.90
C ASN C 249 -3.66 -15.14 16.18
N VAL C 250 -4.59 -15.34 15.27
CA VAL C 250 -5.24 -14.26 14.54
C VAL C 250 -6.68 -14.19 15.07
N ASP C 251 -7.14 -13.00 15.42
CA ASP C 251 -8.46 -12.78 15.99
C ASP C 251 -9.59 -13.06 15.00
N LEU C 252 -10.74 -13.55 15.49
CA LEU C 252 -11.92 -13.79 14.67
C LEU C 252 -12.35 -12.55 13.77
N THR C 253 -12.18 -11.32 14.30
CA THR C 253 -12.45 -10.07 13.57
C THR C 253 -11.60 -9.90 12.30
N GLU C 254 -10.32 -10.29 12.35
CA GLU C 254 -9.39 -10.22 11.23
C GLU C 254 -9.79 -11.20 10.15
N PHE C 255 -10.31 -12.37 10.54
CA PHE C 255 -10.84 -13.35 9.60
C PHE C 255 -12.08 -12.77 8.94
N GLN C 256 -12.98 -12.17 9.74
CA GLN C 256 -14.22 -11.53 9.31
C GLN C 256 -13.98 -10.43 8.29
N THR C 257 -12.95 -9.60 8.51
CA THR C 257 -12.57 -8.53 7.57
C THR C 257 -12.40 -9.10 6.14
N ASN C 258 -11.74 -10.26 6.03
CA ASN C 258 -11.48 -10.96 4.78
C ASN C 258 -12.69 -11.74 4.26
N LEU C 259 -13.50 -12.28 5.18
CA LEU C 259 -14.68 -13.08 4.88
C LEU C 259 -15.91 -12.29 4.42
N VAL C 260 -15.98 -10.99 4.71
CA VAL C 260 -17.18 -10.25 4.35
C VAL C 260 -16.88 -9.20 3.30
N PRO C 261 -17.06 -9.47 1.98
CA PRO C 261 -16.78 -8.42 0.98
C PRO C 261 -17.86 -7.36 0.89
N TYR C 262 -19.11 -7.79 1.12
CA TYR C 262 -20.29 -6.93 1.06
C TYR C 262 -21.09 -7.33 2.24
N PRO C 263 -21.84 -6.39 2.87
CA PRO C 263 -22.59 -6.78 4.10
C PRO C 263 -23.49 -8.01 3.97
N ARG C 264 -24.23 -8.18 2.85
CA ARG C 264 -25.14 -9.33 2.70
C ARG C 264 -24.40 -10.69 2.48
N ILE C 265 -23.16 -10.64 1.98
CA ILE C 265 -22.31 -11.80 1.69
C ILE C 265 -21.49 -12.11 2.96
N HIS C 266 -22.17 -12.58 4.02
CA HIS C 266 -21.59 -12.82 5.34
C HIS C 266 -21.82 -14.25 5.88
N PHE C 267 -21.95 -15.24 4.96
CA PHE C 267 -22.17 -16.64 5.26
C PHE C 267 -20.93 -17.49 4.93
N PRO C 268 -19.94 -17.69 5.84
CA PRO C 268 -18.76 -18.46 5.46
C PRO C 268 -18.95 -19.98 5.59
N LEU C 269 -18.29 -20.72 4.66
CA LEU C 269 -18.33 -22.17 4.69
C LEU C 269 -17.28 -22.68 5.65
N ALA C 270 -17.70 -23.53 6.59
CA ALA C 270 -16.81 -24.15 7.57
C ALA C 270 -16.48 -25.60 7.14
N THR C 271 -15.20 -25.95 7.17
CA THR C 271 -14.68 -27.26 6.80
C THR C 271 -13.75 -27.67 7.93
N TYR C 272 -13.99 -28.82 8.55
CA TYR C 272 -13.15 -29.26 9.66
C TYR C 272 -12.37 -30.53 9.36
N ALA C 273 -11.07 -30.58 9.75
CA ALA C 273 -10.21 -31.76 9.58
C ALA C 273 -9.21 -31.90 10.74
N PRO C 274 -8.99 -33.10 11.30
CA PRO C 274 -9.56 -34.40 10.95
C PRO C 274 -10.76 -34.83 11.77
N VAL C 275 -11.68 -35.54 11.14
CA VAL C 275 -12.81 -36.15 11.85
C VAL C 275 -12.57 -37.63 11.69
N ILE C 276 -12.00 -38.24 12.76
CA ILE C 276 -11.58 -39.63 12.68
C ILE C 276 -11.92 -40.41 13.95
N SER C 277 -12.14 -41.74 13.80
CA SER C 277 -12.47 -42.58 14.96
C SER C 277 -11.17 -43.02 15.65
N ALA C 278 -11.23 -43.34 16.96
CA ALA C 278 -10.12 -43.82 17.74
C ALA C 278 -9.47 -45.05 17.06
N GLU C 279 -10.31 -45.96 16.54
CA GLU C 279 -9.84 -47.16 15.82
C GLU C 279 -9.04 -46.77 14.60
N LYS C 280 -9.61 -45.87 13.76
CA LYS C 280 -9.00 -45.38 12.50
C LYS C 280 -7.78 -44.45 12.67
N ALA C 281 -7.56 -43.92 13.88
CA ALA C 281 -6.51 -42.98 14.26
C ALA C 281 -5.34 -43.63 14.96
N TYR C 282 -5.55 -44.87 15.47
CA TYR C 282 -4.53 -45.67 16.12
C TYR C 282 -3.45 -45.99 15.11
N HIS C 283 -2.19 -45.62 15.44
CA HIS C 283 -0.98 -45.81 14.60
C HIS C 283 -1.00 -45.00 13.23
N GLU C 284 -1.90 -44.00 13.08
CA GLU C 284 -1.98 -43.14 11.90
C GLU C 284 -2.06 -41.71 12.32
N GLN C 285 -0.92 -40.98 12.30
CA GLN C 285 -1.01 -39.55 12.57
C GLN C 285 -1.05 -38.77 11.24
N LEU C 286 -1.91 -37.75 11.20
CA LEU C 286 -2.12 -36.89 10.04
C LEU C 286 -1.33 -35.61 10.19
N SER C 287 -0.55 -35.29 9.15
CA SER C 287 0.30 -34.12 9.11
C SER C 287 -0.49 -32.84 8.79
N VAL C 288 0.19 -31.69 8.97
CA VAL C 288 -0.29 -30.35 8.66
C VAL C 288 -0.80 -30.32 7.19
N ALA C 289 -0.04 -30.92 6.28
CA ALA C 289 -0.35 -31.02 4.86
C ALA C 289 -1.57 -31.90 4.62
N GLU C 290 -1.68 -32.99 5.38
CA GLU C 290 -2.77 -33.95 5.27
C GLU C 290 -4.09 -33.30 5.68
N ILE C 291 -4.13 -32.69 6.89
CA ILE C 291 -5.32 -32.02 7.44
C ILE C 291 -5.74 -30.78 6.60
N THR C 292 -4.76 -30.05 6.03
CA THR C 292 -4.97 -28.88 5.18
C THR C 292 -5.70 -29.26 3.90
N ASN C 293 -5.23 -30.32 3.22
CA ASN C 293 -5.79 -30.84 1.98
C ASN C 293 -7.23 -31.35 2.16
N ALA C 294 -7.50 -31.90 3.34
CA ALA C 294 -8.79 -32.43 3.75
C ALA C 294 -9.86 -31.34 3.82
N CYS C 295 -9.44 -30.05 3.93
CA CYS C 295 -10.28 -28.86 3.94
C CYS C 295 -10.89 -28.57 2.59
N PHE C 296 -10.29 -29.07 1.53
CA PHE C 296 -10.72 -28.85 0.16
C PHE C 296 -11.40 -30.09 -0.38
N GLU C 297 -11.91 -30.88 0.57
CA GLU C 297 -12.65 -32.13 0.38
C GLU C 297 -14.10 -31.81 0.75
N PRO C 298 -15.06 -31.84 -0.20
CA PRO C 298 -16.46 -31.49 0.14
C PRO C 298 -17.13 -32.33 1.24
N ALA C 299 -16.54 -33.49 1.53
CA ALA C 299 -16.98 -34.44 2.54
C ALA C 299 -16.82 -33.92 3.95
N ASN C 300 -16.01 -32.87 4.14
CA ASN C 300 -15.68 -32.31 5.45
C ASN C 300 -16.32 -30.97 5.74
N GLN C 301 -17.18 -30.51 4.84
CA GLN C 301 -17.91 -29.26 4.94
C GLN C 301 -19.08 -29.33 5.92
N MET C 302 -19.42 -28.17 6.56
CA MET C 302 -20.55 -28.01 7.49
C MET C 302 -21.85 -27.80 6.76
N VAL C 303 -21.78 -27.45 5.45
CA VAL C 303 -22.90 -27.21 4.51
C VAL C 303 -22.59 -27.97 3.23
N LYS C 304 -23.59 -28.68 2.71
CA LYS C 304 -23.50 -29.45 1.47
C LYS C 304 -23.73 -28.50 0.33
N CYS C 305 -22.68 -28.34 -0.50
CA CYS C 305 -22.56 -27.47 -1.67
C CYS C 305 -21.24 -27.82 -2.36
N ASP C 306 -21.05 -27.44 -3.65
CA ASP C 306 -19.76 -27.65 -4.32
C ASP C 306 -18.98 -26.35 -4.57
N PRO C 307 -17.93 -26.11 -3.73
CA PRO C 307 -17.05 -24.95 -3.91
C PRO C 307 -16.14 -25.05 -5.14
N ARG C 308 -15.99 -26.28 -5.70
CA ARG C 308 -15.25 -26.57 -6.93
C ARG C 308 -16.04 -26.11 -8.15
N HIS C 309 -17.37 -25.86 -8.00
CA HIS C 309 -18.28 -25.35 -9.04
C HIS C 309 -18.66 -23.89 -8.77
N GLY C 310 -17.97 -23.32 -7.79
CA GLY C 310 -18.12 -21.93 -7.38
C GLY C 310 -16.78 -21.24 -7.39
N LYS C 311 -16.75 -20.00 -6.90
CA LYS C 311 -15.54 -19.18 -6.82
C LYS C 311 -15.30 -18.68 -5.43
N TYR C 312 -14.05 -18.73 -5.02
CA TYR C 312 -13.65 -18.21 -3.72
C TYR C 312 -13.54 -16.69 -3.68
N MET C 313 -13.90 -16.12 -2.52
CA MET C 313 -13.81 -14.71 -2.21
C MET C 313 -12.93 -14.53 -0.96
N ALA C 314 -12.46 -15.65 -0.35
CA ALA C 314 -11.56 -15.74 0.83
C ALA C 314 -11.38 -17.18 1.25
N CYS C 315 -10.24 -17.41 1.93
CA CYS C 315 -9.83 -18.64 2.57
C CYS C 315 -9.13 -18.30 3.83
N CYS C 316 -9.65 -18.80 4.93
CA CYS C 316 -9.03 -18.64 6.23
C CYS C 316 -8.76 -20.02 6.82
N LEU C 317 -7.54 -20.23 7.31
CA LEU C 317 -7.16 -21.49 7.96
C LEU C 317 -6.87 -21.26 9.43
N LEU C 318 -7.66 -21.89 10.28
CA LEU C 318 -7.57 -21.77 11.75
C LEU C 318 -7.00 -23.08 12.34
N TYR C 319 -5.67 -23.12 12.58
CA TYR C 319 -4.99 -24.31 13.11
C TYR C 319 -4.96 -24.41 14.60
N ARG C 320 -5.05 -25.65 15.06
CA ARG C 320 -5.04 -26.00 16.45
C ARG C 320 -4.00 -27.07 16.73
N GLY C 321 -3.16 -26.82 17.72
CA GLY C 321 -2.18 -27.79 18.22
C GLY C 321 -0.76 -27.69 17.73
N ASP C 322 -0.12 -28.87 17.53
CA ASP C 322 1.26 -29.02 17.07
C ASP C 322 1.37 -28.69 15.60
N VAL C 323 1.49 -27.39 15.31
CA VAL C 323 1.56 -26.82 13.97
C VAL C 323 2.59 -25.68 14.02
N VAL C 324 3.57 -25.69 13.08
CA VAL C 324 4.57 -24.63 12.96
C VAL C 324 4.41 -23.93 11.63
N PRO C 325 4.71 -22.61 11.56
CA PRO C 325 4.55 -21.88 10.28
C PRO C 325 5.16 -22.56 9.06
N LYS C 326 6.43 -23.03 9.16
CA LYS C 326 7.13 -23.70 8.07
C LYS C 326 6.25 -24.71 7.34
N ASP C 327 5.52 -25.55 8.11
CA ASP C 327 4.68 -26.59 7.55
C ASP C 327 3.39 -26.07 6.92
N VAL C 328 2.76 -25.07 7.57
CA VAL C 328 1.53 -24.42 7.09
C VAL C 328 1.82 -23.72 5.78
N ASN C 329 2.95 -22.97 5.75
CA ASN C 329 3.40 -22.23 4.57
C ASN C 329 3.62 -23.14 3.37
N ALA C 330 4.27 -24.28 3.61
CA ALA C 330 4.55 -25.29 2.60
C ALA C 330 3.27 -25.95 2.08
N ALA C 331 2.36 -26.35 2.99
CA ALA C 331 1.04 -26.95 2.67
C ALA C 331 0.22 -26.00 1.81
N ILE C 332 0.17 -24.68 2.17
CA ILE C 332 -0.55 -23.66 1.38
C ILE C 332 0.07 -23.54 -0.02
N ALA C 333 1.41 -23.39 -0.08
CA ALA C 333 2.17 -23.30 -1.33
C ALA C 333 1.81 -24.44 -2.32
N THR C 334 1.66 -25.67 -1.79
CA THR C 334 1.32 -26.88 -2.52
C THR C 334 -0.07 -26.78 -3.15
N ILE C 335 -1.10 -26.49 -2.36
CA ILE C 335 -2.50 -26.28 -2.77
C ILE C 335 -2.58 -25.20 -3.89
N LYS C 336 -1.83 -24.09 -3.70
CA LYS C 336 -1.72 -23.00 -4.67
C LYS C 336 -1.16 -23.50 -6.01
N THR C 337 0.07 -24.10 -6.03
CA THR C 337 0.67 -24.63 -7.27
C THR C 337 -0.19 -25.72 -7.89
N LYS C 338 -0.91 -26.49 -7.04
CA LYS C 338 -1.86 -27.53 -7.44
C LYS C 338 -3.09 -26.93 -8.18
N ARG C 339 -3.21 -25.55 -8.21
CA ARG C 339 -4.20 -24.68 -8.87
C ARG C 339 -5.67 -25.15 -8.81
N THR C 340 -6.06 -25.80 -7.71
CA THR C 340 -7.40 -26.36 -7.51
C THR C 340 -8.48 -25.34 -7.02
N ILE C 341 -8.05 -24.08 -6.74
CA ILE C 341 -8.89 -23.04 -6.14
C ILE C 341 -9.04 -21.81 -7.07
N GLN C 342 -10.25 -21.67 -7.63
CA GLN C 342 -10.55 -20.56 -8.51
C GLN C 342 -11.15 -19.47 -7.66
N PHE C 343 -10.62 -18.27 -7.80
CA PHE C 343 -10.99 -17.08 -7.07
C PHE C 343 -11.64 -16.07 -7.99
N VAL C 344 -12.48 -15.19 -7.42
CA VAL C 344 -13.10 -14.07 -8.13
C VAL C 344 -11.93 -13.17 -8.59
N ASP C 345 -12.12 -12.50 -9.73
CA ASP C 345 -11.05 -11.69 -10.31
C ASP C 345 -10.78 -10.40 -9.48
N TRP C 346 -11.78 -9.96 -8.71
CA TRP C 346 -11.71 -8.75 -7.91
C TRP C 346 -11.03 -8.92 -6.52
N CYS C 347 -10.54 -10.10 -6.15
CA CYS C 347 -9.95 -10.14 -4.82
C CYS C 347 -8.61 -10.92 -4.71
N PRO C 348 -7.76 -10.55 -3.70
CA PRO C 348 -6.47 -11.21 -3.52
C PRO C 348 -6.58 -12.68 -3.14
N THR C 349 -5.73 -13.52 -3.76
CA THR C 349 -5.75 -14.97 -3.56
C THR C 349 -5.04 -15.50 -2.26
N GLY C 350 -4.68 -14.62 -1.33
CA GLY C 350 -4.05 -15.03 -0.08
C GLY C 350 -4.92 -15.87 0.84
N PHE C 351 -4.26 -16.61 1.77
CA PHE C 351 -4.91 -17.47 2.75
C PHE C 351 -4.58 -16.91 4.08
N LYS C 352 -5.58 -16.47 4.85
CA LYS C 352 -5.32 -15.89 6.16
C LYS C 352 -5.23 -17.01 7.18
N VAL C 353 -4.10 -17.10 7.87
CA VAL C 353 -3.81 -18.18 8.83
C VAL C 353 -3.65 -17.73 10.29
N GLY C 354 -4.31 -18.47 11.18
CA GLY C 354 -4.20 -18.36 12.63
C GLY C 354 -3.78 -19.73 13.16
N ILE C 355 -3.10 -19.77 14.31
CA ILE C 355 -2.61 -20.98 14.96
C ILE C 355 -2.70 -20.79 16.46
N ASN C 356 -3.33 -21.76 17.18
CA ASN C 356 -3.33 -21.84 18.63
C ASN C 356 -2.67 -23.12 19.01
N TYR C 357 -1.78 -23.06 19.95
CA TYR C 357 -0.95 -24.19 20.31
C TYR C 357 -1.65 -25.26 21.14
N GLN C 358 -2.67 -24.86 21.94
N GLN C 358 -2.65 -24.86 21.93
CA GLN C 358 -3.48 -25.76 22.77
CA GLN C 358 -3.47 -25.72 22.77
C GLN C 358 -4.20 -26.74 21.83
C GLN C 358 -4.20 -26.73 21.84
N PRO C 359 -3.95 -28.07 21.94
CA PRO C 359 -4.57 -29.01 20.97
C PRO C 359 -6.07 -29.27 21.19
N PRO C 360 -6.77 -29.91 20.22
CA PRO C 360 -8.20 -30.12 20.43
C PRO C 360 -8.43 -31.13 21.53
N THR C 361 -9.33 -30.79 22.44
CA THR C 361 -9.67 -31.63 23.57
C THR C 361 -10.86 -32.43 23.12
N VAL C 362 -11.12 -33.57 23.77
CA VAL C 362 -12.28 -34.41 23.45
C VAL C 362 -13.06 -34.66 24.70
N VAL C 363 -14.39 -34.70 24.55
CA VAL C 363 -15.34 -34.97 25.61
C VAL C 363 -15.24 -36.46 25.93
N PRO C 364 -15.07 -36.86 27.21
CA PRO C 364 -14.99 -38.30 27.51
C PRO C 364 -16.27 -39.03 27.11
N GLY C 365 -16.10 -40.23 26.53
CA GLY C 365 -17.22 -41.04 26.03
C GLY C 365 -17.68 -40.56 24.68
N GLY C 366 -16.71 -40.09 23.90
CA GLY C 366 -16.91 -39.56 22.57
C GLY C 366 -16.56 -40.55 21.49
N ASP C 367 -16.93 -40.19 20.28
CA ASP C 367 -16.71 -40.95 19.07
C ASP C 367 -15.42 -40.48 18.45
N LEU C 368 -15.14 -39.15 18.59
CA LEU C 368 -13.96 -38.46 18.08
C LEU C 368 -12.67 -38.87 18.74
N ALA C 369 -11.64 -39.11 17.90
CA ALA C 369 -10.30 -39.45 18.36
C ALA C 369 -9.59 -38.17 18.73
N LYS C 370 -8.75 -38.21 19.81
CA LYS C 370 -7.95 -37.06 20.19
C LYS C 370 -6.74 -37.05 19.26
N VAL C 371 -6.62 -35.98 18.46
CA VAL C 371 -5.54 -35.76 17.49
C VAL C 371 -4.56 -34.70 18.01
N GLN C 372 -3.33 -34.73 17.50
CA GLN C 372 -2.26 -33.83 17.89
C GLN C 372 -2.50 -32.43 17.33
N ARG C 373 -3.05 -32.36 16.08
CA ARG C 373 -3.37 -31.14 15.37
C ARG C 373 -4.68 -31.23 14.61
N ALA C 374 -5.40 -30.10 14.52
CA ALA C 374 -6.64 -29.97 13.76
C ALA C 374 -6.69 -28.61 13.07
N VAL C 375 -7.52 -28.49 12.04
CA VAL C 375 -7.70 -27.27 11.25
C VAL C 375 -9.19 -27.01 10.94
N CYS C 376 -9.56 -25.76 10.92
CA CYS C 376 -10.88 -25.38 10.51
C CYS C 376 -10.66 -24.35 9.43
N MET C 377 -11.23 -24.60 8.26
CA MET C 377 -11.16 -23.63 7.20
C MET C 377 -12.50 -22.89 7.12
N LEU C 378 -12.42 -21.55 7.01
CA LEU C 378 -13.55 -20.64 6.79
C LEU C 378 -13.30 -20.02 5.47
N SER C 379 -14.16 -20.30 4.51
CA SER C 379 -14.04 -19.80 3.15
C SER C 379 -15.28 -19.07 2.77
N ASN C 380 -15.15 -18.08 1.88
CA ASN C 380 -16.34 -17.40 1.38
C ASN C 380 -16.43 -17.83 -0.09
N THR C 381 -17.35 -18.77 -0.35
CA THR C 381 -17.58 -19.36 -1.66
C THR C 381 -18.99 -19.03 -2.12
N THR C 382 -19.14 -18.84 -3.48
CA THR C 382 -20.44 -18.57 -4.11
C THR C 382 -21.33 -19.82 -4.02
N ALA C 383 -20.68 -20.98 -3.73
CA ALA C 383 -21.28 -22.29 -3.57
C ALA C 383 -22.23 -22.35 -2.40
N ILE C 384 -22.05 -21.52 -1.38
CA ILE C 384 -22.94 -21.54 -0.22
C ILE C 384 -24.39 -21.20 -0.63
N ALA C 385 -24.58 -20.46 -1.75
CA ALA C 385 -25.89 -20.09 -2.28
C ALA C 385 -26.75 -21.32 -2.71
N GLU C 386 -26.11 -22.51 -2.89
CA GLU C 386 -26.79 -23.77 -3.22
C GLU C 386 -27.76 -24.14 -2.10
N ALA C 387 -27.32 -23.95 -0.84
CA ALA C 387 -28.10 -24.11 0.38
C ALA C 387 -29.34 -23.20 0.34
N TRP C 388 -29.15 -21.92 -0.06
CA TRP C 388 -30.21 -20.92 -0.20
C TRP C 388 -31.25 -21.40 -1.20
N ALA C 389 -30.81 -21.89 -2.37
CA ALA C 389 -31.60 -22.43 -3.48
C ALA C 389 -32.42 -23.65 -3.13
N ARG C 390 -31.84 -24.64 -2.41
CA ARG C 390 -32.55 -25.84 -2.00
C ARG C 390 -33.72 -25.49 -1.08
N LEU C 391 -33.46 -24.63 -0.08
CA LEU C 391 -34.42 -24.12 0.91
C LEU C 391 -35.47 -23.26 0.19
N ASP C 392 -35.02 -22.44 -0.77
CA ASP C 392 -35.89 -21.58 -1.57
C ASP C 392 -36.80 -22.37 -2.50
N HIS C 393 -36.35 -23.57 -3.00
CA HIS C 393 -37.17 -24.42 -3.85
C HIS C 393 -38.28 -25.05 -3.07
N LYS C 394 -37.96 -25.56 -1.86
CA LYS C 394 -38.95 -26.19 -0.98
C LYS C 394 -40.07 -25.19 -0.62
N PHE C 395 -39.67 -23.95 -0.24
CA PHE C 395 -40.58 -22.83 0.10
C PHE C 395 -41.57 -22.57 -1.05
N ASP C 396 -41.02 -22.48 -2.26
CA ASP C 396 -41.74 -22.22 -3.49
C ASP C 396 -42.84 -23.20 -3.81
N LEU C 397 -42.57 -24.52 -3.58
CA LEU C 397 -43.47 -25.64 -3.82
C LEU C 397 -44.74 -25.51 -3.01
N MET C 398 -44.56 -25.20 -1.71
CA MET C 398 -45.61 -25.00 -0.71
C MET C 398 -46.38 -23.66 -0.82
N TYR C 399 -45.65 -22.54 -0.91
CA TYR C 399 -46.26 -21.21 -0.97
C TYR C 399 -47.09 -20.98 -2.24
N ALA C 400 -46.85 -21.77 -3.31
CA ALA C 400 -47.62 -21.72 -4.57
C ALA C 400 -49.09 -22.15 -4.25
N LYS C 401 -49.24 -23.22 -3.44
CA LYS C 401 -50.54 -23.73 -3.00
C LYS C 401 -50.97 -23.14 -1.66
N ARG C 402 -50.18 -22.21 -1.08
CA ARG C 402 -50.43 -21.51 0.20
C ARG C 402 -50.59 -22.49 1.37
N ALA C 403 -49.91 -23.66 1.22
CA ALA C 403 -49.91 -24.78 2.15
C ALA C 403 -49.35 -24.33 3.47
N PHE C 404 -50.14 -24.44 4.55
CA PHE C 404 -49.82 -24.16 5.95
C PHE C 404 -49.74 -22.70 6.33
N VAL C 405 -49.95 -21.79 5.37
CA VAL C 405 -49.84 -20.34 5.54
C VAL C 405 -50.85 -19.81 6.58
N HIS C 406 -52.06 -20.42 6.67
CA HIS C 406 -53.10 -20.04 7.63
C HIS C 406 -52.58 -20.06 9.11
N TRP C 407 -51.65 -20.99 9.43
CA TRP C 407 -51.04 -21.14 10.74
C TRP C 407 -50.24 -19.92 11.14
N TYR C 408 -49.73 -19.19 10.14
CA TYR C 408 -48.94 -17.98 10.26
C TYR C 408 -49.88 -16.77 10.28
N VAL C 409 -50.86 -16.74 9.33
CA VAL C 409 -51.90 -15.70 9.19
C VAL C 409 -52.77 -15.58 10.44
N GLY C 410 -53.10 -16.72 11.04
CA GLY C 410 -53.86 -16.84 12.28
C GLY C 410 -53.11 -16.31 13.47
N GLU C 411 -51.76 -16.20 13.35
CA GLU C 411 -50.93 -15.68 14.44
C GLU C 411 -50.59 -14.17 14.27
N GLY C 412 -51.18 -13.51 13.24
CA GLY C 412 -51.03 -12.08 12.97
C GLY C 412 -50.23 -11.69 11.74
N MET C 413 -49.58 -12.65 11.10
CA MET C 413 -48.76 -12.38 9.92
C MET C 413 -49.63 -12.22 8.67
N GLU C 414 -49.05 -11.54 7.66
CA GLU C 414 -49.67 -11.31 6.36
C GLU C 414 -48.89 -12.08 5.29
N GLU C 415 -49.58 -12.41 4.16
CA GLU C 415 -48.99 -13.06 2.98
C GLU C 415 -47.82 -12.22 2.47
N GLY C 416 -47.95 -10.90 2.64
CA GLY C 416 -46.97 -9.90 2.26
C GLY C 416 -45.61 -10.06 2.91
N GLU C 417 -45.58 -10.59 4.15
CA GLU C 417 -44.32 -10.84 4.85
C GLU C 417 -43.59 -12.03 4.24
N PHE C 418 -44.34 -13.04 3.73
CA PHE C 418 -43.88 -14.24 3.04
C PHE C 418 -43.23 -13.91 1.68
N SER C 419 -43.97 -13.17 0.83
CA SER C 419 -43.50 -12.74 -0.48
C SER C 419 -42.28 -11.83 -0.36
N GLU C 420 -42.29 -10.90 0.61
CA GLU C 420 -41.20 -9.97 0.85
C GLU C 420 -39.95 -10.71 1.32
N ALA C 421 -40.12 -11.73 2.18
CA ALA C 421 -39.01 -12.56 2.66
C ALA C 421 -38.38 -13.32 1.51
N ARG C 422 -39.22 -13.94 0.66
CA ARG C 422 -38.83 -14.70 -0.52
C ARG C 422 -38.13 -13.85 -1.57
N GLU C 423 -38.59 -12.61 -1.79
CA GLU C 423 -37.95 -11.68 -2.71
C GLU C 423 -36.55 -11.30 -2.25
N ASP C 424 -36.33 -11.20 -0.92
CA ASP C 424 -35.02 -10.94 -0.33
C ASP C 424 -34.07 -12.12 -0.61
N MET C 425 -34.61 -13.32 -0.62
CA MET C 425 -33.89 -14.57 -0.86
C MET C 425 -33.50 -14.73 -2.33
N ALA C 426 -34.34 -14.23 -3.23
CA ALA C 426 -34.08 -14.21 -4.67
C ALA C 426 -32.98 -13.19 -4.90
N ALA C 427 -33.08 -12.01 -4.24
CA ALA C 427 -32.10 -10.93 -4.32
C ALA C 427 -30.76 -11.45 -3.82
N LEU C 428 -30.72 -12.18 -2.68
CA LEU C 428 -29.49 -12.75 -2.13
C LEU C 428 -28.86 -13.80 -3.06
N GLU C 429 -29.70 -14.60 -3.69
CA GLU C 429 -29.22 -15.61 -4.61
C GLU C 429 -28.59 -14.90 -5.81
N LYS C 430 -29.22 -13.78 -6.27
CA LYS C 430 -28.74 -12.96 -7.38
C LYS C 430 -27.42 -12.26 -7.00
N ASP C 431 -27.33 -11.77 -5.75
CA ASP C 431 -26.12 -11.13 -5.22
C ASP C 431 -24.96 -12.12 -5.29
N TYR C 432 -25.19 -13.41 -4.94
CA TYR C 432 -24.14 -14.45 -4.95
C TYR C 432 -23.73 -14.85 -6.35
N GLU C 433 -24.62 -14.65 -7.30
CA GLU C 433 -24.35 -14.91 -8.70
C GLU C 433 -23.48 -13.78 -9.27
N GLU C 434 -23.84 -12.52 -8.95
CA GLU C 434 -23.19 -11.28 -9.35
C GLU C 434 -21.73 -11.23 -8.89
N VAL C 435 -21.48 -11.53 -7.61
CA VAL C 435 -20.10 -11.52 -7.07
C VAL C 435 -19.17 -12.53 -7.80
N GLY C 436 -19.75 -13.59 -8.37
CA GLY C 436 -19.04 -14.64 -9.09
C GLY C 436 -18.67 -14.35 -10.53
N VAL C 437 -19.29 -13.30 -11.12
CA VAL C 437 -19.04 -12.86 -12.49
C VAL C 437 -17.68 -12.13 -12.51
N ASP C 438 -16.85 -12.38 -13.54
CA ASP C 438 -15.58 -11.69 -13.71
C ASP C 438 -15.85 -10.28 -14.22
N SER C 439 -15.05 -9.31 -13.72
CA SER C 439 -15.17 -7.87 -14.05
C SER C 439 -14.77 -7.57 -15.52
N VAL C 440 -15.43 -6.55 -16.10
CA VAL C 440 -15.21 -6.11 -17.49
C VAL C 440 -14.37 -4.83 -17.55
N ARG D 2 -49.02 -28.52 27.78
CA ARG D 2 -48.79 -29.71 28.59
C ARG D 2 -50.05 -30.56 28.83
N GLU D 3 -51.10 -30.00 29.44
CA GLU D 3 -52.29 -30.78 29.78
C GLU D 3 -53.34 -30.85 28.70
N ILE D 4 -53.95 -32.03 28.55
CA ILE D 4 -55.09 -32.27 27.65
C ILE D 4 -56.28 -32.63 28.56
N VAL D 5 -57.49 -32.18 28.15
CA VAL D 5 -58.75 -32.44 28.80
C VAL D 5 -59.55 -33.39 27.90
N HIS D 6 -59.89 -34.59 28.43
CA HIS D 6 -60.65 -35.62 27.72
C HIS D 6 -62.16 -35.47 27.98
N ILE D 7 -62.98 -35.56 26.93
CA ILE D 7 -64.45 -35.47 27.03
C ILE D 7 -65.08 -36.58 26.19
N GLN D 8 -65.80 -37.53 26.83
CA GLN D 8 -66.53 -38.63 26.16
C GLN D 8 -68.03 -38.36 26.24
N ALA D 9 -68.70 -38.26 25.09
CA ALA D 9 -70.13 -37.98 24.98
C ALA D 9 -70.92 -39.07 24.23
N GLY D 10 -72.09 -39.42 24.78
CA GLY D 10 -72.96 -40.46 24.24
C GLY D 10 -72.52 -41.88 24.59
N GLN D 11 -73.17 -42.85 23.95
CA GLN D 11 -72.92 -44.28 24.21
C GLN D 11 -71.58 -44.66 23.64
N CYS D 12 -71.41 -44.43 22.33
CA CYS D 12 -70.19 -44.71 21.58
C CYS D 12 -68.99 -44.01 22.19
N GLY D 13 -69.10 -42.70 22.43
CA GLY D 13 -68.05 -41.92 23.05
C GLY D 13 -67.51 -42.45 24.35
N ASN D 14 -68.41 -42.74 25.28
CA ASN D 14 -68.10 -43.27 26.61
C ASN D 14 -67.50 -44.64 26.60
N GLN D 15 -67.97 -45.46 25.66
CA GLN D 15 -67.49 -46.83 25.51
C GLN D 15 -66.05 -46.86 24.97
N ILE D 16 -65.80 -46.11 23.88
CA ILE D 16 -64.45 -46.03 23.29
C ILE D 16 -63.50 -45.27 24.23
N GLY D 17 -64.01 -44.19 24.85
CA GLY D 17 -63.28 -43.39 25.82
C GLY D 17 -62.87 -44.17 27.07
N ALA D 18 -63.74 -45.10 27.51
CA ALA D 18 -63.48 -45.96 28.67
C ALA D 18 -62.28 -46.90 28.41
N LYS D 19 -62.26 -47.52 27.20
CA LYS D 19 -61.20 -48.42 26.75
C LYS D 19 -59.84 -47.68 26.62
N PHE D 20 -59.88 -46.42 26.13
CA PHE D 20 -58.71 -45.53 26.02
C PHE D 20 -58.00 -45.44 27.37
N TRP D 21 -58.80 -45.16 28.41
CA TRP D 21 -58.33 -44.97 29.76
C TRP D 21 -57.76 -46.24 30.37
N GLU D 22 -58.40 -47.41 30.10
CA GLU D 22 -57.86 -48.69 30.58
C GLU D 22 -56.45 -48.93 29.98
N VAL D 23 -56.36 -48.91 28.61
CA VAL D 23 -55.17 -49.16 27.78
C VAL D 23 -54.01 -48.24 28.13
N ILE D 24 -54.23 -46.90 28.14
CA ILE D 24 -53.13 -45.96 28.43
C ILE D 24 -52.69 -46.08 29.90
N SER D 25 -53.65 -46.36 30.84
CA SER D 25 -53.37 -46.57 32.27
C SER D 25 -52.46 -47.77 32.43
N ASP D 26 -52.79 -48.87 31.71
CA ASP D 26 -52.00 -50.09 31.68
C ASP D 26 -50.56 -49.71 31.27
N GLU D 27 -50.43 -48.97 30.15
CA GLU D 27 -49.16 -48.51 29.58
C GLU D 27 -48.33 -47.66 30.51
N HIS D 28 -48.99 -46.74 31.24
CA HIS D 28 -48.31 -45.82 32.14
C HIS D 28 -48.09 -46.40 33.55
N GLY D 29 -48.53 -47.64 33.78
CA GLY D 29 -48.36 -48.35 35.03
C GLY D 29 -49.35 -47.98 36.12
N ILE D 30 -50.51 -47.41 35.73
CA ILE D 30 -51.55 -46.98 36.67
C ILE D 30 -52.68 -48.03 36.79
N ASP D 31 -52.87 -48.55 38.03
CA ASP D 31 -53.89 -49.55 38.36
C ASP D 31 -55.32 -48.92 38.46
N PRO D 32 -56.44 -49.70 38.51
CA PRO D 32 -57.78 -49.05 38.60
C PRO D 32 -58.05 -48.25 39.90
N THR D 33 -57.14 -48.35 40.88
CA THR D 33 -57.21 -47.61 42.15
C THR D 33 -56.73 -46.19 41.90
N GLY D 34 -55.69 -46.06 41.06
CA GLY D 34 -55.06 -44.81 40.69
C GLY D 34 -53.61 -44.66 41.14
N SER D 35 -52.93 -45.78 41.42
CA SER D 35 -51.53 -45.79 41.88
C SER D 35 -50.60 -46.27 40.78
N TYR D 36 -49.33 -45.83 40.83
CA TYR D 36 -48.31 -46.25 39.88
C TYR D 36 -47.60 -47.47 40.42
N HIS D 37 -47.60 -48.54 39.63
CA HIS D 37 -46.95 -49.82 39.90
C HIS D 37 -46.26 -50.32 38.62
N GLY D 38 -45.40 -49.46 38.07
CA GLY D 38 -44.64 -49.73 36.86
C GLY D 38 -43.15 -49.89 37.09
N ASP D 39 -42.43 -50.18 35.99
CA ASP D 39 -40.98 -50.43 35.97
C ASP D 39 -40.13 -49.22 35.50
N SER D 40 -40.40 -48.65 34.30
CA SER D 40 -39.67 -47.53 33.69
C SER D 40 -40.12 -46.12 34.10
N ASP D 41 -39.14 -45.20 34.28
CA ASP D 41 -39.32 -43.78 34.64
C ASP D 41 -40.03 -42.98 33.54
N LEU D 42 -39.87 -43.44 32.28
CA LEU D 42 -40.46 -42.85 31.08
C LEU D 42 -41.99 -42.86 31.10
N GLN D 43 -42.57 -43.80 31.88
CA GLN D 43 -44.03 -43.94 32.05
C GLN D 43 -44.59 -42.73 32.80
N LEU D 44 -43.77 -42.11 33.68
CA LEU D 44 -44.21 -40.97 34.48
C LEU D 44 -43.81 -39.61 33.92
N GLU D 45 -42.62 -39.51 33.26
CA GLU D 45 -42.08 -38.28 32.69
C GLU D 45 -43.15 -37.25 32.26
N ARG D 46 -44.10 -37.70 31.41
CA ARG D 46 -45.18 -36.88 30.86
C ARG D 46 -46.59 -37.39 31.24
N ILE D 47 -46.76 -37.89 32.48
CA ILE D 47 -48.04 -38.41 32.98
C ILE D 47 -49.07 -37.27 33.18
N ASN D 48 -48.57 -36.10 33.55
CA ASN D 48 -49.28 -34.83 33.76
C ASN D 48 -50.09 -34.40 32.51
N VAL D 49 -49.79 -34.98 31.32
CA VAL D 49 -50.49 -34.70 30.07
C VAL D 49 -51.97 -35.16 30.20
N TYR D 50 -52.19 -36.45 30.54
CA TYR D 50 -53.53 -36.98 30.65
C TYR D 50 -54.06 -37.14 32.10
N TYR D 51 -53.17 -37.18 33.11
CA TYR D 51 -53.57 -37.41 34.51
C TYR D 51 -53.26 -36.28 35.47
N ASN D 52 -54.11 -36.14 36.50
CA ASN D 52 -53.97 -35.19 37.61
C ASN D 52 -53.27 -35.88 38.79
N GLU D 53 -52.22 -35.25 39.34
CA GLU D 53 -51.49 -35.80 40.46
C GLU D 53 -52.25 -35.47 41.76
N ALA D 54 -53.20 -36.36 42.11
CA ALA D 54 -54.05 -36.24 43.31
C ALA D 54 -53.28 -36.45 44.61
N THR D 55 -53.83 -35.89 45.70
CA THR D 55 -53.28 -35.95 47.06
C THR D 55 -53.17 -37.41 47.53
N GLY D 56 -51.96 -37.76 47.99
CA GLY D 56 -51.59 -39.09 48.45
C GLY D 56 -51.03 -39.95 47.33
N ASN D 57 -50.09 -39.37 46.54
CA ASN D 57 -49.38 -39.95 45.38
C ASN D 57 -50.32 -40.77 44.42
N LYS D 58 -51.51 -40.21 44.13
CA LYS D 58 -52.52 -40.82 43.26
C LYS D 58 -52.60 -40.10 41.89
N TYR D 59 -53.07 -40.81 40.85
CA TYR D 59 -53.17 -40.31 39.47
C TYR D 59 -54.61 -40.44 38.95
N VAL D 60 -55.25 -39.30 38.63
CA VAL D 60 -56.64 -39.26 38.20
C VAL D 60 -56.80 -38.80 36.75
N PRO D 61 -57.39 -39.66 35.88
CA PRO D 61 -57.68 -39.26 34.50
C PRO D 61 -58.39 -37.91 34.45
N ARG D 62 -57.83 -36.97 33.69
CA ARG D 62 -58.42 -35.65 33.48
C ARG D 62 -59.51 -35.86 32.41
N ALA D 63 -60.52 -36.73 32.75
CA ALA D 63 -61.63 -37.13 31.89
C ALA D 63 -63.00 -36.65 32.40
N ILE D 64 -63.88 -36.19 31.50
CA ILE D 64 -65.25 -35.73 31.77
C ILE D 64 -66.19 -36.64 30.96
N LEU D 65 -67.06 -37.39 31.67
CA LEU D 65 -67.98 -38.38 31.11
C LEU D 65 -69.37 -37.76 31.04
N VAL D 66 -69.90 -37.58 29.81
CA VAL D 66 -71.17 -36.91 29.53
C VAL D 66 -72.14 -37.84 28.77
N ASP D 67 -73.42 -37.83 29.17
CA ASP D 67 -74.48 -38.60 28.50
C ASP D 67 -75.83 -38.08 28.87
N LEU D 68 -76.73 -37.99 27.88
CA LEU D 68 -78.09 -37.52 28.11
C LEU D 68 -79.00 -38.58 28.77
N GLU D 69 -78.47 -39.81 28.96
CA GLU D 69 -79.08 -41.00 29.56
C GLU D 69 -78.02 -41.68 30.49
N PRO D 70 -78.33 -42.06 31.75
CA PRO D 70 -77.27 -42.64 32.62
C PRO D 70 -76.80 -44.04 32.27
N GLY D 71 -77.59 -44.78 31.48
CA GLY D 71 -77.34 -46.16 31.07
C GLY D 71 -75.90 -46.58 30.89
N THR D 72 -75.21 -46.00 29.88
CA THR D 72 -73.81 -46.31 29.54
C THR D 72 -72.81 -45.94 30.65
N MET D 73 -72.96 -44.71 31.20
CA MET D 73 -72.11 -44.15 32.25
C MET D 73 -72.13 -44.97 33.52
N ASP D 74 -73.32 -45.55 33.84
CA ASP D 74 -73.53 -46.45 34.96
C ASP D 74 -72.70 -47.70 34.75
N SER D 75 -72.72 -48.25 33.51
CA SER D 75 -71.94 -49.43 33.11
C SER D 75 -70.43 -49.16 33.20
N VAL D 76 -69.99 -47.93 32.83
CA VAL D 76 -68.60 -47.48 32.90
C VAL D 76 -68.14 -47.39 34.37
N ARG D 77 -69.00 -46.82 35.24
CA ARG D 77 -68.78 -46.68 36.69
C ARG D 77 -68.60 -48.09 37.29
N SER D 78 -69.48 -49.03 36.87
CA SER D 78 -69.48 -50.44 37.26
C SER D 78 -68.26 -51.21 36.72
N GLY D 79 -67.68 -50.71 35.62
CA GLY D 79 -66.54 -51.30 34.92
C GLY D 79 -65.27 -51.58 35.72
N PRO D 80 -64.20 -52.12 35.05
CA PRO D 80 -62.96 -52.44 35.78
C PRO D 80 -62.21 -51.20 36.31
N PHE D 81 -62.21 -50.12 35.49
CA PHE D 81 -61.51 -48.87 35.79
C PHE D 81 -62.42 -47.70 36.21
N GLY D 82 -63.73 -47.91 36.29
CA GLY D 82 -64.72 -46.91 36.69
C GLY D 82 -64.45 -46.18 38.00
N GLN D 83 -63.55 -46.74 38.84
CA GLN D 83 -63.13 -46.24 40.16
C GLN D 83 -61.92 -45.27 40.14
N ILE D 84 -61.17 -45.23 39.01
CA ILE D 84 -59.99 -44.35 38.83
C ILE D 84 -60.42 -42.87 38.64
N PHE D 85 -61.59 -42.68 38.01
CA PHE D 85 -62.24 -41.43 37.68
C PHE D 85 -62.58 -40.58 38.90
N ARG D 86 -62.83 -39.27 38.64
CA ARG D 86 -63.28 -38.28 39.62
C ARG D 86 -64.80 -38.45 39.61
N PRO D 87 -65.45 -38.69 40.77
CA PRO D 87 -66.91 -38.93 40.77
C PRO D 87 -67.73 -37.74 40.26
N ASP D 88 -67.21 -36.53 40.49
CA ASP D 88 -67.76 -35.23 40.12
C ASP D 88 -67.72 -34.98 38.60
N ASN D 89 -66.92 -35.76 37.87
CA ASN D 89 -66.75 -35.62 36.41
C ASN D 89 -67.76 -36.43 35.58
N PHE D 90 -68.71 -37.12 36.26
CA PHE D 90 -69.78 -37.85 35.60
C PHE D 90 -70.93 -36.87 35.62
N VAL D 91 -71.26 -36.30 34.46
CA VAL D 91 -72.31 -35.31 34.31
C VAL D 91 -73.34 -35.92 33.35
N PHE D 92 -74.53 -36.28 33.88
CA PHE D 92 -75.51 -36.98 33.06
C PHE D 92 -76.96 -36.52 33.19
N GLY D 93 -77.68 -36.61 32.06
CA GLY D 93 -79.11 -36.34 31.96
C GLY D 93 -79.87 -37.63 32.20
N GLN D 94 -81.20 -37.55 32.20
CA GLN D 94 -82.05 -38.73 32.42
C GLN D 94 -82.94 -39.00 31.20
N SER D 95 -83.24 -37.92 30.43
CA SER D 95 -84.06 -37.87 29.22
C SER D 95 -83.54 -38.76 28.07
N GLY D 96 -82.36 -38.40 27.53
CA GLY D 96 -81.73 -39.05 26.38
C GLY D 96 -81.92 -38.23 25.13
N ALA D 97 -81.20 -38.59 24.05
CA ALA D 97 -81.29 -37.88 22.76
C ALA D 97 -82.06 -38.68 21.72
N GLY D 98 -82.14 -40.01 21.93
CA GLY D 98 -82.84 -40.96 21.09
C GLY D 98 -82.41 -40.92 19.64
N ASN D 99 -81.07 -40.90 19.43
CA ASN D 99 -80.41 -40.83 18.12
C ASN D 99 -80.97 -39.66 17.23
N ASN D 100 -81.17 -38.48 17.87
CA ASN D 100 -81.65 -37.23 17.28
C ASN D 100 -80.61 -36.13 17.54
N TRP D 101 -79.97 -35.64 16.46
CA TRP D 101 -78.94 -34.58 16.49
C TRP D 101 -79.48 -33.30 17.13
N ALA D 102 -80.69 -32.83 16.68
CA ALA D 102 -81.39 -31.63 17.20
C ALA D 102 -81.62 -31.68 18.72
N LYS D 103 -81.86 -32.88 19.28
CA LYS D 103 -82.06 -33.13 20.71
C LYS D 103 -80.76 -32.93 21.52
N GLY D 104 -79.66 -33.51 21.04
CA GLY D 104 -78.36 -33.36 21.68
C GLY D 104 -77.78 -31.97 21.47
N HIS D 105 -78.07 -31.36 20.31
CA HIS D 105 -77.52 -30.06 19.96
C HIS D 105 -78.32 -28.88 20.51
N TYR D 106 -79.58 -28.72 20.06
CA TYR D 106 -80.40 -27.57 20.40
C TYR D 106 -81.24 -27.65 21.66
N THR D 107 -81.78 -28.84 22.05
CA THR D 107 -82.71 -28.87 23.18
C THR D 107 -82.18 -29.57 24.45
N GLU D 108 -82.28 -30.91 24.53
CA GLU D 108 -81.90 -31.69 25.72
C GLU D 108 -80.43 -31.52 26.14
N GLY D 109 -79.53 -31.64 25.16
CA GLY D 109 -78.10 -31.45 25.37
C GLY D 109 -77.76 -30.04 25.78
N ALA D 110 -78.48 -29.05 25.19
CA ALA D 110 -78.35 -27.63 25.52
C ALA D 110 -78.63 -27.35 27.01
N GLU D 111 -79.67 -27.99 27.58
CA GLU D 111 -80.08 -27.85 28.98
C GLU D 111 -79.05 -28.45 29.94
N LEU D 112 -78.23 -29.40 29.43
CA LEU D 112 -77.20 -30.08 30.20
C LEU D 112 -75.78 -29.49 30.01
N VAL D 113 -75.54 -28.80 28.86
CA VAL D 113 -74.24 -28.25 28.44
C VAL D 113 -73.52 -27.39 29.50
N ASP D 114 -74.24 -26.50 30.22
CA ASP D 114 -73.61 -25.61 31.20
C ASP D 114 -73.05 -26.37 32.42
N SER D 115 -73.73 -27.45 32.83
CA SER D 115 -73.33 -28.30 33.95
C SER D 115 -71.99 -29.02 33.64
N VAL D 116 -71.76 -29.28 32.33
CA VAL D 116 -70.57 -29.90 31.74
C VAL D 116 -69.44 -28.86 31.76
N LEU D 117 -69.72 -27.67 31.15
CA LEU D 117 -68.83 -26.54 31.07
C LEU D 117 -68.18 -26.22 32.41
N ASP D 118 -68.93 -26.32 33.52
CA ASP D 118 -68.44 -26.07 34.88
C ASP D 118 -67.30 -27.04 35.28
N VAL D 119 -67.37 -28.30 34.82
CA VAL D 119 -66.39 -29.35 35.12
C VAL D 119 -65.17 -29.18 34.20
N VAL D 120 -65.45 -28.85 32.93
CA VAL D 120 -64.48 -28.53 31.88
C VAL D 120 -63.61 -27.37 32.41
N ARG D 121 -64.25 -26.31 32.97
CA ARG D 121 -63.58 -25.16 33.56
C ARG D 121 -62.81 -25.52 34.81
N LYS D 122 -63.42 -26.33 35.71
CA LYS D 122 -62.73 -26.74 36.94
C LYS D 122 -61.41 -27.45 36.56
N GLU D 123 -61.47 -28.33 35.52
CA GLU D 123 -60.31 -29.05 35.02
C GLU D 123 -59.28 -28.11 34.36
N SER D 124 -59.75 -27.15 33.56
CA SER D 124 -58.93 -26.18 32.84
C SER D 124 -58.25 -25.14 33.73
N GLU D 125 -58.88 -24.74 34.86
CA GLU D 125 -58.33 -23.78 35.84
C GLU D 125 -57.08 -24.34 36.54
N SER D 126 -57.09 -25.65 36.89
CA SER D 126 -55.99 -26.32 37.62
C SER D 126 -54.85 -26.82 36.72
N CYS D 127 -54.91 -26.52 35.40
CA CYS D 127 -53.90 -26.85 34.39
C CYS D 127 -52.78 -25.81 34.44
N ASP D 128 -51.51 -26.28 34.47
CA ASP D 128 -50.35 -25.39 34.49
C ASP D 128 -50.26 -24.63 33.17
N CYS D 129 -50.47 -25.35 32.04
CA CYS D 129 -50.50 -24.81 30.68
C CYS D 129 -51.26 -25.75 29.72
N LEU D 130 -52.59 -25.64 29.75
CA LEU D 130 -53.51 -26.43 28.93
C LEU D 130 -53.19 -26.35 27.41
N GLN D 131 -53.10 -27.49 26.72
CA GLN D 131 -52.86 -27.61 25.26
C GLN D 131 -54.18 -27.42 24.54
N GLY D 132 -55.12 -28.24 24.93
CA GLY D 132 -56.45 -28.26 24.36
C GLY D 132 -57.27 -29.39 24.93
N PHE D 133 -58.11 -29.97 24.08
CA PHE D 133 -59.07 -30.99 24.47
C PHE D 133 -59.23 -32.07 23.42
N GLN D 134 -59.64 -33.26 23.87
CA GLN D 134 -59.94 -34.36 22.97
C GLN D 134 -61.30 -34.96 23.32
N LEU D 135 -62.19 -35.07 22.30
CA LEU D 135 -63.54 -35.61 22.43
C LEU D 135 -63.68 -36.95 21.72
N THR D 136 -64.20 -37.97 22.43
CA THR D 136 -64.55 -39.29 21.88
C THR D 136 -66.08 -39.30 21.77
N HIS D 137 -66.59 -39.69 20.61
CA HIS D 137 -68.03 -39.68 20.31
C HIS D 137 -68.38 -40.41 19.02
N SER D 138 -69.67 -40.41 18.66
CA SER D 138 -70.21 -40.98 17.44
C SER D 138 -70.87 -39.84 16.69
N LEU D 139 -71.02 -39.98 15.38
CA LEU D 139 -71.70 -38.97 14.57
C LEU D 139 -73.10 -39.43 14.18
N GLY D 140 -73.37 -40.73 14.33
CA GLY D 140 -74.64 -41.34 13.99
C GLY D 140 -75.74 -41.24 15.04
N GLY D 141 -75.35 -41.10 16.31
CA GLY D 141 -76.27 -40.99 17.43
C GLY D 141 -76.94 -39.65 17.57
N GLY D 142 -77.19 -39.24 18.81
CA GLY D 142 -77.81 -37.97 19.13
C GLY D 142 -77.05 -37.15 20.13
N THR D 143 -76.52 -37.80 21.20
CA THR D 143 -75.75 -37.17 22.29
C THR D 143 -74.31 -36.81 21.85
N GLY D 144 -73.47 -37.81 21.53
CA GLY D 144 -72.11 -37.58 21.04
C GLY D 144 -72.11 -36.77 19.75
N SER D 145 -73.10 -37.02 18.89
CA SER D 145 -73.34 -36.36 17.62
C SER D 145 -73.71 -34.85 17.76
N GLY D 146 -74.81 -34.55 18.47
CA GLY D 146 -75.32 -33.19 18.66
C GLY D 146 -74.75 -32.46 19.86
N MET D 147 -74.72 -33.11 21.01
CA MET D 147 -74.20 -32.43 22.21
C MET D 147 -72.69 -32.31 22.17
N GLY D 148 -72.03 -33.33 21.62
CA GLY D 148 -70.58 -33.37 21.46
C GLY D 148 -70.13 -32.21 20.59
N THR D 149 -70.88 -31.95 19.47
CA THR D 149 -70.60 -30.83 18.56
C THR D 149 -71.02 -29.48 19.17
N LEU D 150 -72.00 -29.50 20.10
CA LEU D 150 -72.45 -28.31 20.83
C LEU D 150 -71.38 -27.95 21.88
N LEU D 151 -70.78 -28.96 22.52
CA LEU D 151 -69.71 -28.78 23.49
C LEU D 151 -68.48 -28.16 22.82
N ILE D 152 -68.10 -28.71 21.64
CA ILE D 152 -66.98 -28.24 20.82
C ILE D 152 -67.09 -26.73 20.63
N SER D 153 -68.22 -26.22 20.09
CA SER D 153 -68.39 -24.77 19.89
C SER D 153 -68.45 -23.96 21.22
N LYS D 154 -69.07 -24.47 22.30
CA LYS D 154 -69.14 -23.73 23.59
C LYS D 154 -67.78 -23.56 24.26
N ILE D 155 -66.91 -24.60 24.18
CA ILE D 155 -65.54 -24.65 24.72
C ILE D 155 -64.63 -23.68 23.95
N ARG D 156 -64.73 -23.71 22.60
CA ARG D 156 -63.99 -22.85 21.67
C ARG D 156 -64.25 -21.37 21.94
N GLU D 157 -65.45 -21.00 22.45
CA GLU D 157 -65.79 -19.61 22.81
C GLU D 157 -64.99 -19.12 24.04
N GLU D 158 -64.65 -20.04 24.96
CA GLU D 158 -63.93 -19.75 26.19
C GLU D 158 -62.41 -20.00 26.13
N TYR D 159 -61.97 -20.81 25.16
CA TYR D 159 -60.57 -21.20 24.94
C TYR D 159 -60.37 -21.17 23.44
N PRO D 160 -60.49 -19.99 22.77
CA PRO D 160 -60.39 -19.98 21.29
C PRO D 160 -59.03 -20.37 20.74
N ASP D 161 -57.97 -20.09 21.55
CA ASP D 161 -56.58 -20.35 21.22
C ASP D 161 -56.11 -21.73 21.63
N ARG D 162 -57.01 -22.70 21.92
CA ARG D 162 -56.61 -24.06 22.30
C ARG D 162 -56.93 -25.06 21.18
N ILE D 163 -56.23 -26.22 21.16
CA ILE D 163 -56.42 -27.24 20.11
C ILE D 163 -57.69 -28.08 20.38
N MET D 164 -58.58 -28.20 19.38
CA MET D 164 -59.77 -29.02 19.49
C MET D 164 -59.59 -30.28 18.63
N ASN D 165 -59.30 -31.40 19.31
CA ASN D 165 -59.08 -32.71 18.71
C ASN D 165 -60.30 -33.64 19.00
N THR D 166 -60.73 -34.41 17.99
CA THR D 166 -61.83 -35.37 18.16
C THR D 166 -61.56 -36.75 17.52
N PHE D 167 -62.11 -37.80 18.14
CA PHE D 167 -62.13 -39.16 17.63
C PHE D 167 -63.59 -39.34 17.30
N SER D 168 -63.95 -39.07 16.03
CA SER D 168 -65.32 -39.10 15.55
C SER D 168 -65.67 -40.42 14.88
N VAL D 169 -66.43 -41.29 15.60
CA VAL D 169 -66.85 -42.57 15.02
C VAL D 169 -68.00 -42.35 14.00
N MET D 170 -67.71 -42.71 12.74
CA MET D 170 -68.56 -42.53 11.56
C MET D 170 -69.58 -43.65 11.41
N PRO D 171 -70.87 -43.30 11.10
CA PRO D 171 -71.92 -44.32 10.99
C PRO D 171 -71.93 -45.17 9.71
N SER D 172 -72.10 -46.49 9.88
CA SER D 172 -72.16 -47.49 8.80
C SER D 172 -73.48 -48.30 8.84
N PRO D 173 -74.07 -48.68 7.67
CA PRO D 173 -75.27 -49.54 7.70
C PRO D 173 -74.95 -51.00 8.05
N LYS D 174 -73.66 -51.41 7.88
CA LYS D 174 -73.13 -52.75 8.21
C LYS D 174 -73.05 -52.92 9.74
N VAL D 175 -73.24 -51.82 10.50
CA VAL D 175 -73.11 -51.80 11.96
C VAL D 175 -74.44 -51.45 12.69
N SER D 176 -75.30 -50.56 12.14
CA SER D 176 -76.55 -50.21 12.82
C SER D 176 -77.77 -50.10 11.89
N ASP D 177 -78.96 -50.52 12.40
CA ASP D 177 -80.26 -50.47 11.69
C ASP D 177 -80.81 -49.02 11.61
N THR D 178 -80.37 -48.11 12.54
CA THR D 178 -80.79 -46.70 12.65
C THR D 178 -80.75 -46.01 11.30
N VAL D 179 -81.91 -45.51 10.88
CA VAL D 179 -82.14 -44.88 9.58
C VAL D 179 -81.70 -43.40 9.56
N VAL D 180 -81.73 -42.69 10.71
CA VAL D 180 -81.38 -41.26 10.79
C VAL D 180 -79.86 -41.01 10.97
N GLU D 181 -79.04 -42.08 10.95
CA GLU D 181 -77.58 -41.99 11.05
C GLU D 181 -76.94 -41.06 9.98
N PRO D 182 -77.34 -41.12 8.68
CA PRO D 182 -76.80 -40.17 7.70
C PRO D 182 -77.16 -38.71 7.97
N TYR D 183 -78.34 -38.44 8.57
CA TYR D 183 -78.78 -37.08 8.90
C TYR D 183 -77.94 -36.51 10.02
N ASN D 184 -77.71 -37.33 11.07
CA ASN D 184 -76.93 -37.00 12.25
C ASN D 184 -75.46 -36.78 11.92
N ALA D 185 -74.91 -37.54 10.95
CA ALA D 185 -73.51 -37.42 10.56
C ALA D 185 -73.25 -36.16 9.75
N THR D 186 -74.07 -35.86 8.73
CA THR D 186 -73.92 -34.69 7.85
C THR D 186 -73.98 -33.35 8.63
N LEU D 187 -74.82 -33.28 9.67
CA LEU D 187 -75.00 -32.10 10.52
C LEU D 187 -73.79 -31.96 11.46
N SER D 188 -73.19 -33.10 11.84
CA SER D 188 -72.02 -33.20 12.71
C SER D 188 -70.75 -32.79 11.95
N VAL D 189 -70.51 -33.36 10.74
CA VAL D 189 -69.35 -33.07 9.89
C VAL D 189 -69.29 -31.58 9.56
N HIS D 190 -70.48 -30.96 9.37
CA HIS D 190 -70.69 -29.53 9.11
C HIS D 190 -70.21 -28.69 10.32
N GLN D 191 -70.23 -29.28 11.50
CA GLN D 191 -69.79 -28.63 12.73
C GLN D 191 -68.29 -28.80 12.87
N LEU D 192 -67.80 -30.04 12.65
CA LEU D 192 -66.40 -30.45 12.72
C LEU D 192 -65.48 -29.70 11.73
N VAL D 193 -65.93 -29.47 10.48
CA VAL D 193 -65.18 -28.75 9.45
C VAL D 193 -64.79 -27.36 9.98
N GLU D 194 -65.73 -26.69 10.69
CA GLU D 194 -65.55 -25.33 11.17
C GLU D 194 -64.96 -25.19 12.58
N ASN D 195 -65.19 -26.16 13.46
CA ASN D 195 -64.81 -25.99 14.86
C ASN D 195 -63.78 -26.94 15.45
N THR D 196 -63.28 -27.92 14.68
CA THR D 196 -62.18 -28.75 15.17
C THR D 196 -60.88 -28.39 14.45
N ASP D 197 -59.77 -28.63 15.14
CA ASP D 197 -58.46 -28.37 14.59
C ASP D 197 -57.99 -29.62 13.90
N GLU D 198 -58.29 -30.79 14.50
CA GLU D 198 -57.90 -32.10 14.00
C GLU D 198 -58.91 -33.20 14.40
N THR D 199 -59.44 -33.93 13.41
CA THR D 199 -60.42 -35.02 13.61
C THR D 199 -59.90 -36.38 13.08
N TYR D 200 -59.84 -37.43 13.95
CA TYR D 200 -59.48 -38.79 13.56
C TYR D 200 -60.77 -39.48 13.07
N SER D 201 -60.86 -39.74 11.75
CA SER D 201 -62.03 -40.37 11.14
C SER D 201 -62.04 -41.91 11.35
N ILE D 202 -62.80 -42.37 12.37
CA ILE D 202 -62.98 -43.78 12.77
C ILE D 202 -64.28 -44.33 12.13
N ASP D 203 -64.18 -44.90 10.91
CA ASP D 203 -65.30 -45.41 10.11
C ASP D 203 -65.68 -46.80 10.59
N ASN D 204 -66.95 -46.99 10.99
CA ASN D 204 -67.48 -48.27 11.48
C ASN D 204 -67.45 -49.35 10.39
N GLU D 205 -67.66 -48.95 9.11
CA GLU D 205 -67.60 -49.84 7.95
C GLU D 205 -66.23 -50.50 7.93
N ALA D 206 -65.16 -49.69 8.09
CA ALA D 206 -63.79 -50.17 8.13
C ALA D 206 -63.55 -51.11 9.31
N LEU D 207 -63.97 -50.72 10.53
CA LEU D 207 -63.80 -51.52 11.75
C LEU D 207 -64.55 -52.87 11.68
N TYR D 208 -65.72 -52.89 11.00
CA TYR D 208 -66.54 -54.09 10.82
C TYR D 208 -65.89 -55.04 9.82
N ASP D 209 -65.49 -54.53 8.64
CA ASP D 209 -64.85 -55.31 7.57
C ASP D 209 -63.50 -55.88 8.00
N ILE D 210 -62.78 -55.17 8.88
CA ILE D 210 -61.52 -55.64 9.43
C ILE D 210 -61.83 -56.81 10.36
N CYS D 211 -62.92 -56.69 11.15
CA CYS D 211 -63.35 -57.73 12.07
C CYS D 211 -63.87 -59.00 11.37
N PHE D 212 -64.83 -58.83 10.45
CA PHE D 212 -65.47 -59.88 9.66
C PHE D 212 -64.51 -60.59 8.73
N ARG D 213 -63.91 -59.83 7.80
CA ARG D 213 -63.00 -60.35 6.78
C ARG D 213 -61.59 -60.66 7.31
N THR D 214 -60.83 -59.64 7.71
CA THR D 214 -59.44 -59.77 8.12
C THR D 214 -59.25 -60.58 9.42
N LEU D 215 -59.93 -60.18 10.50
CA LEU D 215 -59.83 -60.78 11.83
C LEU D 215 -60.59 -62.10 11.99
N LYS D 216 -61.40 -62.47 10.96
CA LYS D 216 -62.17 -63.72 10.86
C LYS D 216 -63.18 -63.90 12.01
N LEU D 217 -63.82 -62.77 12.44
CA LEU D 217 -64.83 -62.76 13.50
C LEU D 217 -66.17 -63.09 12.89
N THR D 218 -66.78 -64.19 13.39
CA THR D 218 -68.07 -64.70 12.93
C THR D 218 -69.14 -63.63 13.12
N THR D 219 -69.37 -63.22 14.38
CA THR D 219 -70.30 -62.14 14.73
C THR D 219 -69.53 -61.09 15.51
N PRO D 220 -69.06 -60.01 14.82
CA PRO D 220 -68.31 -58.96 15.53
C PRO D 220 -69.24 -58.17 16.44
N THR D 221 -68.76 -57.93 17.65
CA THR D 221 -69.52 -57.20 18.68
C THR D 221 -69.01 -55.76 18.69
N TYR D 222 -69.61 -54.88 19.53
CA TYR D 222 -69.15 -53.50 19.66
C TYR D 222 -67.78 -53.44 20.35
N GLY D 223 -67.57 -54.32 21.33
CA GLY D 223 -66.30 -54.44 22.05
C GLY D 223 -65.16 -54.94 21.18
N ASP D 224 -65.49 -55.67 20.09
CA ASP D 224 -64.52 -56.20 19.11
C ASP D 224 -64.02 -55.04 18.26
N LEU D 225 -64.97 -54.16 17.83
CA LEU D 225 -64.77 -52.90 17.09
C LEU D 225 -63.95 -51.92 17.92
N ASN D 226 -64.21 -51.87 19.26
CA ASN D 226 -63.54 -51.01 20.23
C ASN D 226 -62.10 -51.45 20.55
N HIS D 227 -61.72 -52.66 20.14
CA HIS D 227 -60.35 -53.16 20.32
C HIS D 227 -59.48 -52.57 19.23
N LEU D 228 -60.11 -52.26 18.10
CA LEU D 228 -59.46 -51.62 16.95
C LEU D 228 -59.35 -50.12 17.26
N VAL D 229 -60.45 -49.50 17.79
CA VAL D 229 -60.52 -48.10 18.20
C VAL D 229 -59.45 -47.83 19.26
N SER D 230 -59.34 -48.69 20.28
CA SER D 230 -58.38 -48.54 21.37
C SER D 230 -56.95 -48.62 20.91
N ALA D 231 -56.65 -49.57 20.01
CA ALA D 231 -55.31 -49.77 19.45
C ALA D 231 -54.88 -48.51 18.69
N THR D 232 -55.81 -47.99 17.85
CA THR D 232 -55.69 -46.77 17.07
C THR D 232 -55.43 -45.58 17.99
N MET D 233 -56.30 -45.39 19.00
CA MET D 233 -56.19 -44.33 20.01
C MET D 233 -54.92 -44.39 20.81
N SER D 234 -54.42 -45.59 21.09
CA SER D 234 -53.17 -45.68 21.83
C SER D 234 -52.01 -45.22 20.95
N GLY D 235 -52.01 -45.61 19.69
CA GLY D 235 -50.95 -45.25 18.76
C GLY D 235 -50.82 -43.78 18.39
N VAL D 236 -51.98 -43.13 18.10
CA VAL D 236 -52.06 -41.73 17.71
C VAL D 236 -51.71 -40.76 18.85
N THR D 237 -51.71 -41.22 20.11
CA THR D 237 -51.41 -40.37 21.28
C THR D 237 -50.05 -40.71 21.94
N THR D 238 -49.34 -41.71 21.40
CA THR D 238 -48.04 -42.16 21.90
C THR D 238 -47.04 -41.02 22.12
N CYS D 239 -46.80 -40.25 21.05
CA CYS D 239 -45.91 -39.08 20.98
C CYS D 239 -46.29 -37.98 22.00
N LEU D 240 -47.58 -37.90 22.39
CA LEU D 240 -48.08 -36.93 23.39
C LEU D 240 -47.78 -37.37 24.84
N ARG D 241 -47.75 -38.70 25.10
CA ARG D 241 -47.62 -39.40 26.41
C ARG D 241 -46.21 -39.83 26.80
N PHE D 242 -45.35 -40.02 25.80
CA PHE D 242 -43.99 -40.45 26.08
C PHE D 242 -42.99 -39.44 25.59
N PRO D 243 -41.79 -39.32 26.25
CA PRO D 243 -40.80 -38.34 25.77
C PRO D 243 -40.32 -38.67 24.34
N GLY D 244 -40.42 -37.66 23.49
CA GLY D 244 -40.05 -37.72 22.08
C GLY D 244 -39.73 -36.35 21.54
N GLN D 245 -39.50 -36.29 20.21
CA GLN D 245 -39.14 -35.06 19.51
C GLN D 245 -40.22 -34.64 18.53
N LEU D 246 -40.78 -35.61 17.79
CA LEU D 246 -41.80 -35.35 16.78
C LEU D 246 -43.25 -35.41 17.30
N ASN D 247 -44.06 -34.40 16.90
CA ASN D 247 -45.49 -34.24 17.18
C ASN D 247 -45.85 -34.52 18.66
N ALA D 248 -45.02 -33.98 19.59
CA ALA D 248 -45.09 -34.16 21.04
C ALA D 248 -46.22 -33.42 21.73
N ASP D 249 -46.87 -32.49 21.01
CA ASP D 249 -48.05 -31.74 21.47
C ASP D 249 -49.04 -31.59 20.31
N LEU D 250 -50.31 -31.37 20.66
CA LEU D 250 -51.46 -31.23 19.77
C LEU D 250 -51.29 -30.25 18.64
N ARG D 251 -50.61 -29.10 18.91
CA ARG D 251 -50.35 -28.01 17.95
C ARG D 251 -49.19 -28.33 17.00
N LYS D 252 -48.11 -28.95 17.50
CA LYS D 252 -46.98 -29.35 16.66
C LYS D 252 -47.49 -30.36 15.66
N LEU D 253 -48.35 -31.28 16.11
CA LEU D 253 -49.00 -32.28 15.26
C LEU D 253 -49.94 -31.60 14.24
N ALA D 254 -50.70 -30.59 14.66
CA ALA D 254 -51.63 -29.85 13.81
C ALA D 254 -50.91 -29.06 12.72
N VAL D 255 -49.78 -28.38 13.09
CA VAL D 255 -48.94 -27.59 12.17
C VAL D 255 -48.36 -28.53 11.10
N ASN D 256 -48.05 -29.78 11.48
CA ASN D 256 -47.48 -30.78 10.56
C ASN D 256 -48.49 -31.49 9.68
N MET D 257 -49.72 -31.66 10.17
CA MET D 257 -50.74 -32.43 9.48
C MET D 257 -51.76 -31.63 8.70
N VAL D 258 -52.04 -30.37 9.11
CA VAL D 258 -53.11 -29.58 8.50
C VAL D 258 -52.57 -28.47 7.57
N PRO D 259 -52.41 -28.76 6.26
CA PRO D 259 -51.95 -27.71 5.32
C PRO D 259 -53.01 -26.64 5.05
N PHE D 260 -54.30 -27.04 5.11
CA PHE D 260 -55.45 -26.17 4.84
C PHE D 260 -56.44 -26.34 5.98
N PRO D 261 -57.05 -25.25 6.52
CA PRO D 261 -57.88 -25.36 7.74
C PRO D 261 -58.99 -26.42 7.76
N ARG D 262 -59.75 -26.52 6.65
CA ARG D 262 -60.85 -27.45 6.50
C ARG D 262 -60.39 -28.90 6.36
N LEU D 263 -59.27 -29.11 5.68
CA LEU D 263 -58.77 -30.47 5.46
C LEU D 263 -57.98 -31.00 6.66
N HIS D 264 -58.70 -31.24 7.76
CA HIS D 264 -58.15 -31.74 9.03
C HIS D 264 -58.73 -33.11 9.45
N PHE D 265 -59.25 -33.89 8.48
CA PHE D 265 -59.81 -35.22 8.73
C PHE D 265 -58.80 -36.29 8.37
N PHE D 266 -58.25 -36.97 9.40
CA PHE D 266 -57.22 -38.00 9.23
C PHE D 266 -57.75 -39.40 9.17
N MET D 267 -57.09 -40.21 8.33
CA MET D 267 -57.31 -41.61 8.09
C MET D 267 -56.35 -42.38 9.02
N PRO D 268 -56.78 -42.84 10.22
CA PRO D 268 -55.85 -43.63 11.06
C PRO D 268 -55.62 -45.02 10.46
N GLY D 269 -54.45 -45.55 10.76
CA GLY D 269 -54.04 -46.86 10.29
C GLY D 269 -53.22 -47.50 11.37
N PHE D 270 -53.27 -48.83 11.43
CA PHE D 270 -52.52 -49.58 12.45
C PHE D 270 -52.09 -50.95 11.92
N ALA D 271 -50.93 -51.40 12.38
CA ALA D 271 -50.32 -52.70 12.09
C ALA D 271 -49.48 -53.15 13.31
N PRO D 272 -49.55 -54.41 13.79
CA PRO D 272 -50.37 -55.52 13.28
C PRO D 272 -51.84 -55.39 13.67
N LEU D 273 -52.75 -55.79 12.76
CA LEU D 273 -54.19 -55.84 13.03
C LEU D 273 -54.44 -57.01 14.01
N THR D 274 -55.08 -56.73 15.16
CA THR D 274 -55.34 -57.71 16.24
C THR D 274 -56.81 -57.80 16.69
N SER D 275 -57.16 -58.93 17.33
CA SER D 275 -58.44 -59.26 17.96
C SER D 275 -58.12 -59.63 19.42
N ARG D 276 -59.08 -59.41 20.35
CA ARG D 276 -58.87 -59.68 21.80
C ARG D 276 -58.69 -61.18 22.14
N GLY D 277 -58.45 -62.00 21.13
CA GLY D 277 -58.19 -63.43 21.30
C GLY D 277 -56.78 -63.65 21.79
N SER D 278 -56.24 -64.83 21.51
CA SER D 278 -54.88 -65.24 21.88
C SER D 278 -54.19 -65.77 20.62
N GLN D 279 -53.14 -65.03 20.17
CA GLN D 279 -52.40 -65.35 18.95
C GLN D 279 -50.91 -65.43 19.19
N LEU D 284 -44.03 -59.63 13.21
CA LEU D 284 -43.94 -58.61 12.16
C LEU D 284 -42.59 -57.88 12.18
N THR D 285 -41.95 -57.78 10.98
CA THR D 285 -40.66 -57.09 10.79
C THR D 285 -40.89 -55.64 10.43
N VAL D 286 -39.84 -54.80 10.59
CA VAL D 286 -39.86 -53.37 10.25
C VAL D 286 -40.33 -53.17 8.79
N PRO D 287 -39.82 -53.93 7.77
CA PRO D 287 -40.38 -53.76 6.42
C PRO D 287 -41.85 -54.16 6.34
N GLU D 288 -42.26 -55.24 7.05
CA GLU D 288 -43.65 -55.72 7.07
C GLU D 288 -44.59 -54.68 7.70
N LEU D 289 -44.20 -54.16 8.89
CA LEU D 289 -44.93 -53.13 9.59
C LEU D 289 -45.09 -51.93 8.63
N THR D 290 -43.95 -51.41 8.10
CA THR D 290 -43.86 -50.29 7.13
C THR D 290 -44.78 -50.49 5.91
N GLN D 291 -44.84 -51.72 5.36
CA GLN D 291 -45.67 -52.04 4.20
C GLN D 291 -47.16 -52.04 4.50
N GLN D 292 -47.56 -52.72 5.60
CA GLN D 292 -48.94 -52.89 6.05
C GLN D 292 -49.70 -51.59 6.29
N MET D 293 -49.07 -50.62 6.98
CA MET D 293 -49.69 -49.32 7.32
C MET D 293 -49.81 -48.34 6.13
N PHE D 294 -49.87 -48.86 4.91
CA PHE D 294 -50.06 -48.04 3.71
C PHE D 294 -51.03 -48.76 2.75
N ASP D 295 -51.53 -49.94 3.19
CA ASP D 295 -52.48 -50.83 2.52
C ASP D 295 -53.88 -50.66 3.15
N SER D 296 -54.93 -50.47 2.30
CA SER D 296 -56.35 -50.25 2.65
C SER D 296 -56.89 -51.15 3.76
N LYS D 297 -56.41 -52.40 3.84
CA LYS D 297 -56.82 -53.40 4.84
C LYS D 297 -56.51 -52.99 6.27
N ASN D 298 -55.52 -52.08 6.48
CA ASN D 298 -55.11 -51.60 7.80
C ASN D 298 -55.61 -50.19 8.11
N MET D 299 -56.49 -49.65 7.25
CA MET D 299 -57.09 -48.32 7.40
C MET D 299 -58.34 -48.33 8.26
N MET D 300 -58.37 -47.46 9.30
CA MET D 300 -59.50 -47.31 10.23
C MET D 300 -60.67 -46.53 9.62
N ALA D 301 -60.48 -46.04 8.40
CA ALA D 301 -61.50 -45.38 7.58
C ALA D 301 -61.54 -46.17 6.27
N ALA D 302 -62.78 -46.54 5.84
CA ALA D 302 -63.05 -47.33 4.62
C ALA D 302 -62.75 -46.51 3.34
N CYS D 303 -61.45 -46.22 3.16
CA CYS D 303 -60.86 -45.47 2.06
C CYS D 303 -59.60 -46.17 1.63
N ASP D 304 -59.34 -46.14 0.30
CA ASP D 304 -58.14 -46.71 -0.31
C ASP D 304 -57.14 -45.56 -0.52
N PRO D 305 -55.96 -45.63 0.10
CA PRO D 305 -54.95 -44.56 -0.09
C PRO D 305 -54.60 -44.32 -1.57
N ARG D 306 -54.48 -45.42 -2.37
CA ARG D 306 -54.16 -45.45 -3.80
C ARG D 306 -55.24 -44.90 -4.71
N HIS D 307 -56.38 -44.50 -4.12
CA HIS D 307 -57.51 -43.87 -4.82
C HIS D 307 -57.45 -42.34 -4.64
N GLY D 308 -56.44 -41.90 -3.91
CA GLY D 308 -56.17 -40.50 -3.63
C GLY D 308 -54.69 -40.24 -3.42
N ARG D 309 -54.33 -39.03 -2.97
CA ARG D 309 -52.94 -38.66 -2.68
C ARG D 309 -52.77 -38.27 -1.19
N TYR D 310 -51.59 -38.50 -0.62
CA TYR D 310 -51.25 -38.11 0.75
C TYR D 310 -50.77 -36.66 0.77
N LEU D 311 -51.48 -35.80 1.54
CA LEU D 311 -51.07 -34.42 1.75
C LEU D 311 -49.90 -34.47 2.74
N THR D 312 -50.10 -35.15 3.89
CA THR D 312 -49.13 -35.33 4.99
C THR D 312 -49.35 -36.69 5.64
N VAL D 313 -48.33 -37.22 6.30
CA VAL D 313 -48.37 -38.50 7.01
C VAL D 313 -47.51 -38.44 8.28
N ALA D 314 -47.94 -39.12 9.33
CA ALA D 314 -47.20 -39.32 10.56
C ALA D 314 -47.14 -40.85 10.77
N ALA D 315 -45.94 -41.38 11.05
CA ALA D 315 -45.69 -42.80 11.25
C ALA D 315 -45.10 -43.01 12.63
N VAL D 316 -45.84 -43.70 13.53
CA VAL D 316 -45.35 -43.98 14.90
C VAL D 316 -44.90 -45.44 14.97
N PHE D 317 -43.67 -45.67 15.43
CA PHE D 317 -43.08 -47.00 15.56
C PHE D 317 -42.87 -47.31 17.01
N ARG D 318 -43.51 -48.38 17.52
CA ARG D 318 -43.43 -48.80 18.92
C ARG D 318 -42.72 -50.15 19.09
N GLY D 319 -41.72 -50.17 19.97
CA GLY D 319 -40.95 -51.36 20.29
C GLY D 319 -39.46 -51.15 20.07
N ARG D 320 -38.64 -52.16 20.43
CA ARG D 320 -37.18 -52.08 20.27
C ARG D 320 -36.78 -52.67 18.91
N MET D 321 -36.39 -51.79 17.98
CA MET D 321 -36.02 -52.10 16.59
C MET D 321 -34.84 -51.21 16.14
N SER D 322 -34.31 -51.42 14.91
CA SER D 322 -33.24 -50.56 14.40
C SER D 322 -33.86 -49.30 13.81
N MET D 323 -33.42 -48.14 14.32
CA MET D 323 -33.81 -46.82 13.89
C MET D 323 -33.34 -46.65 12.44
N LYS D 324 -32.12 -47.14 12.13
CA LYS D 324 -31.49 -47.16 10.81
C LYS D 324 -32.43 -47.90 9.82
N GLU D 325 -32.92 -49.08 10.21
CA GLU D 325 -33.85 -49.92 9.44
C GLU D 325 -35.18 -49.21 9.18
N VAL D 326 -35.73 -48.53 10.22
CA VAL D 326 -36.99 -47.78 10.19
C VAL D 326 -36.85 -46.68 9.15
N ASP D 327 -35.73 -45.94 9.22
CA ASP D 327 -35.34 -44.82 8.35
C ASP D 327 -35.25 -45.29 6.92
N GLU D 328 -34.62 -46.47 6.70
CA GLU D 328 -34.45 -47.10 5.40
C GLU D 328 -35.78 -47.61 4.83
N GLN D 329 -36.63 -48.21 5.68
CA GLN D 329 -37.93 -48.74 5.26
C GLN D 329 -38.93 -47.62 4.95
N MET D 330 -38.90 -46.54 5.77
CA MET D 330 -39.74 -45.37 5.54
C MET D 330 -39.34 -44.68 4.24
N LEU D 331 -38.02 -44.62 3.95
CA LEU D 331 -37.51 -44.06 2.69
C LEU D 331 -37.96 -44.91 1.50
N ASN D 332 -37.90 -46.25 1.64
CA ASN D 332 -38.31 -47.25 0.64
C ASN D 332 -39.78 -47.04 0.18
N VAL D 333 -40.77 -47.04 1.14
CA VAL D 333 -42.21 -46.84 0.84
C VAL D 333 -42.49 -45.50 0.20
N GLN D 334 -41.76 -44.45 0.61
CA GLN D 334 -41.93 -43.11 0.04
C GLN D 334 -41.43 -43.06 -1.42
N ASN D 335 -40.26 -43.66 -1.71
CA ASN D 335 -39.70 -43.68 -3.07
C ASN D 335 -40.54 -44.60 -3.97
N LYS D 336 -40.85 -45.82 -3.49
CA LYS D 336 -41.67 -46.79 -4.21
C LYS D 336 -43.15 -46.39 -4.39
N ASN D 337 -43.68 -45.33 -3.69
CA ASN D 337 -45.09 -44.87 -3.81
C ASN D 337 -45.24 -43.36 -4.01
N SER D 338 -44.15 -42.72 -4.47
CA SER D 338 -44.00 -41.29 -4.76
C SER D 338 -45.20 -40.60 -5.44
N SER D 339 -45.91 -41.31 -6.34
CA SER D 339 -47.07 -40.78 -7.06
C SER D 339 -48.23 -40.49 -6.13
N TYR D 340 -48.34 -41.27 -5.06
CA TYR D 340 -49.42 -41.17 -4.06
C TYR D 340 -49.15 -40.11 -2.99
N PHE D 341 -48.08 -39.30 -3.14
CA PHE D 341 -47.69 -38.22 -2.24
C PHE D 341 -47.66 -36.91 -3.06
N VAL D 342 -48.27 -35.83 -2.53
CA VAL D 342 -48.26 -34.50 -3.17
C VAL D 342 -46.82 -33.99 -3.22
N GLU D 343 -46.39 -33.58 -4.42
CA GLU D 343 -45.03 -33.09 -4.70
C GLU D 343 -44.82 -31.71 -4.11
N TRP D 344 -45.85 -30.86 -4.16
CA TRP D 344 -45.84 -29.50 -3.67
C TRP D 344 -45.75 -29.36 -2.11
N ILE D 345 -45.65 -30.48 -1.38
CA ILE D 345 -45.41 -30.53 0.05
C ILE D 345 -44.18 -31.45 0.24
N PRO D 346 -42.94 -30.86 0.23
CA PRO D 346 -41.76 -31.68 0.39
C PRO D 346 -41.61 -32.22 1.80
N ASN D 347 -41.03 -33.43 1.93
CA ASN D 347 -40.74 -34.11 3.20
C ASN D 347 -41.99 -34.15 4.13
N ASN D 348 -43.15 -34.54 3.55
CA ASN D 348 -44.46 -34.60 4.18
C ASN D 348 -44.68 -35.79 5.12
N VAL D 349 -43.78 -36.78 5.11
CA VAL D 349 -43.88 -37.93 5.99
C VAL D 349 -42.93 -37.77 7.18
N LYS D 350 -43.50 -37.72 8.37
CA LYS D 350 -42.75 -37.59 9.61
C LYS D 350 -42.76 -38.93 10.38
N THR D 351 -41.62 -39.35 10.96
CA THR D 351 -41.52 -40.65 11.64
C THR D 351 -40.99 -40.54 13.07
N ALA D 352 -41.75 -41.12 14.02
CA ALA D 352 -41.41 -41.19 15.45
C ALA D 352 -41.17 -42.64 15.92
N VAL D 353 -40.23 -42.82 16.88
CA VAL D 353 -39.86 -44.10 17.44
C VAL D 353 -39.93 -44.08 18.97
N CYS D 354 -40.85 -44.93 19.49
CA CYS D 354 -41.11 -45.14 20.91
C CYS D 354 -40.66 -46.55 21.28
N ASP D 355 -39.79 -46.67 22.32
CA ASP D 355 -39.26 -47.97 22.76
C ASP D 355 -40.30 -48.81 23.50
N ILE D 356 -41.32 -48.15 24.07
CA ILE D 356 -42.43 -48.76 24.80
C ILE D 356 -43.47 -49.32 23.81
N PRO D 357 -43.57 -50.67 23.65
CA PRO D 357 -44.56 -51.22 22.73
C PRO D 357 -45.91 -51.32 23.43
N PRO D 358 -47.05 -51.42 22.70
CA PRO D 358 -48.32 -51.60 23.42
C PRO D 358 -48.36 -53.00 24.05
N ARG D 359 -49.32 -53.27 24.95
CA ARG D 359 -49.37 -54.58 25.58
C ARG D 359 -49.79 -55.66 24.58
N GLY D 360 -49.15 -56.82 24.71
CA GLY D 360 -49.39 -57.95 23.84
C GLY D 360 -48.59 -57.95 22.55
N LEU D 361 -47.75 -56.92 22.34
CA LEU D 361 -46.93 -56.83 21.14
C LEU D 361 -45.49 -56.52 21.49
N LYS D 362 -44.57 -56.94 20.60
CA LYS D 362 -43.14 -56.66 20.72
C LYS D 362 -42.79 -55.46 19.82
N MET D 363 -43.60 -55.23 18.75
CA MET D 363 -43.53 -54.08 17.85
C MET D 363 -44.83 -53.86 17.02
N SER D 364 -45.17 -52.56 16.88
CA SER D 364 -46.36 -52.04 16.19
C SER D 364 -46.06 -50.74 15.45
N ALA D 365 -46.95 -50.38 14.53
CA ALA D 365 -46.82 -49.20 13.73
C ALA D 365 -48.18 -48.55 13.53
N THR D 366 -48.30 -47.32 13.97
CA THR D 366 -49.51 -46.54 13.80
C THR D 366 -49.25 -45.53 12.71
N PHE D 367 -50.24 -45.32 11.86
CA PHE D 367 -50.17 -44.42 10.73
C PHE D 367 -51.25 -43.36 10.86
N ILE D 368 -50.85 -42.10 10.74
CA ILE D 368 -51.78 -40.98 10.78
C ILE D 368 -51.64 -40.31 9.43
N GLY D 369 -52.65 -40.45 8.58
CA GLY D 369 -52.60 -39.85 7.26
C GLY D 369 -53.63 -38.80 6.94
N ASN D 370 -53.21 -37.71 6.27
CA ASN D 370 -54.13 -36.71 5.74
C ASN D 370 -54.13 -36.95 4.24
N SER D 371 -54.94 -37.95 3.81
CA SER D 371 -55.10 -38.37 2.42
C SER D 371 -56.36 -37.77 1.84
N THR D 372 -56.31 -37.39 0.56
CA THR D 372 -57.45 -36.84 -0.19
C THR D 372 -58.47 -37.95 -0.47
N ALA D 373 -58.04 -39.23 -0.25
CA ALA D 373 -58.85 -40.44 -0.40
C ALA D 373 -59.94 -40.51 0.70
N ILE D 374 -59.87 -39.63 1.73
CA ILE D 374 -60.90 -39.55 2.78
C ILE D 374 -62.23 -39.06 2.19
N GLN D 375 -62.21 -38.47 0.97
CA GLN D 375 -63.41 -37.99 0.30
C GLN D 375 -64.37 -39.16 -0.03
N GLU D 376 -63.88 -40.42 0.01
CA GLU D 376 -64.66 -41.64 -0.24
C GLU D 376 -65.63 -41.90 0.94
N LEU D 377 -65.15 -41.61 2.16
CA LEU D 377 -65.93 -41.71 3.38
C LEU D 377 -67.01 -40.62 3.38
N PHE D 378 -66.69 -39.39 2.95
CA PHE D 378 -67.68 -38.32 2.95
C PHE D 378 -68.71 -38.43 1.80
N LYS D 379 -68.31 -39.00 0.63
CA LYS D 379 -69.16 -39.20 -0.56
C LYS D 379 -70.29 -40.23 -0.24
N ARG D 380 -69.91 -41.28 0.51
CA ARG D 380 -70.78 -42.37 0.96
C ARG D 380 -71.87 -41.82 1.89
N ILE D 381 -71.51 -40.90 2.81
CA ILE D 381 -72.42 -40.26 3.75
C ILE D 381 -73.33 -39.27 3.00
N SER D 382 -72.80 -38.55 1.99
CA SER D 382 -73.63 -37.61 1.23
C SER D 382 -74.64 -38.33 0.32
N GLU D 383 -74.33 -39.59 -0.06
CA GLU D 383 -75.19 -40.45 -0.88
C GLU D 383 -76.33 -40.96 0.03
N GLN D 384 -75.96 -41.43 1.26
CA GLN D 384 -76.85 -41.92 2.30
C GLN D 384 -77.81 -40.83 2.81
N PHE D 385 -77.43 -39.55 2.64
CA PHE D 385 -78.19 -38.35 3.03
C PHE D 385 -79.16 -37.95 1.92
N THR D 386 -78.67 -37.89 0.66
CA THR D 386 -79.44 -37.48 -0.52
C THR D 386 -80.56 -38.48 -0.81
N ALA D 387 -80.36 -39.78 -0.47
CA ALA D 387 -81.39 -40.82 -0.58
C ALA D 387 -82.67 -40.40 0.19
N MET D 388 -82.47 -39.95 1.45
CA MET D 388 -83.52 -39.48 2.36
C MET D 388 -83.96 -38.04 2.12
N PHE D 389 -83.02 -37.11 1.96
CA PHE D 389 -83.29 -35.67 1.83
C PHE D 389 -84.09 -35.29 0.58
N ARG D 390 -83.86 -35.97 -0.57
CA ARG D 390 -84.63 -35.65 -1.78
C ARG D 390 -86.12 -35.96 -1.55
N ARG D 391 -86.38 -37.04 -0.77
CA ARG D 391 -87.69 -37.53 -0.34
C ARG D 391 -88.30 -36.65 0.79
N LYS D 392 -87.45 -35.85 1.47
CA LYS D 392 -87.76 -35.00 2.64
C LYS D 392 -88.16 -35.87 3.85
N ALA D 393 -87.78 -37.15 3.79
CA ALA D 393 -88.02 -38.25 4.73
C ALA D 393 -87.50 -37.97 6.14
N PHE D 394 -88.27 -38.38 7.18
CA PHE D 394 -87.96 -38.31 8.62
C PHE D 394 -87.60 -36.91 9.18
N LEU D 395 -87.88 -35.83 8.41
CA LEU D 395 -87.52 -34.46 8.81
C LEU D 395 -88.31 -33.90 10.01
N HIS D 396 -89.49 -34.48 10.34
CA HIS D 396 -90.35 -34.06 11.45
C HIS D 396 -89.63 -34.22 12.82
N TRP D 397 -88.77 -35.26 12.95
CA TRP D 397 -87.95 -35.55 14.13
C TRP D 397 -87.08 -34.31 14.47
N TYR D 398 -86.60 -33.61 13.41
CA TYR D 398 -85.70 -32.46 13.46
C TYR D 398 -86.39 -31.11 13.45
N THR D 399 -87.35 -30.87 12.52
CA THR D 399 -88.10 -29.60 12.42
C THR D 399 -88.92 -29.37 13.70
N GLY D 400 -89.43 -30.47 14.25
CA GLY D 400 -90.21 -30.51 15.48
C GLY D 400 -89.45 -30.03 16.70
N GLU D 401 -88.14 -30.37 16.76
CA GLU D 401 -87.25 -29.94 17.83
C GLU D 401 -86.83 -28.45 17.67
N GLY D 402 -87.19 -27.84 16.53
CA GLY D 402 -86.96 -26.42 16.25
C GLY D 402 -86.29 -26.06 14.93
N MET D 403 -85.56 -27.02 14.33
CA MET D 403 -84.79 -26.82 13.10
C MET D 403 -85.61 -26.49 11.85
N ASP D 404 -84.88 -26.09 10.79
CA ASP D 404 -85.39 -25.71 9.49
C ASP D 404 -84.81 -26.70 8.45
N GLU D 405 -85.40 -26.71 7.24
CA GLU D 405 -84.98 -27.53 6.09
C GLU D 405 -83.70 -26.88 5.50
N MET D 406 -83.54 -25.55 5.73
CA MET D 406 -82.43 -24.70 5.32
C MET D 406 -81.12 -25.23 5.88
N GLU D 407 -81.10 -25.60 7.18
CA GLU D 407 -79.94 -26.14 7.92
C GLU D 407 -79.35 -27.40 7.30
N PHE D 408 -80.22 -28.27 6.77
CA PHE D 408 -79.86 -29.52 6.11
C PHE D 408 -79.30 -29.28 4.71
N THR D 409 -79.83 -28.27 4.01
CA THR D 409 -79.36 -27.89 2.67
C THR D 409 -77.93 -27.35 2.81
N GLU D 410 -77.72 -26.45 3.82
CA GLU D 410 -76.45 -25.82 4.21
C GLU D 410 -75.42 -26.87 4.63
N ALA D 411 -75.82 -27.86 5.46
CA ALA D 411 -74.96 -28.93 5.94
C ALA D 411 -74.51 -29.87 4.81
N GLU D 412 -75.39 -30.09 3.82
CA GLU D 412 -75.12 -30.96 2.68
C GLU D 412 -74.09 -30.29 1.79
N SER D 413 -74.31 -28.99 1.47
CA SER D 413 -73.43 -28.15 0.65
C SER D 413 -72.01 -28.10 1.23
N ASN D 414 -71.86 -27.76 2.54
CA ASN D 414 -70.54 -27.69 3.22
C ASN D 414 -69.75 -29.01 3.13
N MET D 415 -70.44 -30.16 3.28
CA MET D 415 -69.80 -31.47 3.15
C MET D 415 -69.54 -31.82 1.67
N ASN D 416 -70.31 -31.26 0.73
CA ASN D 416 -70.06 -31.46 -0.71
C ASN D 416 -68.83 -30.62 -1.13
N ASP D 417 -68.73 -29.37 -0.58
CA ASP D 417 -67.63 -28.41 -0.79
C ASP D 417 -66.33 -29.00 -0.27
N LEU D 418 -66.36 -29.62 0.94
CA LEU D 418 -65.19 -30.29 1.53
C LEU D 418 -64.64 -31.39 0.59
N VAL D 419 -65.52 -32.15 -0.09
CA VAL D 419 -65.11 -33.20 -1.01
C VAL D 419 -64.49 -32.58 -2.29
N SER D 420 -65.06 -31.45 -2.78
CA SER D 420 -64.57 -30.70 -3.94
C SER D 420 -63.14 -30.21 -3.71
N GLU D 421 -62.83 -29.91 -2.43
CA GLU D 421 -61.55 -29.42 -1.90
C GLU D 421 -60.55 -30.55 -1.77
N TYR D 422 -60.96 -31.73 -1.24
CA TYR D 422 -60.03 -32.86 -1.15
C TYR D 422 -59.62 -33.29 -2.57
N GLN D 423 -60.53 -33.14 -3.55
CA GLN D 423 -60.26 -33.41 -4.97
C GLN D 423 -59.34 -32.36 -5.56
N GLN D 424 -59.60 -31.07 -5.26
CA GLN D 424 -58.85 -29.86 -5.70
C GLN D 424 -57.34 -30.04 -5.50
N TYR D 425 -56.93 -30.49 -4.30
CA TYR D 425 -55.53 -30.72 -3.96
C TYR D 425 -55.03 -32.12 -4.39
N GLN D 426 -55.94 -33.03 -4.75
CA GLN D 426 -55.56 -34.35 -5.25
C GLN D 426 -55.16 -34.17 -6.72
N ASP D 427 -55.74 -33.16 -7.39
CA ASP D 427 -55.47 -32.86 -8.78
C ASP D 427 -54.36 -31.79 -8.96
N ALA D 428 -54.03 -31.02 -7.89
CA ALA D 428 -53.04 -29.96 -7.87
C ALA D 428 -51.63 -30.41 -8.32
N THR D 429 -51.04 -29.63 -9.24
CA THR D 429 -49.75 -29.89 -9.89
C THR D 429 -48.59 -29.08 -9.29
N ALA D 430 -47.37 -29.66 -9.28
CA ALA D 430 -46.14 -29.02 -8.81
C ALA D 430 -45.64 -27.96 -9.82
N ASP D 431 -45.56 -28.30 -11.13
CA ASP D 431 -45.08 -27.36 -12.15
C ASP D 431 -46.23 -26.68 -12.89
N MET E 4 62.80 46.33 -25.42
CA MET E 4 62.02 46.10 -24.20
C MET E 4 62.24 47.24 -23.19
N GLU E 5 61.24 48.10 -23.02
CA GLU E 5 61.25 49.28 -22.11
C GLU E 5 61.05 48.89 -20.62
N VAL E 6 61.55 49.74 -19.69
CA VAL E 6 61.39 49.63 -18.23
C VAL E 6 61.02 51.02 -17.72
N ILE E 7 59.87 51.13 -17.03
CA ILE E 7 59.40 52.42 -16.54
C ILE E 7 59.10 52.37 -15.02
N GLU E 8 58.52 53.46 -14.47
CA GLU E 8 58.06 53.75 -13.10
C GLU E 8 58.69 52.86 -12.01
N LEU E 9 60.04 52.84 -11.96
CA LEU E 9 60.77 52.06 -10.96
C LEU E 9 60.54 52.64 -9.56
N ASN E 10 59.67 51.97 -8.81
CA ASN E 10 59.32 52.30 -7.44
C ASN E 10 60.09 51.42 -6.46
N LYS E 11 60.74 52.05 -5.52
CA LYS E 11 61.52 51.34 -4.51
C LYS E 11 60.94 51.64 -3.12
N ALA E 12 61.10 50.66 -2.20
CA ALA E 12 60.61 50.71 -0.82
C ALA E 12 61.50 49.84 0.09
N THR E 13 61.13 49.67 1.40
CA THR E 13 61.97 48.89 2.30
C THR E 13 61.70 47.39 2.15
N SER E 14 60.42 46.98 2.03
CA SER E 14 60.05 45.57 1.89
C SER E 14 59.70 45.14 0.43
N GLY E 15 60.00 45.99 -0.56
CA GLY E 15 59.73 45.65 -1.95
C GLY E 15 60.33 46.59 -2.97
N GLN E 16 59.97 46.37 -4.25
CA GLN E 16 60.41 47.11 -5.44
C GLN E 16 59.40 46.82 -6.56
N SER E 17 59.16 47.77 -7.45
CA SER E 17 58.21 47.57 -8.56
C SER E 17 58.57 48.37 -9.81
N TRP E 18 58.05 47.95 -10.97
CA TRP E 18 58.24 48.62 -12.25
C TRP E 18 57.22 48.07 -13.27
N GLU E 19 57.11 48.72 -14.43
CA GLU E 19 56.27 48.33 -15.56
C GLU E 19 57.26 47.86 -16.63
N VAL E 20 56.87 46.91 -17.47
CA VAL E 20 57.75 46.44 -18.53
C VAL E 20 56.93 46.29 -19.84
N ILE E 21 57.05 47.31 -20.72
CA ILE E 21 56.35 47.37 -22.03
C ILE E 21 57.15 46.66 -23.10
N LEU E 22 56.56 45.60 -23.68
CA LEU E 22 57.17 44.78 -24.74
C LEU E 22 56.74 45.26 -26.15
N LYS E 23 55.59 45.97 -26.24
CA LYS E 23 54.96 46.52 -27.46
C LYS E 23 53.89 47.56 -27.04
N PRO E 24 53.75 48.73 -27.72
CA PRO E 24 52.69 49.68 -27.34
C PRO E 24 51.32 49.29 -27.92
N PRO E 25 50.17 49.96 -27.58
CA PRO E 25 48.86 49.52 -28.14
C PRO E 25 48.66 49.67 -29.68
N SER E 26 47.38 49.89 -30.11
CA SER E 26 46.93 50.06 -31.50
C SER E 26 45.70 50.96 -31.53
N ASP E 42 23.26 51.70 -8.82
CA ASP E 42 23.22 50.89 -7.60
C ASP E 42 21.93 51.13 -6.75
N PRO E 43 21.26 50.04 -6.27
CA PRO E 43 19.99 50.23 -5.51
C PRO E 43 20.13 50.77 -4.09
N SER E 44 19.21 51.68 -3.71
CA SER E 44 19.17 52.34 -2.41
C SER E 44 18.54 51.43 -1.38
N LEU E 45 18.81 51.67 -0.08
CA LEU E 45 18.25 50.91 1.05
C LEU E 45 16.71 50.68 0.93
N GLU E 46 15.99 51.66 0.33
CA GLU E 46 14.54 51.61 0.11
C GLU E 46 14.16 50.46 -0.85
N GLU E 47 14.96 50.26 -1.92
CA GLU E 47 14.75 49.20 -2.90
C GLU E 47 15.11 47.82 -2.34
N ILE E 48 16.15 47.75 -1.47
CA ILE E 48 16.61 46.54 -0.80
C ILE E 48 15.51 46.01 0.15
N GLN E 49 14.86 46.89 0.94
CA GLN E 49 13.78 46.46 1.84
C GLN E 49 12.49 46.08 1.11
N LYS E 50 12.25 46.71 -0.08
CA LYS E 50 11.10 46.47 -0.98
C LYS E 50 11.14 45.01 -1.48
N LYS E 51 12.33 44.57 -1.97
CA LYS E 51 12.54 43.20 -2.47
C LYS E 51 12.55 42.17 -1.30
N LEU E 52 13.11 42.56 -0.13
CA LEU E 52 13.18 41.71 1.07
C LEU E 52 11.82 41.51 1.77
N GLU E 53 10.91 42.49 1.61
CA GLU E 53 9.57 42.46 2.20
C GLU E 53 8.64 41.65 1.28
N ALA E 54 8.76 41.84 -0.06
CA ALA E 54 7.98 41.17 -1.12
C ALA E 54 8.17 39.64 -1.12
N ALA E 55 9.34 39.17 -0.69
CA ALA E 55 9.68 37.75 -0.61
C ALA E 55 9.04 37.20 0.64
N GLU E 56 9.16 37.91 1.78
CA GLU E 56 8.54 37.56 3.08
C GLU E 56 7.02 37.50 2.91
N GLU E 57 6.44 38.43 2.11
CA GLU E 57 5.01 38.43 1.82
C GLU E 57 4.61 37.31 0.85
N ARG E 58 5.53 36.85 -0.02
CA ARG E 58 5.27 35.72 -0.91
C ARG E 58 5.30 34.40 -0.08
N ARG E 59 6.21 34.32 0.94
CA ARG E 59 6.35 33.20 1.90
C ARG E 59 5.13 33.12 2.78
N LYS E 60 4.71 34.28 3.35
CA LYS E 60 3.56 34.41 4.26
C LYS E 60 2.25 33.98 3.59
N TYR E 61 2.10 34.26 2.28
CA TYR E 61 0.91 33.88 1.50
C TYR E 61 0.85 32.36 1.29
N GLN E 62 2.01 31.75 0.99
CA GLN E 62 2.20 30.33 0.79
C GLN E 62 1.94 29.56 2.08
N GLU E 63 2.38 30.10 3.24
CA GLU E 63 2.15 29.45 4.53
C GLU E 63 0.69 29.49 4.95
N ALA E 64 0.03 30.64 4.73
CA ALA E 64 -1.38 30.82 5.06
C ALA E 64 -2.26 30.00 4.12
N GLU E 65 -1.86 29.84 2.84
CA GLU E 65 -2.63 29.03 1.88
C GLU E 65 -2.57 27.56 2.26
N LEU E 66 -1.45 27.13 2.84
CA LEU E 66 -1.23 25.77 3.31
C LEU E 66 -2.11 25.53 4.52
N LEU E 67 -2.08 26.48 5.47
CA LEU E 67 -2.83 26.44 6.71
C LEU E 67 -4.34 26.44 6.48
N LYS E 68 -4.77 27.09 5.38
CA LYS E 68 -6.15 27.18 4.88
C LYS E 68 -6.57 25.79 4.42
N HIS E 69 -5.72 25.12 3.60
N HIS E 69 -5.74 25.11 3.60
CA HIS E 69 -5.91 23.76 3.06
CA HIS E 69 -6.03 23.77 3.08
C HIS E 69 -5.94 22.72 4.19
C HIS E 69 -5.95 22.70 4.20
N LEU E 70 -5.12 22.92 5.23
CA LEU E 70 -5.00 22.00 6.38
C LEU E 70 -6.22 22.10 7.28
N ALA E 71 -6.82 23.30 7.38
CA ALA E 71 -8.01 23.57 8.17
C ALA E 71 -9.24 23.00 7.48
N GLU E 72 -9.20 22.91 6.12
CA GLU E 72 -10.24 22.30 5.28
C GLU E 72 -10.27 20.81 5.55
N LYS E 73 -9.08 20.21 5.85
CA LYS E 73 -8.86 18.79 6.21
C LYS E 73 -9.51 18.51 7.58
N ARG E 74 -9.21 19.35 8.61
CA ARG E 74 -9.75 19.26 9.97
C ARG E 74 -11.29 19.29 10.00
N GLU E 75 -11.88 19.91 8.99
CA GLU E 75 -13.31 20.10 8.74
C GLU E 75 -13.90 18.77 8.24
N HIS E 76 -13.31 18.20 7.18
CA HIS E 76 -13.68 16.93 6.56
C HIS E 76 -13.54 15.77 7.57
N GLU E 77 -12.50 15.80 8.43
CA GLU E 77 -12.27 14.80 9.49
C GLU E 77 -13.46 14.79 10.47
N ARG E 78 -13.97 16.00 10.80
CA ARG E 78 -15.07 16.33 11.70
C ARG E 78 -16.37 15.83 11.06
N GLU E 79 -16.54 16.11 9.76
CA GLU E 79 -17.67 15.70 8.92
C GLU E 79 -17.81 14.20 8.83
N VAL E 80 -16.68 13.46 8.70
CA VAL E 80 -16.64 12.00 8.54
C VAL E 80 -17.13 11.31 9.81
N ILE E 81 -16.59 11.65 10.99
CA ILE E 81 -17.01 11.08 12.29
C ILE E 81 -18.49 11.38 12.60
N GLN E 82 -19.00 12.52 12.12
CA GLN E 82 -20.39 12.96 12.27
C GLN E 82 -21.34 12.11 11.42
N LYS E 83 -20.91 11.75 10.20
CA LYS E 83 -21.59 10.90 9.22
C LYS E 83 -21.64 9.47 9.77
N ALA E 84 -20.56 9.02 10.45
CA ALA E 84 -20.52 7.68 11.07
C ALA E 84 -21.58 7.59 12.14
N ILE E 85 -21.66 8.62 12.97
CA ILE E 85 -22.62 8.71 14.07
C ILE E 85 -24.04 8.79 13.55
N GLU E 86 -24.33 9.64 12.56
CA GLU E 86 -25.68 9.78 12.00
C GLU E 86 -26.15 8.51 11.32
N GLU E 87 -25.27 7.80 10.58
CA GLU E 87 -25.67 6.55 9.93
C GLU E 87 -26.00 5.44 10.93
N ASN E 88 -25.30 5.42 12.10
CA ASN E 88 -25.50 4.45 13.18
C ASN E 88 -26.84 4.68 13.92
N ASN E 89 -27.13 5.97 14.12
CA ASN E 89 -28.31 6.48 14.78
C ASN E 89 -29.52 6.23 13.93
N ASN E 90 -29.44 6.55 12.63
CA ASN E 90 -30.48 6.35 11.64
C ASN E 90 -30.83 4.84 11.55
N PHE E 91 -29.79 3.97 11.69
CA PHE E 91 -29.92 2.52 11.69
C PHE E 91 -30.71 2.04 12.91
N ILE E 92 -30.28 2.42 14.15
CA ILE E 92 -31.00 2.10 15.40
C ILE E 92 -32.45 2.62 15.31
N LYS E 93 -32.65 3.83 14.77
CA LYS E 93 -33.95 4.49 14.61
C LYS E 93 -34.88 3.71 13.69
N MET E 94 -34.40 3.38 12.49
CA MET E 94 -35.18 2.65 11.49
C MET E 94 -35.59 1.29 12.00
N ALA E 95 -34.68 0.62 12.74
CA ALA E 95 -34.87 -0.69 13.35
C ALA E 95 -35.99 -0.58 14.38
N LYS E 96 -35.91 0.41 15.30
CA LYS E 96 -36.93 0.72 16.31
C LYS E 96 -38.30 0.92 15.63
N GLU E 97 -38.34 1.72 14.57
CA GLU E 97 -39.54 2.03 13.81
C GLU E 97 -40.15 0.80 13.14
N LYS E 98 -39.36 -0.01 12.39
CA LYS E 98 -39.78 -1.26 11.72
C LYS E 98 -40.40 -2.24 12.73
N LEU E 99 -39.77 -2.40 13.91
CA LEU E 99 -40.27 -3.29 14.94
C LEU E 99 -41.60 -2.83 15.54
N ALA E 100 -41.72 -1.55 15.90
CA ALA E 100 -42.94 -0.94 16.44
C ALA E 100 -44.08 -1.13 15.45
N GLN E 101 -43.79 -0.88 14.16
CA GLN E 101 -44.73 -1.05 13.06
C GLN E 101 -45.21 -2.49 12.91
N LYS E 102 -44.27 -3.48 12.97
CA LYS E 102 -44.60 -4.89 12.84
C LYS E 102 -45.35 -5.47 14.05
N MET E 103 -44.97 -5.10 15.28
CA MET E 103 -45.64 -5.58 16.50
C MET E 103 -47.07 -5.04 16.66
N GLU E 104 -47.38 -3.89 16.01
CA GLU E 104 -48.71 -3.30 16.00
C GLU E 104 -49.60 -3.89 14.88
N SER E 105 -49.02 -4.19 13.73
CA SER E 105 -49.74 -4.82 12.64
C SER E 105 -50.10 -6.24 13.05
N ASN E 106 -49.23 -6.90 13.83
CA ASN E 106 -49.47 -8.24 14.27
C ASN E 106 -50.51 -8.29 15.39
N LYS E 107 -50.45 -7.34 16.34
CA LYS E 107 -51.41 -7.23 17.46
C LYS E 107 -52.83 -7.02 16.90
N GLU E 108 -53.01 -6.03 16.00
CA GLU E 108 -54.28 -5.72 15.36
C GLU E 108 -54.81 -6.91 14.58
N ASN E 109 -53.92 -7.63 13.85
CA ASN E 109 -54.28 -8.78 13.03
C ASN E 109 -54.77 -9.95 13.85
N ARG E 110 -53.99 -10.38 14.87
CA ARG E 110 -54.37 -11.50 15.72
C ARG E 110 -55.69 -11.25 16.48
N GLU E 111 -55.88 -10.01 16.98
CA GLU E 111 -57.09 -9.55 17.67
C GLU E 111 -58.30 -9.65 16.71
N ALA E 112 -58.16 -9.09 15.48
CA ALA E 112 -59.17 -9.13 14.42
C ALA E 112 -59.54 -10.59 14.07
N HIS E 113 -58.56 -11.52 14.18
CA HIS E 113 -58.78 -12.93 13.87
C HIS E 113 -59.60 -13.59 14.93
N LEU E 114 -59.31 -13.32 16.23
CA LEU E 114 -60.10 -13.86 17.34
C LEU E 114 -61.52 -13.29 17.33
N ALA E 115 -61.65 -11.97 17.05
CA ALA E 115 -62.92 -11.26 16.96
C ALA E 115 -63.83 -11.96 15.94
N ALA E 116 -63.34 -12.12 14.69
CA ALA E 116 -64.04 -12.78 13.59
C ALA E 116 -64.53 -14.18 13.96
N MET E 117 -63.69 -14.95 14.67
CA MET E 117 -63.92 -16.32 15.13
C MET E 117 -65.05 -16.36 16.15
N LEU E 118 -65.03 -15.42 17.12
CA LEU E 118 -66.03 -15.39 18.16
C LEU E 118 -67.39 -14.85 17.70
N GLU E 119 -67.46 -14.02 16.63
CA GLU E 119 -68.74 -13.51 16.09
C GLU E 119 -69.46 -14.65 15.37
N ARG E 120 -68.69 -15.49 14.65
CA ARG E 120 -69.15 -16.68 13.95
C ARG E 120 -69.80 -17.69 14.93
N LEU E 121 -69.19 -17.81 16.14
CA LEU E 121 -69.60 -18.65 17.28
C LEU E 121 -70.80 -18.04 18.02
N GLN E 122 -70.81 -16.69 18.20
CA GLN E 122 -71.88 -15.92 18.83
C GLN E 122 -73.16 -15.97 17.97
N GLU E 123 -72.98 -16.09 16.62
CA GLU E 123 -74.08 -16.21 15.66
C GLU E 123 -74.63 -17.64 15.64
N LYS E 124 -73.80 -18.62 16.07
CA LYS E 124 -74.23 -20.02 16.19
C LYS E 124 -75.13 -20.14 17.43
N ASP E 125 -74.84 -19.32 18.47
CA ASP E 125 -75.61 -19.20 19.70
C ASP E 125 -76.93 -18.47 19.44
N LYS E 126 -76.88 -17.38 18.65
CA LYS E 126 -78.04 -16.59 18.24
C LYS E 126 -79.02 -17.53 17.47
N HIS E 127 -78.49 -18.30 16.49
CA HIS E 127 -79.26 -19.26 15.70
C HIS E 127 -79.94 -20.35 16.59
N ALA E 128 -79.24 -20.83 17.63
CA ALA E 128 -79.79 -21.84 18.55
C ALA E 128 -81.02 -21.32 19.33
N GLU E 129 -81.05 -20.01 19.65
CA GLU E 129 -82.19 -19.37 20.29
C GLU E 129 -83.35 -19.34 19.33
N GLU E 130 -83.09 -18.99 18.03
CA GLU E 130 -84.07 -18.97 16.94
C GLU E 130 -84.71 -20.37 16.76
N VAL E 131 -83.94 -21.46 17.00
CA VAL E 131 -84.39 -22.85 16.90
C VAL E 131 -85.27 -23.19 18.13
N ARG E 132 -84.79 -22.90 19.35
CA ARG E 132 -85.53 -23.11 20.61
C ARG E 132 -86.85 -22.30 20.69
N LYS E 133 -86.89 -21.12 20.05
CA LYS E 133 -88.05 -20.23 19.95
C LYS E 133 -89.05 -20.80 18.91
N ASN E 134 -88.53 -21.33 17.78
CA ASN E 134 -89.33 -21.95 16.71
C ASN E 134 -90.04 -23.22 17.22
N LYS E 135 -89.41 -23.96 18.18
CA LYS E 135 -89.98 -25.17 18.81
C LYS E 135 -91.13 -24.78 19.74
N GLU E 136 -90.92 -23.75 20.58
CA GLU E 136 -91.91 -23.27 21.54
C GLU E 136 -93.07 -22.55 20.85
N LEU E 137 -92.87 -22.13 19.57
CA LEU E 137 -93.88 -21.46 18.76
C LEU E 137 -95.03 -22.42 18.36
N LYS E 138 -94.75 -23.74 18.26
CA LYS E 138 -95.75 -24.78 17.95
C LYS E 138 -96.67 -25.11 19.14
N GLU E 139 -96.13 -24.98 20.38
CA GLU E 139 -96.87 -25.23 21.61
C GLU E 139 -97.61 -23.96 22.06
N MET F 1 35.57 -0.73 -21.19
CA MET F 1 34.49 -0.21 -22.03
C MET F 1 34.54 1.32 -22.06
N TYR F 2 35.12 1.87 -23.12
CA TYR F 2 35.27 3.31 -23.31
C TYR F 2 34.00 3.88 -23.89
N THR F 3 33.80 5.19 -23.70
CA THR F 3 32.60 5.87 -24.19
C THR F 3 32.88 7.01 -25.13
N PHE F 4 32.00 7.16 -26.13
CA PHE F 4 32.12 8.27 -27.06
C PHE F 4 30.78 8.93 -27.34
N VAL F 5 30.81 10.10 -27.98
CA VAL F 5 29.65 10.89 -28.38
C VAL F 5 29.89 11.36 -29.81
N VAL F 6 28.83 11.38 -30.65
CA VAL F 6 28.94 11.85 -32.03
C VAL F 6 28.21 13.18 -32.09
N ARG F 7 28.94 14.28 -32.39
CA ARG F 7 28.33 15.62 -32.44
C ARG F 7 28.38 16.28 -33.84
N ASP F 8 28.83 15.52 -34.86
CA ASP F 8 28.91 15.91 -36.29
C ASP F 8 28.40 14.74 -37.14
N GLU F 9 27.08 14.71 -37.38
CA GLU F 9 26.42 13.65 -38.14
C GLU F 9 26.83 13.61 -39.62
N ASN F 10 27.11 14.80 -40.20
CA ASN F 10 27.51 15.02 -41.59
C ASN F 10 28.92 14.51 -41.98
N SER F 11 29.80 14.26 -40.99
CA SER F 11 31.17 13.79 -41.23
C SER F 11 31.21 12.33 -41.59
N SER F 12 31.47 12.06 -42.87
CA SER F 12 31.59 10.73 -43.47
C SER F 12 32.72 9.93 -42.83
N VAL F 13 33.83 10.64 -42.51
CA VAL F 13 35.07 10.14 -41.91
C VAL F 13 34.83 9.64 -40.49
N TYR F 14 34.16 10.45 -39.63
CA TYR F 14 33.93 10.04 -38.24
C TYR F 14 32.68 9.18 -38.09
N ALA F 15 31.90 9.04 -39.18
CA ALA F 15 30.75 8.14 -39.23
C ALA F 15 31.34 6.74 -39.34
N GLU F 16 32.41 6.58 -40.14
CA GLU F 16 33.12 5.32 -40.32
C GLU F 16 33.94 5.03 -39.07
N VAL F 17 34.50 6.10 -38.45
CA VAL F 17 35.29 6.03 -37.21
C VAL F 17 34.39 5.52 -36.08
N SER F 18 33.14 6.03 -36.00
CA SER F 18 32.12 5.58 -35.04
C SER F 18 31.83 4.09 -35.26
N ARG F 19 31.50 3.71 -36.52
CA ARG F 19 31.20 2.34 -36.96
C ARG F 19 32.25 1.32 -36.50
N LEU F 20 33.53 1.62 -36.74
CA LEU F 20 34.68 0.78 -36.36
C LEU F 20 34.88 0.64 -34.83
N LEU F 21 34.60 1.72 -34.06
CA LEU F 21 34.72 1.78 -32.58
C LEU F 21 33.73 0.83 -31.87
N LEU F 22 32.45 0.88 -32.29
CA LEU F 22 31.36 0.03 -31.78
C LEU F 22 31.70 -1.44 -32.09
N ALA F 23 32.12 -1.70 -33.37
CA ALA F 23 32.51 -2.99 -33.94
C ALA F 23 33.57 -3.76 -33.16
N THR F 24 34.36 -3.08 -32.29
CA THR F 24 35.40 -3.67 -31.45
C THR F 24 34.77 -4.29 -30.21
N GLY F 25 33.61 -3.77 -29.81
CA GLY F 25 32.87 -4.20 -28.63
C GLY F 25 33.60 -3.84 -27.33
N GLN F 26 34.21 -2.63 -27.33
CA GLN F 26 34.93 -2.04 -26.21
C GLN F 26 34.64 -0.53 -26.13
N TRP F 27 33.79 -0.03 -27.06
CA TRP F 27 33.35 1.36 -27.14
C TRP F 27 31.83 1.45 -27.17
N LYS F 28 31.26 2.40 -26.39
CA LYS F 28 29.82 2.64 -26.34
C LYS F 28 29.52 4.09 -26.72
N ARG F 29 28.51 4.28 -27.60
CA ARG F 29 28.10 5.61 -28.02
C ARG F 29 26.99 6.12 -27.11
N LEU F 30 27.26 7.25 -26.44
CA LEU F 30 26.34 7.92 -25.52
C LEU F 30 25.55 8.94 -26.30
N ARG F 31 24.54 9.56 -25.63
CA ARG F 31 23.71 10.62 -26.21
C ARG F 31 24.62 11.82 -26.39
N LYS F 32 24.46 12.56 -27.52
CA LYS F 32 25.28 13.73 -27.87
C LYS F 32 25.39 14.81 -26.75
N ASP F 33 24.53 14.75 -25.69
CA ASP F 33 24.60 15.70 -24.57
C ASP F 33 24.93 15.04 -23.18
N ASN F 34 25.44 13.78 -23.21
CA ASN F 34 25.89 13.02 -22.04
C ASN F 34 27.37 13.43 -21.80
N PRO F 35 27.71 14.00 -20.61
CA PRO F 35 29.08 14.48 -20.39
C PRO F 35 30.10 13.42 -20.00
N ARG F 36 29.62 12.25 -19.54
CA ARG F 36 30.45 11.17 -19.03
C ARG F 36 31.02 10.26 -20.15
N PHE F 37 31.68 10.91 -21.15
CA PHE F 37 32.36 10.29 -22.31
C PHE F 37 33.90 10.40 -22.20
N ASN F 38 34.61 9.53 -22.95
CA ASN F 38 36.06 9.54 -23.06
C ASN F 38 36.46 10.30 -24.31
N LEU F 39 35.71 10.08 -25.39
CA LEU F 39 36.00 10.68 -26.69
C LEU F 39 34.85 11.50 -27.25
N MET F 40 35.15 12.75 -27.64
CA MET F 40 34.19 13.59 -28.31
C MET F 40 34.57 13.63 -29.78
N LEU F 41 33.63 13.28 -30.64
CA LEU F 41 33.78 13.42 -32.07
C LEU F 41 32.86 14.60 -32.33
N GLY F 42 33.42 15.78 -32.09
CA GLY F 42 32.72 17.07 -32.07
C GLY F 42 32.26 17.70 -33.36
N GLU F 43 31.37 18.70 -33.20
CA GLU F 43 30.76 19.53 -34.23
C GLU F 43 31.82 20.41 -34.87
N ARG F 44 31.69 20.68 -36.18
CA ARG F 44 32.67 21.50 -36.93
C ARG F 44 32.83 22.91 -36.35
N ASN F 45 31.77 23.74 -36.41
CA ASN F 45 31.86 25.08 -35.86
C ASN F 45 31.31 25.18 -34.47
N ARG F 46 31.99 25.98 -33.65
CA ARG F 46 31.65 26.31 -32.25
C ARG F 46 31.70 25.11 -31.27
N LEU F 47 32.75 24.24 -31.36
CA LEU F 47 32.97 23.09 -30.47
C LEU F 47 33.20 23.61 -29.03
N PRO F 48 32.50 23.06 -28.00
CA PRO F 48 32.68 23.60 -26.63
C PRO F 48 33.98 23.12 -25.94
N PHE F 49 35.11 23.64 -26.44
CA PHE F 49 36.44 23.29 -25.94
C PHE F 49 36.65 23.58 -24.45
N GLY F 50 35.98 24.63 -23.97
CA GLY F 50 36.04 25.06 -22.59
C GLY F 50 35.40 24.12 -21.60
N ARG F 51 34.53 23.20 -22.09
CA ARG F 51 33.79 22.23 -21.27
C ARG F 51 34.54 20.89 -21.05
N LEU F 52 35.40 20.48 -22.00
CA LEU F 52 36.22 19.24 -21.98
C LEU F 52 37.25 19.27 -20.84
N GLY F 53 37.68 18.08 -20.37
CA GLY F 53 38.69 17.97 -19.33
C GLY F 53 38.27 18.37 -17.93
N HIS F 54 36.94 18.37 -17.68
CA HIS F 54 36.40 18.73 -16.37
C HIS F 54 35.58 17.61 -15.77
N GLU F 55 35.68 16.39 -16.32
CA GLU F 55 34.98 15.23 -15.78
C GLU F 55 35.95 14.32 -15.06
N PRO F 56 35.91 14.25 -13.70
CA PRO F 56 36.87 13.40 -12.97
C PRO F 56 36.64 11.91 -13.21
N GLY F 57 37.74 11.17 -13.26
CA GLY F 57 37.75 9.75 -13.51
C GLY F 57 37.72 9.41 -14.99
N LEU F 58 37.55 10.44 -15.84
CA LEU F 58 37.52 10.25 -17.28
C LEU F 58 38.66 10.94 -17.94
N VAL F 59 39.36 10.21 -18.82
CA VAL F 59 40.42 10.76 -19.66
C VAL F 59 39.65 11.21 -20.90
N GLN F 60 39.65 12.51 -21.20
CA GLN F 60 38.90 13.01 -22.34
C GLN F 60 39.78 13.50 -23.48
N LEU F 61 39.37 13.13 -24.71
CA LEU F 61 40.06 13.41 -25.96
C LEU F 61 39.05 13.85 -27.04
N VAL F 62 39.40 14.91 -27.80
CA VAL F 62 38.55 15.41 -28.88
C VAL F 62 39.27 15.28 -30.25
N ASN F 63 38.47 15.15 -31.36
CA ASN F 63 38.92 15.00 -32.75
C ASN F 63 39.26 16.36 -33.43
N TYR F 64 39.42 17.43 -32.63
CA TYR F 64 39.80 18.76 -33.09
C TYR F 64 40.83 19.45 -32.19
N TYR F 65 41.73 20.25 -32.80
CA TYR F 65 42.70 21.07 -32.08
C TYR F 65 42.12 22.48 -32.05
N ARG F 66 41.92 23.03 -30.86
CA ARG F 66 41.38 24.38 -30.67
C ARG F 66 42.45 25.34 -31.19
N GLY F 67 42.06 26.15 -32.17
CA GLY F 67 42.96 27.10 -32.79
C GLY F 67 43.56 26.66 -34.10
N ALA F 68 43.31 25.38 -34.55
CA ALA F 68 43.80 24.85 -35.85
C ALA F 68 43.08 25.55 -37.03
N ASP F 69 42.13 26.48 -36.74
CA ASP F 69 41.39 27.29 -37.70
C ASP F 69 42.23 28.45 -38.24
N LYS F 70 43.38 28.74 -37.59
CA LYS F 70 44.33 29.77 -38.04
C LYS F 70 44.97 29.27 -39.36
N LEU F 71 45.20 27.97 -39.45
CA LEU F 71 45.80 27.30 -40.60
C LEU F 71 44.72 26.90 -41.63
N CYS F 72 43.47 26.68 -41.20
CA CYS F 72 42.40 26.19 -42.09
C CYS F 72 41.48 27.29 -42.73
N ARG F 73 41.34 28.50 -42.13
CA ARG F 73 40.56 29.61 -42.70
C ARG F 73 41.47 30.39 -43.66
N LYS F 74 41.05 30.49 -44.93
CA LYS F 74 41.76 31.13 -46.05
C LYS F 74 42.47 32.45 -45.72
N ALA F 75 41.74 33.43 -45.16
CA ALA F 75 42.30 34.73 -44.78
C ALA F 75 43.25 34.62 -43.58
N SER F 76 42.97 33.68 -42.66
CA SER F 76 43.78 33.40 -41.46
C SER F 76 45.12 32.76 -41.84
N LEU F 77 45.09 31.79 -42.78
CA LEU F 77 46.27 31.10 -43.29
C LEU F 77 47.27 32.09 -43.89
N VAL F 78 46.77 33.04 -44.73
CA VAL F 78 47.56 34.11 -45.35
C VAL F 78 48.20 34.93 -44.25
N LYS F 79 47.40 35.36 -43.25
CA LYS F 79 47.83 36.17 -42.10
C LYS F 79 48.92 35.49 -41.27
N LEU F 80 48.76 34.16 -41.03
CA LEU F 80 49.68 33.30 -40.28
C LEU F 80 51.01 33.20 -41.02
N ILE F 81 50.96 33.07 -42.35
CA ILE F 81 52.17 33.00 -43.17
C ILE F 81 52.91 34.34 -43.15
N LYS F 82 52.18 35.46 -43.30
CA LYS F 82 52.73 36.81 -43.35
C LYS F 82 53.29 37.34 -42.02
N THR F 83 52.65 37.01 -40.87
CA THR F 83 53.09 37.54 -39.57
C THR F 83 54.12 36.65 -38.85
N SER F 84 53.93 35.31 -38.85
CA SER F 84 54.82 34.37 -38.15
C SER F 84 56.24 34.32 -38.73
N PRO F 85 57.29 34.68 -37.95
CA PRO F 85 58.66 34.62 -38.48
C PRO F 85 59.10 33.24 -38.95
N GLU F 86 58.48 32.17 -38.41
CA GLU F 86 58.74 30.76 -38.75
C GLU F 86 58.47 30.44 -40.23
N LEU F 87 57.54 31.18 -40.85
CA LEU F 87 57.14 31.04 -42.25
C LEU F 87 57.54 32.32 -42.99
N SER F 88 57.06 33.48 -42.49
CA SER F 88 57.30 34.85 -42.95
C SER F 88 56.85 35.12 -44.40
N GLU F 89 57.09 36.36 -44.88
CA GLU F 89 56.79 36.75 -46.26
C GLU F 89 57.85 36.11 -47.19
N SER F 90 59.00 35.68 -46.60
CA SER F 90 60.09 34.94 -47.23
C SER F 90 59.72 33.42 -47.11
N CYS F 91 58.70 33.04 -47.90
CA CYS F 91 58.11 31.72 -47.99
C CYS F 91 57.93 31.39 -49.48
N THR F 92 58.65 30.37 -49.94
CA THR F 92 58.74 29.95 -51.34
C THR F 92 57.60 29.07 -51.86
N TRP F 93 57.00 28.21 -51.00
CA TRP F 93 55.97 27.22 -51.37
C TRP F 93 54.49 27.71 -51.30
N PHE F 94 54.23 28.98 -50.99
CA PHE F 94 52.86 29.48 -50.94
C PHE F 94 52.66 30.66 -51.92
N PRO F 95 51.59 30.65 -52.77
CA PRO F 95 51.39 31.77 -53.74
C PRO F 95 51.11 33.13 -53.10
N GLU F 96 51.51 34.24 -53.78
CA GLU F 96 51.34 35.64 -53.36
C GLU F 96 49.90 35.90 -52.98
N SER F 97 49.63 36.15 -51.69
CA SER F 97 48.25 36.32 -51.23
C SER F 97 47.99 37.60 -50.46
N TYR F 98 46.82 38.20 -50.72
CA TYR F 98 46.39 39.45 -50.08
C TYR F 98 44.94 39.34 -49.57
N VAL F 99 44.70 39.77 -48.29
CA VAL F 99 43.38 39.74 -47.64
C VAL F 99 42.63 41.04 -47.98
N ILE F 100 41.49 40.90 -48.69
CA ILE F 100 40.67 42.02 -49.16
C ILE F 100 39.25 41.99 -48.57
N TYR F 101 38.89 43.08 -47.86
CA TYR F 101 37.57 43.25 -47.25
C TYR F 101 36.66 44.09 -48.18
N PRO F 102 35.35 43.74 -48.34
CA PRO F 102 34.47 44.58 -49.18
C PRO F 102 33.90 45.78 -48.41
N THR F 125 44.42 46.70 -40.90
CA THR F 125 43.36 45.71 -41.06
C THR F 125 43.39 45.08 -42.46
N ASP F 126 43.10 45.89 -43.51
CA ASP F 126 43.04 45.52 -44.94
C ASP F 126 44.42 45.44 -45.62
N GLU F 127 44.47 44.80 -46.80
CA GLU F 127 45.66 44.65 -47.63
C GLU F 127 45.40 45.15 -49.06
N ARG F 128 44.48 46.12 -49.23
CA ARG F 128 44.13 46.71 -50.53
C ARG F 128 45.26 47.57 -51.10
N GLU F 129 45.90 48.39 -50.25
CA GLU F 129 47.01 49.29 -50.58
C GLU F 129 48.23 48.52 -51.14
N VAL F 130 48.71 47.52 -50.38
CA VAL F 130 49.90 46.71 -50.70
C VAL F 130 49.64 45.75 -51.90
N PHE F 131 48.36 45.41 -52.17
CA PHE F 131 47.96 44.55 -53.29
C PHE F 131 48.15 45.28 -54.62
N LEU F 132 47.67 46.53 -54.71
CA LEU F 132 47.80 47.38 -55.91
C LEU F 132 49.29 47.63 -56.18
N ALA F 133 50.06 47.90 -55.11
CA ALA F 133 51.51 48.15 -55.14
C ALA F 133 52.30 47.01 -55.79
N ALA F 134 51.99 45.74 -55.46
CA ALA F 134 52.66 44.57 -56.02
C ALA F 134 52.11 44.20 -57.39
N TYR F 135 50.81 44.49 -57.65
CA TYR F 135 50.13 44.22 -58.93
C TYR F 135 50.64 45.11 -60.07
N ASN F 136 50.76 46.43 -59.79
CA ASN F 136 51.23 47.42 -60.76
C ASN F 136 52.73 47.29 -61.08
N ARG F 137 53.52 46.72 -60.15
CA ARG F 137 54.95 46.45 -60.35
C ARG F 137 55.15 45.27 -61.33
N ARG F 138 54.09 44.43 -61.50
CA ARG F 138 54.06 43.27 -62.40
C ARG F 138 53.62 43.64 -63.81
N ARG F 139 52.68 44.60 -63.95
CA ARG F 139 52.17 45.07 -65.25
C ARG F 139 53.31 45.76 -66.01
N GLU F 140 53.96 46.76 -65.36
CA GLU F 140 55.09 47.51 -65.92
C GLU F 140 56.37 46.66 -65.99
N GLY F 141 56.46 45.66 -65.11
CA GLY F 141 57.57 44.72 -65.06
C GLY F 141 57.48 43.63 -66.12
N ARG F 142 56.42 43.72 -67.00
CA ARG F 142 56.06 42.84 -68.13
C ARG F 142 55.83 41.36 -67.69
N GLU F 143 55.44 41.18 -66.39
CA GLU F 143 55.18 39.89 -65.72
C GLU F 143 53.71 39.55 -65.72
N GLY F 144 53.41 38.25 -65.83
CA GLY F 144 52.07 37.70 -65.81
C GLY F 144 51.28 38.14 -64.59
N ASN F 145 50.09 38.71 -64.83
CA ASN F 145 49.24 39.23 -63.76
C ASN F 145 47.90 38.48 -63.65
N VAL F 146 47.96 37.14 -63.65
CA VAL F 146 46.76 36.31 -63.45
C VAL F 146 46.64 36.01 -61.95
N TRP F 147 45.46 36.30 -61.38
CA TRP F 147 45.13 36.10 -59.98
C TRP F 147 43.86 35.24 -59.82
N ILE F 148 43.56 34.82 -58.57
CA ILE F 148 42.40 34.03 -58.18
C ILE F 148 41.77 34.64 -56.91
N ALA F 149 40.43 34.59 -56.85
CA ALA F 149 39.64 35.10 -55.73
C ALA F 149 38.81 33.97 -55.13
N LYS F 150 38.77 33.89 -53.78
CA LYS F 150 38.01 32.88 -53.04
C LYS F 150 37.61 33.37 -51.65
N SER F 151 36.44 32.90 -51.15
CA SER F 151 35.85 33.25 -49.85
C SER F 151 36.37 32.35 -48.72
N SER F 152 36.66 32.97 -47.56
CA SER F 152 37.16 32.29 -46.36
C SER F 152 36.00 31.63 -45.60
N ILE F 160 34.09 32.65 -56.28
CA ILE F 160 35.13 32.07 -57.14
C ILE F 160 35.31 32.92 -58.40
N LEU F 161 36.51 33.50 -58.59
CA LEU F 161 36.83 34.37 -59.73
C LEU F 161 38.30 34.25 -60.17
N ILE F 162 38.55 34.17 -61.50
CA ILE F 162 39.90 34.14 -62.10
C ILE F 162 39.97 35.23 -63.20
N SER F 163 40.75 36.30 -62.94
CA SER F 163 40.89 37.46 -63.83
C SER F 163 42.32 38.04 -63.79
N SER F 164 42.67 38.88 -64.79
CA SER F 164 43.97 39.54 -64.92
C SER F 164 43.92 41.03 -64.53
N GLU F 165 42.72 41.64 -64.55
CA GLU F 165 42.55 43.05 -64.20
C GLU F 165 42.13 43.24 -62.75
N ALA F 166 42.67 44.31 -62.11
CA ALA F 166 42.42 44.70 -60.73
C ALA F 166 40.94 45.09 -60.49
N SER F 167 40.24 45.58 -61.54
CA SER F 167 38.84 45.97 -61.50
C SER F 167 37.95 44.74 -61.21
N GLU F 168 37.93 43.74 -62.12
CA GLU F 168 37.15 42.49 -62.01
C GLU F 168 37.32 41.77 -60.67
N LEU F 169 38.55 41.84 -60.07
CA LEU F 169 38.87 41.22 -58.79
C LEU F 169 38.25 42.00 -57.61
N LEU F 170 38.67 43.28 -57.41
CA LEU F 170 38.20 44.16 -56.33
C LEU F 170 36.69 44.40 -56.36
N ASP F 171 36.10 44.58 -57.58
CA ASP F 171 34.65 44.80 -57.80
C ASP F 171 33.79 43.60 -57.35
N PHE F 172 34.31 42.37 -57.56
CA PHE F 172 33.65 41.09 -57.23
C PHE F 172 33.49 40.84 -55.74
N ILE F 173 34.49 41.22 -54.92
CA ILE F 173 34.51 41.03 -53.45
C ILE F 173 33.34 41.81 -52.82
N ASP F 174 32.94 42.93 -53.47
CA ASP F 174 31.80 43.77 -53.11
C ASP F 174 30.47 43.17 -53.67
N GLU F 175 30.39 41.80 -53.77
CA GLU F 175 29.23 41.00 -54.24
C GLU F 175 29.11 39.65 -53.52
N VAL F 179 34.12 39.01 -47.48
CA VAL F 179 35.56 38.91 -47.23
C VAL F 179 36.16 37.78 -48.08
N HIS F 180 37.25 38.11 -48.82
CA HIS F 180 37.96 37.19 -49.73
C HIS F 180 39.49 37.34 -49.67
N VAL F 181 40.20 36.47 -50.41
CA VAL F 181 41.66 36.48 -50.56
C VAL F 181 42.05 36.46 -52.02
N ILE F 182 42.90 37.43 -52.45
CA ILE F 182 43.41 37.51 -53.81
C ILE F 182 44.81 36.89 -53.84
N GLN F 183 44.87 35.68 -54.42
CA GLN F 183 46.07 34.85 -54.54
C GLN F 183 46.57 34.73 -55.98
N LYS F 184 47.91 34.74 -56.14
CA LYS F 184 48.66 34.59 -57.38
C LYS F 184 48.18 33.31 -58.06
N TYR F 185 47.64 33.44 -59.29
CA TYR F 185 47.16 32.27 -60.01
C TYR F 185 48.34 31.59 -60.67
N LEU F 186 48.43 30.26 -60.49
CA LEU F 186 49.49 29.43 -61.08
C LEU F 186 49.33 29.33 -62.59
N GLU F 187 49.96 30.30 -63.28
CA GLU F 187 49.94 30.47 -64.73
C GLU F 187 50.57 29.31 -65.49
N LYS F 188 51.72 28.80 -65.01
CA LYS F 188 52.42 27.70 -65.64
C LYS F 188 52.30 26.39 -64.83
N PRO F 189 51.15 25.69 -64.84
CA PRO F 189 51.06 24.45 -64.06
C PRO F 189 51.56 23.24 -64.85
N LEU F 190 51.79 22.12 -64.14
CA LEU F 190 52.20 20.85 -64.74
C LEU F 190 50.92 20.20 -65.24
N LEU F 191 50.98 19.58 -66.44
CA LEU F 191 49.81 18.95 -67.09
C LEU F 191 50.04 17.49 -67.44
N LEU F 192 49.08 16.62 -67.07
CA LEU F 192 49.15 15.18 -67.35
C LEU F 192 48.81 14.95 -68.81
N GLU F 193 49.57 14.07 -69.44
CA GLU F 193 49.35 13.69 -70.83
C GLU F 193 49.09 12.17 -70.87
N PRO F 194 48.07 11.69 -71.63
CA PRO F 194 47.19 12.42 -72.56
C PRO F 194 46.12 13.24 -71.83
N GLY F 195 45.72 14.34 -72.46
CA GLY F 195 44.67 15.19 -71.93
C GLY F 195 45.00 16.66 -71.74
N HIS F 196 46.30 17.01 -71.52
CA HIS F 196 46.77 18.40 -71.29
C HIS F 196 45.93 19.04 -70.15
N ARG F 197 45.74 18.23 -69.11
CA ARG F 197 44.88 18.46 -67.96
C ARG F 197 45.55 18.89 -66.63
N LYS F 198 44.92 19.88 -65.95
CA LYS F 198 45.29 20.44 -64.66
C LYS F 198 44.94 19.43 -63.55
N PHE F 199 45.55 19.59 -62.36
CA PHE F 199 45.31 18.71 -61.21
C PHE F 199 45.66 19.41 -59.90
N ASP F 200 45.36 18.73 -58.78
CA ASP F 200 45.68 19.16 -57.42
C ASP F 200 45.83 17.93 -56.52
N ILE F 201 46.91 17.92 -55.69
CA ILE F 201 47.22 16.81 -54.77
C ILE F 201 46.67 17.07 -53.37
N ARG F 202 45.81 16.15 -52.91
CA ARG F 202 45.24 16.16 -51.58
C ARG F 202 45.93 15.08 -50.76
N SER F 203 46.56 15.52 -49.66
CA SER F 203 47.27 14.65 -48.72
C SER F 203 46.57 14.69 -47.37
N TRP F 204 46.41 13.52 -46.73
CA TRP F 204 45.77 13.44 -45.41
C TRP F 204 46.80 13.28 -44.33
N VAL F 205 46.70 14.17 -43.33
CA VAL F 205 47.62 14.29 -42.20
C VAL F 205 46.88 14.15 -40.87
N LEU F 206 47.34 13.25 -40.02
CA LEU F 206 46.80 13.06 -38.67
C LEU F 206 47.84 13.47 -37.60
N VAL F 207 47.48 14.44 -36.77
CA VAL F 207 48.30 14.95 -35.68
C VAL F 207 47.67 14.43 -34.39
N ASP F 208 48.32 13.43 -33.73
CA ASP F 208 47.82 12.82 -32.51
C ASP F 208 48.01 13.73 -31.26
N HIS F 209 47.52 13.24 -30.07
CA HIS F 209 47.57 13.95 -28.79
C HIS F 209 48.97 14.38 -28.33
N LEU F 210 50.03 13.71 -28.86
CA LEU F 210 51.46 13.94 -28.59
C LEU F 210 52.14 14.84 -29.66
N TYR F 211 51.36 15.35 -30.64
CA TYR F 211 51.80 16.20 -31.76
C TYR F 211 52.75 15.47 -32.73
N ASN F 212 52.55 14.15 -32.91
CA ASN F 212 53.28 13.36 -33.89
C ASN F 212 52.51 13.60 -35.19
N ILE F 213 53.20 14.15 -36.21
CA ILE F 213 52.61 14.45 -37.52
C ILE F 213 52.70 13.20 -38.43
N TYR F 214 51.55 12.59 -38.75
CA TYR F 214 51.50 11.38 -39.56
C TYR F 214 50.87 11.67 -40.91
N LEU F 215 51.63 11.44 -41.99
CA LEU F 215 51.17 11.60 -43.36
C LEU F 215 50.71 10.24 -43.88
N TYR F 216 49.45 10.13 -44.32
CA TYR F 216 48.93 8.88 -44.89
C TYR F 216 49.64 8.66 -46.23
N ARG F 217 50.13 7.43 -46.43
CA ARG F 217 50.87 7.01 -47.62
C ARG F 217 50.10 7.19 -48.91
N GLU F 218 48.76 7.09 -48.84
CA GLU F 218 47.88 7.29 -49.96
C GLU F 218 47.36 8.73 -50.05
N GLY F 219 47.43 9.26 -51.25
CA GLY F 219 46.93 10.58 -51.60
C GLY F 219 46.12 10.45 -52.87
N VAL F 220 45.46 11.55 -53.28
CA VAL F 220 44.61 11.60 -54.48
CA VAL F 220 44.67 11.54 -54.50
C VAL F 220 44.93 12.82 -55.33
N LEU F 221 44.78 12.69 -56.64
CA LEU F 221 44.99 13.77 -57.58
C LEU F 221 43.62 14.13 -58.14
N ARG F 222 43.13 15.31 -57.75
CA ARG F 222 41.84 15.84 -58.21
C ARG F 222 42.11 16.44 -59.60
N THR F 223 42.02 15.60 -60.64
CA THR F 223 42.32 16.01 -62.03
C THR F 223 41.16 16.76 -62.70
N SER F 224 41.50 17.51 -63.74
CA SER F 224 40.59 18.28 -64.58
C SER F 224 40.51 17.53 -65.92
N SER F 225 39.40 16.79 -66.15
CA SER F 225 39.14 15.98 -67.36
C SER F 225 39.13 16.77 -68.70
N GLU F 226 39.03 18.13 -68.63
CA GLU F 226 39.06 19.06 -69.77
C GLU F 226 40.46 19.71 -69.94
N PRO F 227 40.99 19.84 -71.19
CA PRO F 227 42.33 20.46 -71.36
C PRO F 227 42.45 21.91 -70.90
N TYR F 228 43.64 22.30 -70.42
CA TYR F 228 43.94 23.66 -69.90
C TYR F 228 44.01 24.75 -71.00
N ASN F 229 43.25 25.86 -70.80
CA ASN F 229 43.20 27.02 -71.69
C ASN F 229 44.19 28.09 -71.23
N SER F 230 45.34 28.19 -71.92
CA SER F 230 46.42 29.12 -71.60
C SER F 230 45.98 30.61 -71.60
N ALA F 231 45.03 31.00 -72.49
CA ALA F 231 44.54 32.37 -72.64
C ALA F 231 43.12 32.61 -72.12
N ASN F 232 42.23 31.59 -72.21
CA ASN F 232 40.84 31.69 -71.76
C ASN F 232 40.72 31.38 -70.26
N PHE F 233 40.18 32.34 -69.48
CA PHE F 233 39.97 32.24 -68.02
C PHE F 233 38.49 32.44 -67.62
N GLN F 234 37.60 32.59 -68.63
CA GLN F 234 36.16 32.75 -68.47
C GLN F 234 35.50 31.40 -68.10
N ASP F 235 35.92 30.30 -68.78
CA ASP F 235 35.42 28.94 -68.55
C ASP F 235 36.03 28.34 -67.28
N LYS F 236 35.22 28.26 -66.22
CA LYS F 236 35.65 27.72 -64.92
C LYS F 236 35.33 26.21 -64.83
N THR F 237 36.02 25.42 -65.68
CA THR F 237 35.89 23.96 -65.79
C THR F 237 37.30 23.33 -65.86
N CYS F 238 38.20 23.93 -66.65
CA CYS F 238 39.58 23.49 -66.85
C CYS F 238 40.55 24.12 -65.84
N HIS F 239 40.07 25.11 -65.05
CA HIS F 239 40.83 25.86 -64.04
C HIS F 239 40.55 25.38 -62.59
N LEU F 240 39.29 25.02 -62.29
CA LEU F 240 38.86 24.51 -60.98
C LEU F 240 38.84 22.97 -61.03
N THR F 241 39.81 22.34 -60.36
CA THR F 241 39.96 20.88 -60.38
C THR F 241 39.12 20.13 -59.32
N ASN F 242 38.24 20.85 -58.57
CA ASN F 242 37.36 20.30 -57.54
C ASN F 242 36.49 19.16 -58.09
N HIS F 243 36.28 18.08 -57.31
CA HIS F 243 35.47 16.93 -57.70
C HIS F 243 33.98 17.28 -57.95
N CYS F 244 33.51 18.40 -57.36
CA CYS F 244 32.14 18.89 -57.51
C CYS F 244 31.88 19.57 -58.86
N ILE F 245 32.82 20.43 -59.33
CA ILE F 245 32.73 21.19 -60.59
C ILE F 245 32.95 20.26 -61.83
N GLN F 246 33.65 19.13 -61.65
CA GLN F 246 33.92 18.14 -62.72
C GLN F 246 32.72 17.21 -62.98
N LYS F 247 31.94 16.92 -61.93
CA LYS F 247 30.72 16.10 -62.00
C LYS F 247 29.50 16.98 -62.35
N GLU F 248 29.74 18.31 -62.57
CA GLU F 248 28.71 19.31 -62.85
C GLU F 248 28.90 20.06 -64.18
N TYR F 249 30.10 20.67 -64.38
CA TYR F 249 30.43 21.49 -65.56
C TYR F 249 31.33 20.82 -66.63
N SER F 250 31.88 19.62 -66.36
CA SER F 250 32.75 18.91 -67.31
C SER F 250 32.00 17.87 -68.12
N LYS F 251 32.16 17.91 -69.46
CA LYS F 251 31.51 17.00 -70.42
C LYS F 251 32.21 15.63 -70.47
N ASN F 252 33.55 15.63 -70.53
CA ASN F 252 34.36 14.41 -70.62
C ASN F 252 34.80 13.87 -69.24
N TYR F 253 33.91 13.97 -68.21
CA TYR F 253 34.17 13.48 -66.85
C TYR F 253 34.22 11.94 -66.81
N GLY F 254 35.26 11.40 -66.15
CA GLY F 254 35.47 9.96 -66.00
C GLY F 254 36.10 9.25 -67.17
N ARG F 255 36.73 10.01 -68.09
CA ARG F 255 37.36 9.54 -69.33
C ARG F 255 38.70 8.81 -69.11
N TYR F 256 39.66 9.49 -68.46
CA TYR F 256 41.02 8.98 -68.21
C TYR F 256 41.13 8.09 -66.95
N GLU F 257 40.32 8.38 -65.89
CA GLU F 257 40.27 7.63 -64.61
C GLU F 257 38.84 7.61 -64.00
N GLU F 258 38.68 7.23 -62.69
CA GLU F 258 37.37 7.15 -62.03
C GLU F 258 37.29 7.91 -60.67
N GLY F 259 36.59 9.05 -60.61
CA GLY F 259 35.99 9.75 -61.74
C GLY F 259 37.07 10.64 -62.31
N ASN F 260 37.62 11.50 -61.45
CA ASN F 260 38.76 12.34 -61.75
C ASN F 260 39.78 12.11 -60.63
N GLU F 261 39.91 10.83 -60.23
CA GLU F 261 40.75 10.33 -59.16
C GLU F 261 41.95 9.52 -59.64
N MET F 262 43.13 10.14 -59.63
CA MET F 262 44.37 9.44 -59.91
C MET F 262 45.05 9.22 -58.56
N PHE F 263 45.51 7.99 -58.31
CA PHE F 263 46.15 7.64 -57.05
C PHE F 263 47.67 7.69 -57.21
N PHE F 264 48.40 7.58 -56.09
CA PHE F 264 49.85 7.75 -56.06
C PHE F 264 50.63 6.73 -56.87
N GLU F 265 50.36 5.41 -56.72
CA GLU F 265 51.06 4.35 -57.46
C GLU F 265 50.99 4.58 -58.99
N GLU F 266 49.81 5.04 -59.48
CA GLU F 266 49.52 5.35 -60.87
C GLU F 266 50.28 6.61 -61.33
N PHE F 267 50.19 7.71 -60.52
CA PHE F 267 50.84 9.01 -60.77
C PHE F 267 52.37 8.91 -60.76
N ASN F 268 52.92 7.99 -59.94
CA ASN F 268 54.35 7.73 -59.81
C ASN F 268 54.83 7.10 -61.12
N GLN F 269 54.00 6.17 -61.68
CA GLN F 269 54.26 5.48 -62.95
C GLN F 269 54.35 6.48 -64.12
N TYR F 270 53.47 7.51 -64.13
CA TYR F 270 53.47 8.60 -65.10
C TYR F 270 54.75 9.43 -64.94
N LEU F 271 55.21 9.63 -63.70
CA LEU F 271 56.41 10.42 -63.42
C LEU F 271 57.70 9.69 -63.83
N MET F 272 57.70 8.36 -63.76
CA MET F 272 58.89 7.59 -64.12
C MET F 272 59.01 7.41 -65.62
N ASP F 273 57.91 6.94 -66.25
CA ASP F 273 57.83 6.70 -67.69
C ASP F 273 57.85 8.00 -68.51
N ALA F 274 57.15 9.05 -68.03
CA ALA F 274 57.08 10.30 -68.79
C ALA F 274 58.02 11.44 -68.33
N LEU F 275 58.60 11.37 -67.11
CA LEU F 275 59.47 12.46 -66.61
C LEU F 275 60.81 12.02 -65.97
N ASN F 276 61.07 10.69 -65.92
CA ASN F 276 62.29 10.06 -65.38
C ASN F 276 62.32 9.93 -63.84
N THR F 277 61.97 11.01 -63.10
CA THR F 277 61.95 11.02 -61.63
C THR F 277 60.82 10.17 -61.01
N THR F 278 60.68 10.26 -59.66
CA THR F 278 59.68 9.55 -58.84
C THR F 278 58.84 10.57 -58.10
N LEU F 279 57.65 10.14 -57.61
CA LEU F 279 56.73 10.98 -56.84
C LEU F 279 57.36 11.42 -55.52
N GLU F 280 58.03 10.47 -54.84
CA GLU F 280 58.75 10.68 -53.60
C GLU F 280 59.82 11.81 -53.76
N ASN F 281 60.67 11.72 -54.80
CA ASN F 281 61.75 12.67 -55.06
C ASN F 281 61.27 14.04 -55.55
N SER F 282 60.44 14.07 -56.59
CA SER F 282 60.02 15.35 -57.15
C SER F 282 58.91 16.07 -56.38
N ILE F 283 57.97 15.32 -55.74
CA ILE F 283 56.82 15.97 -55.08
C ILE F 283 56.74 15.75 -53.54
N LEU F 284 56.62 14.48 -53.08
CA LEU F 284 56.43 14.08 -51.66
C LEU F 284 57.36 14.76 -50.65
N LEU F 285 58.65 14.96 -51.04
CA LEU F 285 59.68 15.61 -50.25
C LEU F 285 59.28 17.04 -49.86
N GLN F 286 58.79 17.82 -50.83
CA GLN F 286 58.33 19.21 -50.66
C GLN F 286 57.03 19.27 -49.86
N ILE F 287 56.10 18.34 -50.13
CA ILE F 287 54.82 18.22 -49.44
C ILE F 287 55.10 18.08 -47.92
N LYS F 288 55.98 17.13 -47.56
CA LYS F 288 56.41 16.84 -46.20
C LYS F 288 56.99 18.06 -45.57
N HIS F 289 57.87 18.80 -46.29
CA HIS F 289 58.43 20.06 -45.77
C HIS F 289 57.34 21.10 -45.43
N ILE F 290 56.29 21.17 -46.27
CA ILE F 290 55.17 22.11 -46.10
C ILE F 290 54.30 21.73 -44.87
N ILE F 291 53.89 20.44 -44.77
CA ILE F 291 53.08 19.92 -43.68
C ILE F 291 53.76 20.25 -42.37
N ARG F 292 55.01 19.76 -42.20
CA ARG F 292 55.87 19.98 -41.03
C ARG F 292 55.97 21.47 -40.69
N SER F 293 56.46 22.31 -41.63
CA SER F 293 56.65 23.77 -41.41
C SER F 293 55.38 24.48 -40.97
N CYS F 294 54.21 24.03 -41.47
CA CYS F 294 52.89 24.59 -41.14
C CYS F 294 52.46 24.21 -39.73
N LEU F 295 52.41 22.90 -39.45
CA LEU F 295 51.98 22.37 -38.17
C LEU F 295 52.97 22.66 -37.01
N MET F 296 54.28 22.73 -37.25
CA MET F 296 55.28 23.06 -36.22
C MET F 296 55.08 24.51 -35.77
N CYS F 297 54.68 25.38 -36.71
CA CYS F 297 54.47 26.82 -36.52
C CYS F 297 53.44 27.14 -35.44
N ILE F 298 52.31 26.40 -35.43
CA ILE F 298 51.17 26.57 -34.52
C ILE F 298 51.18 25.59 -33.31
N GLU F 299 52.16 24.64 -33.25
CA GLU F 299 52.35 23.71 -32.13
C GLU F 299 52.32 24.44 -30.76
N PRO F 300 53.00 25.61 -30.57
CA PRO F 300 52.93 26.30 -29.27
C PRO F 300 51.57 26.91 -28.92
N ALA F 301 50.67 27.05 -29.89
CA ALA F 301 49.37 27.67 -29.68
C ALA F 301 48.20 26.69 -29.60
N ILE F 302 48.38 25.46 -30.09
CA ILE F 302 47.31 24.47 -30.18
C ILE F 302 47.67 23.16 -29.48
N SER F 303 48.96 22.94 -29.13
CA SER F 303 49.41 21.73 -28.43
C SER F 303 48.64 21.56 -27.10
N THR F 304 48.12 20.33 -26.88
CA THR F 304 47.33 19.99 -25.69
C THR F 304 48.14 19.11 -24.69
N LYS F 305 49.50 19.24 -24.72
CA LYS F 305 50.51 18.56 -23.90
C LYS F 305 50.25 18.63 -22.39
N HIS F 306 50.20 19.86 -21.83
CA HIS F 306 49.96 20.05 -20.38
C HIS F 306 48.53 20.52 -20.10
N LEU F 307 47.57 20.02 -20.88
CA LEU F 307 46.16 20.41 -20.81
C LEU F 307 45.29 19.35 -20.16
N HIS F 308 44.16 19.78 -19.57
CA HIS F 308 43.15 18.98 -18.84
C HIS F 308 42.44 17.99 -19.77
N TYR F 309 42.41 18.32 -21.07
CA TYR F 309 41.88 17.49 -22.14
C TYR F 309 42.98 17.34 -23.23
N GLN F 310 42.86 16.28 -24.04
CA GLN F 310 43.78 16.02 -25.17
C GLN F 310 43.02 16.13 -26.50
N SER F 311 43.72 16.55 -27.57
CA SER F 311 43.19 16.74 -28.92
C SER F 311 43.98 15.92 -29.96
N PHE F 312 43.32 15.60 -31.06
CA PHE F 312 43.94 14.99 -32.24
C PHE F 312 43.15 15.58 -33.39
N GLN F 313 43.68 15.56 -34.63
CA GLN F 313 42.91 16.10 -35.77
C GLN F 313 43.36 15.56 -37.10
N LEU F 314 42.39 15.30 -38.01
CA LEU F 314 42.69 14.90 -39.37
C LEU F 314 42.57 16.17 -40.20
N PHE F 315 43.59 16.41 -41.03
CA PHE F 315 43.69 17.57 -41.93
C PHE F 315 43.80 17.13 -43.37
N GLY F 316 43.31 17.98 -44.27
CA GLY F 316 43.38 17.79 -45.70
C GLY F 316 44.19 18.90 -46.34
N PHE F 317 45.45 18.61 -46.66
CA PHE F 317 46.35 19.60 -47.27
C PHE F 317 46.16 19.56 -48.77
N ASP F 318 45.92 20.75 -49.37
CA ASP F 318 45.68 20.88 -50.81
C ASP F 318 46.85 21.55 -51.52
N PHE F 319 47.49 20.81 -52.46
CA PHE F 319 48.66 21.28 -53.20
C PHE F 319 48.49 21.42 -54.73
N MET F 320 49.23 22.39 -55.32
CA MET F 320 49.35 22.62 -56.76
C MET F 320 50.83 22.41 -57.13
N VAL F 321 51.11 21.64 -58.22
CA VAL F 321 52.48 21.38 -58.70
C VAL F 321 52.68 22.13 -60.03
N ASP F 322 53.66 23.04 -60.13
CA ASP F 322 53.93 23.74 -61.40
C ASP F 322 54.73 22.84 -62.37
N GLU F 323 54.86 23.28 -63.66
CA GLU F 323 55.60 22.57 -64.72
C GLU F 323 57.09 22.28 -64.38
N GLU F 324 57.72 23.16 -63.54
CA GLU F 324 59.12 23.07 -63.03
C GLU F 324 59.26 22.08 -61.87
N LEU F 325 58.20 21.26 -61.66
CA LEU F 325 58.03 20.25 -60.64
C LEU F 325 58.15 20.79 -59.21
N LYS F 326 57.79 22.09 -59.02
CA LYS F 326 57.79 22.78 -57.72
C LYS F 326 56.39 22.74 -57.09
N VAL F 327 56.30 22.25 -55.83
CA VAL F 327 55.05 22.13 -55.05
C VAL F 327 54.67 23.45 -54.34
N TRP F 328 53.40 23.86 -54.52
CA TRP F 328 52.76 25.02 -53.93
C TRP F 328 51.57 24.58 -53.04
N LEU F 329 51.36 25.28 -51.92
CA LEU F 329 50.25 25.01 -51.01
C LEU F 329 49.09 25.95 -51.38
N ILE F 330 47.88 25.38 -51.53
CA ILE F 330 46.64 26.08 -51.90
C ILE F 330 45.80 26.42 -50.64
N GLU F 331 45.34 25.38 -49.90
CA GLU F 331 44.52 25.51 -48.69
C GLU F 331 44.70 24.33 -47.71
N VAL F 332 44.38 24.56 -46.43
CA VAL F 332 44.37 23.53 -45.38
C VAL F 332 42.91 23.34 -44.99
N ASN F 333 42.42 22.08 -45.03
CA ASN F 333 41.04 21.73 -44.69
C ASN F 333 41.00 21.06 -43.31
N GLY F 334 40.28 21.69 -42.38
CA GLY F 334 40.12 21.23 -41.00
C GLY F 334 39.21 20.03 -40.85
N ALA F 335 38.21 19.95 -41.74
CA ALA F 335 37.23 18.88 -41.77
C ALA F 335 37.28 18.22 -43.17
N PRO F 336 38.35 17.48 -43.54
CA PRO F 336 38.37 16.89 -44.87
C PRO F 336 37.45 15.67 -44.96
N ALA F 337 37.26 15.17 -46.19
CA ALA F 337 36.53 13.96 -46.49
C ALA F 337 37.55 13.09 -47.22
N CYS F 338 37.27 11.81 -47.41
CA CYS F 338 38.22 10.93 -48.07
C CYS F 338 37.73 10.43 -49.44
N ALA F 339 38.61 9.75 -50.20
CA ALA F 339 38.31 9.10 -51.47
C ALA F 339 37.70 7.77 -51.03
N GLN F 340 36.52 7.43 -51.57
CA GLN F 340 35.76 6.25 -51.15
C GLN F 340 36.58 4.95 -50.95
N LYS F 341 37.63 4.70 -51.77
CA LYS F 341 38.43 3.47 -51.61
C LYS F 341 39.39 3.50 -50.40
N LEU F 342 39.74 4.70 -49.93
CA LEU F 342 40.69 4.88 -48.83
C LEU F 342 40.06 5.02 -47.44
N TYR F 343 38.73 5.34 -47.35
CA TYR F 343 38.02 5.46 -46.06
C TYR F 343 38.39 4.33 -45.14
N ALA F 344 38.27 3.10 -45.63
CA ALA F 344 38.59 1.86 -44.93
C ALA F 344 39.96 1.88 -44.23
N GLU F 345 41.01 2.29 -44.96
CA GLU F 345 42.37 2.33 -44.45
C GLU F 345 42.66 3.57 -43.59
N LEU F 346 42.18 4.75 -44.02
CA LEU F 346 42.41 5.99 -43.29
C LEU F 346 41.70 6.01 -41.93
N CYS F 347 40.40 5.65 -41.89
CA CYS F 347 39.58 5.62 -40.67
C CYS F 347 40.04 4.58 -39.65
N GLN F 348 40.76 3.54 -40.11
CA GLN F 348 41.32 2.50 -39.25
C GLN F 348 42.61 3.02 -38.65
N GLY F 349 43.33 3.86 -39.41
CA GLY F 349 44.57 4.48 -38.97
C GLY F 349 44.31 5.51 -37.89
N ILE F 350 43.16 6.24 -38.03
CA ILE F 350 42.65 7.24 -37.09
C ILE F 350 42.38 6.53 -35.74
N VAL F 351 41.60 5.41 -35.76
CA VAL F 351 41.28 4.68 -34.54
C VAL F 351 42.52 4.01 -33.95
N ASP F 352 43.45 3.60 -34.81
CA ASP F 352 44.67 2.92 -34.38
C ASP F 352 45.67 3.82 -33.68
N VAL F 353 46.12 4.86 -34.38
CA VAL F 353 47.16 5.71 -33.79
CA VAL F 353 47.14 5.79 -33.92
C VAL F 353 46.59 6.91 -33.00
N ALA F 354 45.42 7.49 -33.36
CA ALA F 354 44.88 8.63 -32.60
C ALA F 354 43.95 8.27 -31.43
N ILE F 355 43.27 7.12 -31.47
CA ILE F 355 42.31 6.77 -30.44
C ILE F 355 42.83 5.70 -29.51
N SER F 356 43.20 4.53 -30.06
CA SER F 356 43.68 3.39 -29.27
C SER F 356 45.05 3.62 -28.64
N SER F 357 45.72 4.74 -28.99
CA SER F 357 46.99 5.13 -28.39
C SER F 357 46.68 5.65 -27.00
N VAL F 358 45.57 6.42 -26.89
CA VAL F 358 45.07 7.01 -25.63
C VAL F 358 44.21 5.98 -24.89
N PHE F 359 43.32 5.27 -25.61
CA PHE F 359 42.43 4.25 -25.03
C PHE F 359 42.78 2.82 -25.56
N PRO F 360 43.84 2.17 -24.95
CA PRO F 360 44.27 0.82 -25.39
C PRO F 360 43.27 -0.31 -25.17
N LEU F 361 43.05 -1.11 -26.24
CA LEU F 361 42.10 -2.24 -26.25
C LEU F 361 42.63 -3.53 -25.53
N ALA F 362 42.19 -4.73 -25.97
CA ALA F 362 42.57 -6.05 -25.43
C ALA F 362 43.57 -6.77 -26.35
N SER F 373 53.33 0.33 -40.67
CA SER F 373 52.45 1.50 -40.57
C SER F 373 51.87 1.96 -41.94
N ILE F 374 50.65 2.54 -41.92
CA ILE F 374 49.93 3.08 -43.10
C ILE F 374 50.17 4.61 -43.23
N PHE F 375 51.05 5.14 -42.36
CA PHE F 375 51.46 6.54 -42.25
C PHE F 375 52.96 6.70 -42.35
N ILE F 376 53.40 7.94 -42.58
CA ILE F 376 54.79 8.36 -42.64
C ILE F 376 54.91 9.42 -41.52
N LYS F 377 55.66 9.10 -40.45
CA LYS F 377 55.87 10.00 -39.32
C LYS F 377 56.87 11.09 -39.70
N LEU F 378 56.36 12.31 -39.78
CA LEU F 378 57.10 13.52 -40.14
C LEU F 378 57.79 14.04 -38.88
N HIS F 379 59.09 13.72 -38.75
CA HIS F 379 59.91 14.02 -37.58
C HIS F 379 60.18 15.51 -37.34
N HIS F 380 60.16 15.95 -36.04
CA HIS F 380 60.42 17.35 -35.64
C HIS F 380 60.87 17.46 -34.18
PG GTP G . 24.99 26.89 4.14
O1G GTP G . 25.75 25.87 5.00
O2G GTP G . 24.20 27.81 4.99
O3G GTP G . 24.14 26.35 2.99
O3B GTP G . 26.04 27.80 3.36
PB GTP G . 27.62 27.86 3.50
O1B GTP G . 28.06 27.64 4.89
O2B GTP G . 28.06 29.21 3.02
O3A GTP G . 28.16 26.71 2.52
PA GTP G . 29.57 26.20 1.99
O1A GTP G . 30.01 24.95 2.67
O2A GTP G . 30.58 27.28 2.37
O5' GTP G . 29.44 26.11 0.38
C5' GTP G . 29.60 24.87 -0.33
C4' GTP G . 30.71 25.00 -1.36
O4' GTP G . 31.90 25.56 -0.75
C3' GTP G . 31.18 23.69 -1.98
O3' GTP G . 31.70 23.94 -3.28
C2' GTP G . 32.25 23.24 -0.98
O2' GTP G . 33.10 22.23 -1.48
C1' GTP G . 32.93 24.58 -0.72
N9 GTP G . 33.64 24.69 0.58
C8 GTP G . 33.11 24.59 1.84
N7 GTP G . 34.00 24.77 2.80
C5 GTP G . 35.19 24.98 2.12
C6 GTP G . 36.53 25.22 2.59
O6 GTP G . 36.91 25.30 3.76
N1 GTP G . 37.44 25.37 1.56
C2 GTP G . 37.14 25.29 0.23
N2 GTP G . 38.16 25.40 -0.62
N3 GTP G . 35.91 25.08 -0.24
C4 GTP G . 34.98 24.95 0.76
MG MG H . 27.40 26.16 6.65
CA CA I . 52.23 49.28 16.80
PB GDP J . -1.23 -1.13 12.57
O1B GDP J . -0.80 -1.54 13.97
O2B GDP J . -0.54 0.09 12.06
O3B GDP J . -2.80 -1.02 12.48
O3A GDP J . -0.93 -2.44 11.72
PA GDP J . 0.40 -3.18 11.26
O1A GDP J . 0.47 -4.53 11.89
O2A GDP J . 1.60 -2.24 11.63
O5' GDP J . 0.22 -3.20 9.68
C5' GDP J . 0.07 -4.42 8.94
C4' GDP J . 1.10 -4.36 7.84
O4' GDP J . 2.40 -4.10 8.40
C3' GDP J . 1.27 -5.63 7.02
O3' GDP J . 1.77 -5.22 5.75
C2' GDP J . 2.32 -6.38 7.83
O2' GDP J . 2.93 -7.40 7.05
C1' GDP J . 3.24 -5.22 8.20
N9 GDP J . 4.01 -5.42 9.43
C8 GDP J . 3.53 -5.46 10.71
N7 GDP J . 4.45 -5.63 11.61
C5 GDP J . 5.63 -5.66 10.89
C6 GDP J . 6.99 -5.71 11.31
O6 GDP J . 7.40 -5.85 12.46
N1 GDP J . 7.88 -5.62 10.26
C2 GDP J . 7.54 -5.53 8.94
N2 GDP J . 8.54 -5.46 8.06
N3 GDP J . 6.27 -5.52 8.51
C4 GDP J . 5.37 -5.55 9.54
MG MG K . -2.02 -4.73 14.81
CA CA L . -15.00 4.90 20.78
C36 6YK M . 0.27 -16.81 2.56
C35 6YK M . -0.24 -17.96 3.39
C33 6YK M . 1.70 -16.87 4.43
C37 6YK M . 1.53 -14.75 3.01
C34 6YK M . 0.85 -18.15 4.47
C32 6YK M . 1.87 -16.27 5.91
O7 6YK M . 1.48 -15.12 6.15
N6 6YK M . 0.92 -15.95 3.55
C38 6YK M . 3.14 -17.16 3.99
N5 6YK M . 2.43 -17.08 6.81
C5 6YK M . 2.83 -16.65 8.13
C6 6YK M . 4.24 -16.06 8.03
O1 6YK M . 5.19 -16.79 7.77
C3 6YK M . 2.82 -17.84 9.13
C2 6YK M . 1.47 -18.56 9.11
C4 6YK M . 3.21 -17.40 10.53
C1 6YK M . 1.51 -19.96 9.66
N1 6YK M . 4.40 -14.73 8.25
C7 6YK M . 3.27 -13.82 8.46
C8 6YK M . 5.78 -14.16 8.41
C29 6YK M . 6.16 -13.18 7.29
C30 6YK M . 7.53 -12.56 7.48
C31 6YK M . 6.08 -13.82 5.90
C9 6YK M . 6.02 -13.63 9.83
C10 6YK M . 5.89 -14.70 10.92
O5 6YK M . 6.87 -15.76 10.64
C27 6YK M . 6.97 -16.83 11.49
O6 6YK M . 6.48 -16.89 12.59
C28 6YK M . 7.80 -17.91 10.88
C11 6YK M . 6.18 -14.06 12.25
N2 6YK M . 7.35 -13.62 12.60
C12 6YK M . 7.32 -13.16 13.90
C14 6YK M . 8.54 -12.66 14.56
O2 6YK M . 9.51 -12.31 13.89
C13 6YK M . 6.12 -13.27 14.53
S1 6YK M . 4.96 -13.94 13.45
N3 6YK M . 8.45 -12.51 15.89
C20 6YK M . 6.15 -8.32 14.96
C21 6YK M . 5.62 -9.27 15.84
C18 6YK M . 8.36 -8.89 15.74
C16 6YK M . 8.76 -10.68 17.48
C19 6YK M . 7.54 -8.15 14.91
C26 6YK M . 12.29 -12.95 15.90
C15 6YK M . 9.45 -11.80 16.70
C17 6YK M . 7.85 -9.83 16.63
C22 6YK M . 6.46 -10.01 16.66
N4 6YK M . 5.32 -7.56 14.17
C23 6YK M . 10.26 -12.77 17.55
C24 6YK M . 11.19 -13.69 16.73
C25 6YK M . 11.91 -14.69 17.64
O3 6YK M . 13.06 -12.12 16.34
O4 6YK M . 12.30 -13.37 14.67
MG MG N . 20.86 -4.52 -10.75
PG GTP O . -40.12 -24.68 19.21
O1G GTP O . -39.82 -25.91 20.09
O2G GTP O . -40.54 -23.50 20.02
O3G GTP O . -41.08 -24.82 18.01
O3B GTP O . -38.74 -24.24 18.54
PB GTP O . -37.22 -24.66 18.83
O1B GTP O . -37.07 -25.25 20.18
O2B GTP O . -36.32 -23.47 18.67
O3A GTP O . -36.98 -25.74 17.68
PA GTP O . -35.93 -26.90 17.42
O1A GTP O . -36.38 -28.16 18.03
O2A GTP O . -34.59 -26.47 18.02
O5' GTP O . -35.88 -26.78 15.81
C5' GTP O . -36.07 -27.90 14.92
C4' GTP O . -34.88 -27.97 14.00
O4' GTP O . -33.66 -27.90 14.76
C3' GTP O . -34.75 -29.22 13.15
O3' GTP O . -34.06 -28.86 11.96
C2' GTP O . -33.93 -30.14 14.05
O2' GTP O . -33.26 -31.16 13.30
C1' GTP O . -32.96 -29.13 14.69
N9 GTP O . -32.46 -29.46 16.03
C8 GTP O . -33.15 -29.52 17.21
N7 GTP O . -32.40 -29.83 18.25
C5 GTP O . -31.14 -29.97 17.72
C6 GTP O . -29.86 -30.29 18.33
O6 GTP O . -29.63 -30.55 19.51
N1 GTP O . -28.83 -30.34 17.40
C2 GTP O . -28.97 -30.13 16.06
N2 GTP O . -27.87 -30.26 15.31
N3 GTP O . -30.13 -29.84 15.48
C4 GTP O . -31.16 -29.76 16.35
MG MG P . -38.57 -26.66 21.80
CA CA Q . -8.37 -14.92 36.87
PB GDP R . -75.49 -41.45 21.39
O1B GDP R . -75.55 -42.10 22.78
O2B GDP R . -74.21 -40.67 21.20
O3B GDP R . -76.73 -40.61 21.10
O3A GDP R . -75.60 -42.68 20.37
PA GDP R . -74.56 -43.78 19.89
O1A GDP R . -74.92 -45.15 20.32
O2A GDP R . -73.23 -43.42 20.53
O5' GDP R . -74.58 -43.52 18.29
C5' GDP R . -75.05 -44.46 17.31
C4' GDP R . -73.86 -44.94 16.51
O4' GDP R . -72.79 -45.29 17.43
C3' GDP R . -74.09 -46.17 15.63
O3' GDP R . -73.59 -45.98 14.31
C2' GDP R . -73.43 -47.30 16.43
O2' GDP R . -72.99 -48.39 15.61
C1' GDP R . -72.28 -46.56 17.09
N9 GDP R . -71.76 -47.18 18.31
C8 GDP R . -72.36 -47.21 19.54
N7 GDP R . -71.61 -47.69 20.48
C5 GDP R . -70.42 -48.00 19.84
C6 GDP R . -69.16 -48.50 20.36
O6 GDP R . -68.89 -48.75 21.53
N1 GDP R . -68.23 -48.67 19.35
C2 GDP R . -68.43 -48.40 18.03
N2 GDP R . -67.45 -48.75 17.19
N3 GDP R . -69.56 -47.89 17.54
C4 GDP R . -70.51 -47.72 18.49
MG MG S . -77.55 -46.59 16.95
MG MG T . -77.38 -45.73 20.24
C36 6YK U . -78.91 -55.51 9.66
C35 6YK U . -78.33 -56.90 9.45
C33 6YK U . -76.91 -55.75 10.94
C37 6YK U . -78.64 -53.96 11.54
C34 6YK U . -77.50 -57.14 10.71
C32 6YK U . -76.45 -55.51 12.47
O7 6YK U . -75.69 -54.59 12.73
N6 6YK U . -77.99 -54.81 10.55
C38 6YK U . -75.62 -55.54 10.14
N5 6YK U . -76.96 -56.33 13.41
C5 6YK U . -76.81 -56.08 14.84
C6 6YK U . -75.33 -56.30 15.20
O1 6YK U . -74.82 -57.36 14.92
C3 6YK U . -77.72 -57.00 15.68
C2 6YK U . -79.17 -56.98 15.18
C4 6YK U . -77.65 -56.66 17.17
C1 6YK U . -79.64 -58.31 14.60
N1 6YK U . -74.62 -55.30 15.80
C7 6YK U . -75.18 -53.99 16.14
C8 6YK U . -73.22 -55.60 16.23
C29 6YK U . -72.12 -55.15 15.26
C30 6YK U . -71.11 -54.14 15.79
C31 6YK U . -72.55 -54.81 13.83
C9 6YK U . -72.98 -55.17 17.69
C10 6YK U . -73.61 -56.18 18.62
O5 6YK U . -72.93 -57.46 18.37
C27 6YK U . -73.70 -58.53 17.96
O6 6YK U . -74.86 -58.45 17.68
C28 6YK U . -72.88 -59.77 17.91
C11 6YK U . -73.32 -55.76 20.05
N2 6YK U . -72.17 -55.93 20.64
C12 6YK U . -72.26 -55.59 21.98
C14 6YK U . -71.09 -55.76 22.87
O2 6YK U . -69.96 -55.86 22.39
C13 6YK U . -73.48 -55.17 22.39
S1 6YK U . -74.57 -55.15 21.07
N3 6YK U . -71.33 -55.66 24.18
C20 6YK U . -71.71 -50.84 23.25
C21 6YK U . -72.70 -51.50 24.00
C18 6YK U . -70.05 -52.26 24.31
C16 6YK U . -70.67 -54.08 25.93
C19 6YK U . -70.38 -51.24 23.43
C26 6YK U . -68.27 -57.56 24.23
C15 6YK U . -70.27 -55.32 25.13
C17 6YK U . -71.03 -52.91 25.05
C22 6YK U . -72.36 -52.52 24.88
N4 6YK U . -72.02 -49.81 22.41
C23 6YK U . -69.86 -56.47 26.04
C24 6YK U . -69.33 -57.76 25.35
C25 6YK U . -68.72 -58.70 26.39
O3 6YK U . -68.23 -58.22 23.21
O4 6YK U . -67.41 -56.60 24.51
CA CA V . 30.16 49.74 -5.85
PB ADP W . 37.80 24.91 -51.86
O1B ADP W . 37.92 25.35 -50.38
O2B ADP W . 38.05 23.42 -52.07
O3B ADP W . 36.38 25.33 -52.30
PA ADP W . 40.30 25.69 -53.28
O1A ADP W . 40.85 24.30 -52.86
O2A ADP W . 41.15 26.77 -52.73
O3A ADP W . 38.81 25.82 -52.72
O5' ADP W . 40.41 25.76 -54.89
C5' ADP W . 39.81 24.80 -55.80
C4' ADP W . 40.68 24.60 -57.02
O4' ADP W . 41.07 25.87 -57.57
C3' ADP W . 41.98 23.84 -56.80
O3' ADP W . 41.76 22.45 -56.76
C2' ADP W . 42.83 24.32 -57.98
O2' ADP W . 42.62 23.59 -59.19
C1' ADP W . 42.35 25.76 -58.17
N9 ADP W . 43.23 26.78 -57.60
C8 ADP W . 43.06 27.46 -56.43
N7 ADP W . 43.93 28.42 -56.24
C5 ADP W . 44.75 28.36 -57.35
C6 ADP W . 45.86 29.12 -57.77
N6 ADP W . 46.38 30.12 -57.06
N1 ADP W . 46.43 28.81 -58.96
C2 ADP W . 45.93 27.78 -59.66
N3 ADP W . 44.90 26.99 -59.37
C4 ADP W . 44.34 27.33 -58.20
#